data_7D99
#
_entry.id   7D99
#
_cell.length_a   1.00
_cell.length_b   1.00
_cell.length_c   1.00
_cell.angle_alpha   90.00
_cell.angle_beta   90.00
_cell.angle_gamma   90.00
#
_symmetry.space_group_name_H-M   'P 1'
#
loop_
_entity.id
_entity.type
_entity.pdbx_description
1 polymer 'potassium-chloride co-transporter KCC4'
2 branched 2-acetamido-2-deoxy-beta-D-glucopyranose-(1-4)-2-acetamido-2-deoxy-beta-D-glucopyranose
3 non-polymer 'POTASSIUM ION'
4 non-polymer 'CHLORIDE ION'
#
_entity_poly.entity_id   1
_entity_poly.type   'polypeptide(L)'
_entity_poly.pdbx_seq_one_letter_code
;MDYKDDDDKHHHHHHENLYFQGMPTNFTVVPVEAHADGGGDETAERTEAPGTPEGPEPERPSPGDGNPRENSPFLNNVEV
EQESFFEGKNMALFEEEMDSNPMVSSLLNKLANYTNLSQGVVEHEEDEESRRREAKAPRMGTFIGVYLPCLQNILGVILF
LRLTWIVGVAGVLESFLIVAMCCTCTMLTAISMSAIATNGVVPAGGSYYMISRSLGPEFGGAVGLCFYLGTTFAGAMYIL
GTIEIFLTYISPGAAIFQAEAAGGEAAAMLHNMRVYGTCTLVLMALVVFVGVKYVNKLALVFLACVVLSILAIYAGVIKS
AFDPPDIPVCLLGNRTLSRRSFDACVKAYGIHNNSATSALWGLFCNGSQPSAACDEYFIQNNVTEIQGIPGAASGVFLEN
LWSTYAHAGAFVEKKGVPSVPVAEESRASALPYVLTDIAASFTLLVGIYFPSVTGIMAGSNRSGDLKDAQKSIPTGTILA
IVTTSFIYLSCIVLFGACIEGVVLRDKFGEALQGNLVIGMLAWPSPWVIVIGSFFSTCGAGLQSLTGAPRLLQAIARDGI
VPFLQVFGHGKANGEPTWALLLTVLICETGILIASLDSVAPILSMFFLMCYLFVNLACAVQTLLRTPNWRPRFKFYHWTL
SFLGMSLCLALMFICSWYYALSAMLIAGCIYKYIEYRGAEKEWGDGIRGLSLNAARYALLRVEHGPPHTKNWRPQVLVML
NLDAEQAVKHPRLLSFTSQLKAGKGLTIVGSVLEGTYLDKHMEAQRAEENIRSLMSTEKTKGFCQLVVSSSLRDGMSHLI
QSAGLGGLKHNTVLMAWPASWKQEDNPFSWKNFVDTVRDTTAAHQALLVAKNVDSFPQNQERFGGGHIDVWWIVHDGGML
MLLPFLLRQHKVWRKCRMRIFTVAQVDDNSIQMKKDLQMFLYHLRISAEVEVVEMVENDISAFTYERTLMMEQRSQMLKQ
MQLSKNEQEREAQLIHDRNTASHTAAAARTQAPPTPDKVQMTWTREKLIAEKYRSRDTSLSGFKDLFSMKPDQSNVRRMH
TAVKLNGVVLNKSQDAQLVLLNMPGPPKNRQGDENYMEFLEVLTEGLNRVLLVRGGGREVITIYSWSHPQFEK
;
_entity_poly.pdbx_strand_id   A,B
#
loop_
_chem_comp.id
_chem_comp.type
_chem_comp.name
_chem_comp.formula
CL non-polymer 'CHLORIDE ION' 'Cl -1'
K non-polymer 'POTASSIUM ION' 'K 1'
NAG D-saccharide, beta linking 2-acetamido-2-deoxy-beta-D-glucopyranose 'C8 H15 N O6'
#
# COMPACT_ATOMS: atom_id res chain seq x y z
N VAL A 104 3.24 39.14 40.19
CA VAL A 104 3.97 39.80 39.11
C VAL A 104 5.40 39.28 39.12
N SER A 105 5.90 39.02 40.33
CA SER A 105 7.25 38.46 40.47
C SER A 105 7.30 37.01 39.99
N SER A 106 6.16 36.31 40.03
CA SER A 106 6.11 34.98 39.44
C SER A 106 5.85 35.06 37.94
N LEU A 107 5.30 36.17 37.46
CA LEU A 107 5.02 36.30 36.03
C LEU A 107 6.22 36.88 35.28
N LEU A 108 7.29 37.21 35.99
CA LEU A 108 8.45 37.78 35.33
C LEU A 108 9.42 36.69 34.87
N ASN A 109 9.64 35.68 35.71
CA ASN A 109 10.58 34.62 35.34
C ASN A 109 9.92 33.58 34.43
N LYS A 110 8.60 33.63 34.29
CA LYS A 110 7.93 32.77 33.32
C LYS A 110 8.13 33.29 31.91
N LEU A 111 8.01 34.60 31.71
CA LEU A 111 8.20 35.17 30.39
C LEU A 111 9.67 35.20 29.98
N ALA A 112 10.56 35.09 30.97
CA ALA A 112 11.98 34.93 30.67
C ALA A 112 12.27 33.49 30.32
N ASN A 113 11.35 32.59 30.68
CA ASN A 113 11.53 31.16 30.40
C ASN A 113 10.88 30.79 29.07
N TYR A 114 10.17 31.73 28.44
CA TYR A 114 9.45 31.41 27.21
C TYR A 114 10.40 31.30 26.02
N THR A 115 10.19 30.27 25.20
CA THR A 115 10.96 30.04 23.99
C THR A 115 10.17 29.21 22.99
N ASN A 116 10.29 29.57 21.72
CA ASN A 116 9.67 28.84 20.62
C ASN A 116 10.71 27.96 19.94
N LEU A 117 11.13 26.91 20.63
CA LEU A 117 12.09 25.98 20.04
C LEU A 117 11.68 24.57 20.38
N SER A 118 12.10 23.64 19.53
CA SER A 118 11.93 22.22 19.78
C SER A 118 13.11 21.71 20.56
N GLN A 119 12.81 20.88 21.56
CA GLN A 119 13.85 20.17 22.28
C GLN A 119 14.41 19.09 21.39
N GLY A 120 15.65 19.23 20.98
CA GLY A 120 16.21 18.30 20.03
C GLY A 120 16.75 17.04 20.66
N VAL A 121 17.98 16.69 20.27
CA VAL A 121 18.58 15.43 20.72
C VAL A 121 19.32 15.60 22.06
N VAL A 122 19.69 16.82 22.44
CA VAL A 122 20.46 17.00 23.66
C VAL A 122 19.55 16.91 24.89
N GLU A 123 18.25 17.11 24.71
CA GLU A 123 17.33 16.94 25.83
C GLU A 123 16.86 15.49 25.94
N HIS A 124 17.18 14.68 24.94
CA HIS A 124 16.78 13.27 24.98
C HIS A 124 17.89 12.40 25.52
N GLU A 125 19.15 12.83 25.35
CA GLU A 125 20.27 12.07 25.87
C GLU A 125 20.39 12.22 27.38
N GLU A 126 20.18 13.44 27.89
CA GLU A 126 20.34 13.67 29.32
C GLU A 126 19.17 13.08 30.11
N ASP A 127 18.04 12.84 29.43
CA ASP A 127 16.88 12.24 30.06
C ASP A 127 17.09 10.74 30.28
N PRO A 138 12.40 26.05 35.80
CA PRO A 138 11.21 25.42 36.36
C PRO A 138 10.34 24.75 35.31
N ARG A 139 9.31 24.04 35.77
CA ARG A 139 8.39 23.37 34.85
C ARG A 139 7.33 24.32 34.35
N MET A 140 6.94 24.16 33.09
CA MET A 140 6.02 25.06 32.43
C MET A 140 4.59 24.60 32.60
N GLY A 141 3.65 25.49 32.32
CA GLY A 141 2.24 25.15 32.35
C GLY A 141 1.68 24.87 30.97
N THR A 142 0.35 24.89 30.88
CA THR A 142 -0.31 24.67 29.61
C THR A 142 -0.26 25.92 28.74
N PHE A 143 -0.33 27.08 29.36
CA PHE A 143 -0.42 28.34 28.63
C PHE A 143 0.90 28.74 27.99
N ILE A 144 1.99 28.73 28.77
CA ILE A 144 3.29 29.11 28.24
C ILE A 144 4.01 27.94 27.60
N GLY A 145 3.80 26.74 28.10
CA GLY A 145 4.50 25.59 27.57
C GLY A 145 3.98 25.03 26.27
N VAL A 146 2.67 25.03 26.08
CA VAL A 146 2.04 24.38 24.93
C VAL A 146 1.29 25.37 24.06
N TYR A 147 0.50 26.26 24.69
CA TYR A 147 -0.46 27.07 23.96
C TYR A 147 0.23 28.15 23.12
N LEU A 148 1.03 28.98 23.76
CA LEU A 148 1.78 30.03 23.07
C LEU A 148 2.81 29.57 22.03
N PRO A 149 3.57 28.49 22.19
CA PRO A 149 4.40 28.05 21.05
C PRO A 149 3.58 27.50 19.90
N CYS A 150 2.41 26.94 20.18
CA CYS A 150 1.59 26.40 19.09
C CYS A 150 0.87 27.51 18.35
N LEU A 151 0.49 28.57 19.06
CA LEU A 151 -0.21 29.68 18.42
C LEU A 151 0.75 30.56 17.64
N GLN A 152 2.02 30.60 18.04
CA GLN A 152 2.98 31.43 17.33
C GLN A 152 3.36 30.81 16.00
N ASN A 153 3.44 29.48 15.94
CA ASN A 153 3.80 28.81 14.70
C ASN A 153 2.63 28.61 13.76
N ILE A 154 1.41 28.99 14.14
CA ILE A 154 0.29 28.92 13.22
C ILE A 154 0.03 30.26 12.55
N LEU A 155 -0.12 31.33 13.33
CA LEU A 155 -0.40 32.65 12.77
C LEU A 155 0.83 33.19 12.06
N GLY A 156 0.75 33.30 10.75
CA GLY A 156 1.92 33.56 9.92
C GLY A 156 1.67 34.54 8.81
N VAL A 157 2.13 34.18 7.60
CA VAL A 157 2.31 35.17 6.56
C VAL A 157 1.14 35.13 5.57
N ILE A 158 0.35 34.07 5.59
CA ILE A 158 -0.77 33.98 4.66
C ILE A 158 -1.91 34.88 5.11
N LEU A 159 -2.02 35.13 6.42
CA LEU A 159 -3.03 36.04 6.94
C LEU A 159 -2.79 37.46 6.43
N PHE A 160 -1.54 37.87 6.32
CA PHE A 160 -1.26 39.27 6.04
C PHE A 160 -1.08 39.54 4.55
N LEU A 161 -0.57 38.57 3.80
CA LEU A 161 -0.29 38.84 2.40
C LEU A 161 -1.38 38.33 1.48
N ARG A 162 -1.92 37.15 1.75
CA ARG A 162 -2.74 36.46 0.76
C ARG A 162 -4.16 36.19 1.20
N LEU A 163 -4.58 36.59 2.40
CA LEU A 163 -5.92 36.20 2.83
C LEU A 163 -6.98 37.10 2.22
N THR A 164 -6.68 38.39 2.05
CA THR A 164 -7.64 39.29 1.42
C THR A 164 -7.80 38.99 -0.06
N TRP A 165 -6.76 38.42 -0.67
CA TRP A 165 -6.86 38.06 -2.08
C TRP A 165 -7.67 36.79 -2.27
N ILE A 166 -7.64 35.88 -1.29
CA ILE A 166 -8.46 34.67 -1.38
C ILE A 166 -9.93 35.01 -1.19
N VAL A 167 -10.25 35.95 -0.30
CA VAL A 167 -11.64 36.35 -0.08
C VAL A 167 -12.16 37.11 -1.29
N GLY A 168 -11.31 37.86 -1.97
CA GLY A 168 -11.74 38.56 -3.15
C GLY A 168 -12.02 37.64 -4.32
N VAL A 169 -11.08 36.73 -4.60
CA VAL A 169 -11.19 35.88 -5.77
C VAL A 169 -12.26 34.82 -5.58
N ALA A 170 -12.26 34.14 -4.44
CA ALA A 170 -13.17 33.03 -4.21
C ALA A 170 -14.49 33.44 -3.60
N GLY A 171 -14.64 34.70 -3.18
CA GLY A 171 -15.86 35.11 -2.52
C GLY A 171 -15.90 34.66 -1.08
N VAL A 172 -16.95 35.06 -0.39
CA VAL A 172 -17.10 34.72 1.02
C VAL A 172 -17.55 33.27 1.21
N LEU A 173 -18.38 32.74 0.31
CA LEU A 173 -18.93 31.40 0.52
C LEU A 173 -17.91 30.31 0.26
N GLU A 174 -17.16 30.40 -0.84
CA GLU A 174 -16.19 29.34 -1.12
C GLU A 174 -14.97 29.44 -0.22
N SER A 175 -14.59 30.64 0.20
CA SER A 175 -13.44 30.76 1.09
C SER A 175 -13.82 30.42 2.51
N PHE A 176 -15.12 30.40 2.82
CA PHE A 176 -15.55 29.81 4.08
C PHE A 176 -15.42 28.29 4.03
N LEU A 177 -15.54 27.72 2.84
CA LEU A 177 -15.42 26.27 2.69
C LEU A 177 -13.96 25.84 2.69
N ILE A 178 -13.06 26.70 2.23
CA ILE A 178 -11.64 26.37 2.21
C ILE A 178 -11.10 26.31 3.64
N VAL A 179 -11.53 27.23 4.49
CA VAL A 179 -11.04 27.26 5.85
C VAL A 179 -11.71 26.16 6.69
N ALA A 180 -12.93 25.80 6.34
CA ALA A 180 -13.62 24.75 7.08
C ALA A 180 -13.02 23.37 6.78
N MET A 181 -12.44 23.19 5.59
CA MET A 181 -11.81 21.92 5.25
C MET A 181 -10.41 21.83 5.81
N CYS A 182 -9.67 22.94 5.79
CA CYS A 182 -8.28 22.92 6.20
C CYS A 182 -8.14 22.92 7.71
N CYS A 183 -9.11 23.51 8.41
CA CYS A 183 -9.06 23.51 9.87
C CYS A 183 -9.65 22.24 10.45
N THR A 184 -10.30 21.42 9.61
CA THR A 184 -10.81 20.14 10.09
C THR A 184 -9.76 19.04 9.93
N CYS A 185 -8.92 19.15 8.90
CA CYS A 185 -7.80 18.25 8.73
C CYS A 185 -6.78 18.41 9.85
N THR A 186 -6.65 19.61 10.41
CA THR A 186 -5.70 19.81 11.50
C THR A 186 -6.36 19.63 12.86
N MET A 187 -7.68 19.63 12.90
CA MET A 187 -8.36 19.34 14.16
C MET A 187 -8.44 17.84 14.40
N LEU A 188 -8.68 17.06 13.35
CA LEU A 188 -8.71 15.61 13.50
C LEU A 188 -7.32 15.03 13.62
N THR A 189 -6.29 15.80 13.28
CA THR A 189 -4.91 15.36 13.46
C THR A 189 -4.44 15.68 14.88
N ALA A 190 -4.97 16.75 15.47
CA ALA A 190 -4.61 17.10 16.84
C ALA A 190 -5.28 16.18 17.84
N ILE A 191 -6.27 15.41 17.41
CA ILE A 191 -6.85 14.37 18.27
C ILE A 191 -6.02 13.09 18.17
N SER A 192 -5.43 12.83 17.00
CA SER A 192 -4.51 11.71 16.87
C SER A 192 -3.18 11.99 17.55
N MET A 193 -2.76 13.26 17.58
CA MET A 193 -1.59 13.62 18.37
C MET A 193 -1.90 13.62 19.85
N SER A 194 -3.18 13.73 20.21
CA SER A 194 -3.57 13.68 21.60
C SER A 194 -3.64 12.25 22.11
N ALA A 195 -3.83 11.29 21.20
CA ALA A 195 -3.77 9.89 21.60
C ALA A 195 -2.33 9.45 21.79
N ILE A 196 -1.41 10.01 21.02
CA ILE A 196 0.00 9.69 21.18
C ILE A 196 0.54 10.32 22.46
N ALA A 197 0.04 11.50 22.81
CA ALA A 197 0.56 12.21 23.97
C ALA A 197 0.01 11.66 25.27
N THR A 198 -1.06 10.86 25.22
CA THR A 198 -1.56 10.29 26.46
C THR A 198 -1.10 8.85 26.63
N ASN A 199 -0.64 8.22 25.56
CA ASN A 199 -0.07 6.89 25.67
C ASN A 199 1.31 6.96 26.30
N GLY A 200 1.52 6.17 27.34
CA GLY A 200 2.87 5.98 27.84
C GLY A 200 3.36 7.10 28.74
N VAL A 201 4.62 7.48 28.51
CA VAL A 201 5.39 8.26 29.48
C VAL A 201 5.66 9.70 28.98
N VAL A 202 5.40 9.97 27.70
CA VAL A 202 5.76 11.21 26.99
C VAL A 202 7.26 11.47 27.13
N PRO A 203 8.07 10.82 26.31
CA PRO A 203 9.52 10.99 26.41
C PRO A 203 9.96 12.41 26.10
N ALA A 204 11.04 12.83 26.74
CA ALA A 204 11.54 14.19 26.61
C ALA A 204 12.16 14.40 25.24
N GLY A 205 12.01 15.61 24.75
CA GLY A 205 12.67 16.00 23.52
C GLY A 205 11.77 15.96 22.32
N GLY A 206 11.23 17.11 21.93
CA GLY A 206 10.52 17.29 20.69
C GLY A 206 9.28 16.44 20.47
N SER A 207 8.74 16.60 19.26
CA SER A 207 7.63 15.78 18.77
C SER A 207 8.08 14.58 17.98
N TYR A 208 9.36 14.52 17.57
CA TYR A 208 9.85 13.36 16.87
C TYR A 208 9.99 12.16 17.80
N TYR A 209 10.51 12.38 19.00
CA TYR A 209 10.67 11.27 19.93
C TYR A 209 9.33 10.88 20.55
N MET A 210 8.35 11.77 20.50
CA MET A 210 7.06 11.44 21.06
C MET A 210 6.27 10.55 20.12
N ILE A 211 6.44 10.76 18.80
CA ILE A 211 5.74 9.97 17.81
C ILE A 211 6.43 8.63 17.59
N SER A 212 7.76 8.63 17.50
CA SER A 212 8.46 7.43 17.06
C SER A 212 8.57 6.38 18.15
N ARG A 213 8.27 6.74 19.40
CA ARG A 213 8.26 5.72 20.44
C ARG A 213 6.88 5.08 20.58
N SER A 214 5.85 5.72 20.04
CA SER A 214 4.52 5.14 20.08
C SER A 214 4.20 4.39 18.79
N LEU A 215 4.67 4.90 17.66
CA LEU A 215 4.32 4.33 16.36
C LEU A 215 5.43 3.51 15.74
N GLY A 216 6.57 3.36 16.40
CA GLY A 216 7.63 2.55 15.88
C GLY A 216 8.58 3.32 14.99
N PRO A 217 9.72 2.72 14.65
CA PRO A 217 10.73 3.47 13.89
C PRO A 217 10.42 3.58 12.41
N GLU A 218 9.48 2.80 11.90
CA GLU A 218 9.16 2.89 10.48
C GLU A 218 8.21 4.05 10.20
N PHE A 219 7.14 4.17 10.98
CA PHE A 219 6.29 5.34 10.91
C PHE A 219 6.94 6.59 11.47
N GLY A 220 7.81 6.44 12.46
CA GLY A 220 8.49 7.59 13.04
C GLY A 220 9.47 8.25 12.09
N GLY A 221 10.15 7.46 11.27
CA GLY A 221 11.13 8.03 10.35
C GLY A 221 10.51 8.57 9.08
N ALA A 222 9.36 8.01 8.70
CA ALA A 222 8.67 8.51 7.51
C ALA A 222 7.93 9.81 7.80
N VAL A 223 7.39 9.95 9.01
CA VAL A 223 6.83 11.22 9.43
C VAL A 223 7.92 12.26 9.62
N GLY A 224 9.05 11.85 10.20
CA GLY A 224 10.09 12.81 10.56
C GLY A 224 10.80 13.41 9.37
N LEU A 225 10.92 12.65 8.28
CA LEU A 225 11.58 13.19 7.10
C LEU A 225 10.62 13.98 6.22
N CYS A 226 9.31 13.71 6.33
CA CYS A 226 8.36 14.57 5.63
C CYS A 226 8.10 15.85 6.42
N PHE A 227 8.28 15.80 7.73
CA PHE A 227 8.16 17.00 8.54
C PHE A 227 9.43 17.83 8.49
N TYR A 228 10.56 17.19 8.17
CA TYR A 228 11.78 17.95 7.91
C TYR A 228 11.70 18.67 6.58
N LEU A 229 11.20 18.01 5.53
CA LEU A 229 11.13 18.64 4.22
C LEU A 229 10.06 19.72 4.17
N GLY A 230 9.02 19.60 4.98
CA GLY A 230 8.02 20.64 5.02
C GLY A 230 8.47 21.85 5.79
N THR A 231 9.36 21.65 6.77
CA THR A 231 9.87 22.77 7.55
C THR A 231 10.92 23.55 6.76
N THR A 232 11.62 22.86 5.86
CA THR A 232 12.66 23.51 5.07
C THR A 232 12.05 24.40 4.00
N PHE A 233 11.02 23.91 3.29
CA PHE A 233 10.32 24.77 2.34
C PHE A 233 9.43 25.79 3.03
N ALA A 234 9.15 25.62 4.32
CA ALA A 234 8.50 26.70 5.06
C ALA A 234 9.45 27.87 5.26
N GLY A 235 10.73 27.59 5.43
CA GLY A 235 11.69 28.67 5.55
C GLY A 235 11.94 29.36 4.22
N ALA A 236 11.63 28.69 3.11
CA ALA A 236 11.74 29.33 1.81
C ALA A 236 10.55 30.21 1.52
N MET A 237 9.40 29.89 2.10
CA MET A 237 8.23 30.73 1.89
C MET A 237 8.29 31.97 2.76
N TYR A 238 8.93 31.86 3.93
CA TYR A 238 9.03 32.99 4.84
C TYR A 238 10.08 33.98 4.39
N ILE A 239 11.08 33.51 3.65
CA ILE A 239 12.09 34.43 3.10
C ILE A 239 11.56 35.11 1.86
N LEU A 240 10.83 34.38 1.01
CA LEU A 240 10.18 35.02 -0.14
C LEU A 240 9.04 35.92 0.31
N GLY A 241 8.50 35.71 1.49
CA GLY A 241 7.46 36.58 1.98
C GLY A 241 8.00 37.89 2.51
N THR A 242 9.18 37.86 3.12
CA THR A 242 9.72 39.07 3.74
C THR A 242 10.48 39.91 2.74
N ILE A 243 10.78 39.36 1.56
CA ILE A 243 11.29 40.17 0.46
C ILE A 243 10.15 40.86 -0.26
N GLU A 244 9.01 40.18 -0.36
CA GLU A 244 7.83 40.75 -1.00
C GLU A 244 7.27 41.93 -0.21
N ILE A 245 7.35 41.87 1.11
CA ILE A 245 6.93 43.01 1.93
C ILE A 245 7.89 44.17 1.75
N PHE A 246 9.18 43.86 1.60
CA PHE A 246 10.19 44.91 1.50
C PHE A 246 10.12 45.61 0.15
N LEU A 247 9.98 44.85 -0.93
CA LEU A 247 10.11 45.45 -2.26
C LEU A 247 8.79 46.03 -2.74
N THR A 248 7.70 45.78 -2.03
CA THR A 248 6.43 46.32 -2.49
C THR A 248 5.96 47.45 -1.59
N TYR A 249 6.14 47.32 -0.27
CA TYR A 249 5.49 48.21 0.65
C TYR A 249 6.43 49.11 1.46
N ILE A 250 7.68 48.71 1.67
CA ILE A 250 8.61 49.51 2.47
C ILE A 250 9.46 50.42 1.59
N SER A 251 10.18 49.86 0.62
CA SER A 251 10.98 50.66 -0.31
C SER A 251 10.91 50.02 -1.68
N PRO A 252 9.91 50.39 -2.48
CA PRO A 252 9.80 49.81 -3.83
C PRO A 252 10.85 50.34 -4.79
N GLY A 253 11.50 51.45 -4.45
CA GLY A 253 12.54 51.99 -5.33
C GLY A 253 13.88 51.30 -5.16
N ALA A 254 14.04 50.57 -4.06
CA ALA A 254 15.30 49.89 -3.77
C ALA A 254 15.28 48.50 -4.37
N ALA A 255 15.29 48.43 -5.70
CA ALA A 255 15.29 47.15 -6.40
C ALA A 255 16.35 47.21 -7.49
N ILE A 256 17.10 46.12 -7.62
CA ILE A 256 18.23 46.10 -8.55
C ILE A 256 17.75 46.01 -9.99
N PHE A 257 16.97 45.00 -10.31
CA PHE A 257 16.57 44.73 -11.69
C PHE A 257 15.25 45.42 -11.96
N GLN A 258 15.31 46.60 -12.55
CA GLN A 258 14.14 47.38 -12.88
C GLN A 258 13.71 47.05 -14.31
N ALA A 259 12.39 47.06 -14.53
CA ALA A 259 11.82 46.75 -15.83
C ALA A 259 12.21 47.82 -16.84
N GLU A 260 12.84 47.40 -17.94
CA GLU A 260 13.34 48.36 -18.93
C GLU A 260 12.21 48.92 -19.77
N ALA A 261 11.09 48.20 -19.84
CA ALA A 261 9.94 48.60 -20.64
C ALA A 261 8.67 48.31 -19.87
N ALA A 262 7.54 48.34 -20.58
CA ALA A 262 6.24 48.24 -19.93
C ALA A 262 5.90 46.81 -19.53
N GLY A 263 6.26 45.83 -20.34
CA GLY A 263 5.91 44.43 -20.07
C GLY A 263 6.99 43.69 -19.28
N GLY A 264 7.89 44.41 -18.62
CA GLY A 264 8.95 43.75 -17.89
C GLY A 264 8.70 43.56 -16.41
N GLU A 265 7.51 43.94 -15.92
CA GLU A 265 7.27 43.92 -14.49
C GLU A 265 7.10 42.51 -13.95
N ALA A 266 6.59 41.59 -14.78
CA ALA A 266 6.38 40.22 -14.32
C ALA A 266 7.69 39.42 -14.37
N ALA A 267 8.61 39.84 -15.24
CA ALA A 267 9.85 39.09 -15.38
C ALA A 267 10.93 39.62 -14.44
N ALA A 268 10.98 40.93 -14.23
CA ALA A 268 12.06 41.50 -13.44
C ALA A 268 11.82 41.30 -11.95
N MET A 269 10.58 41.00 -11.56
CA MET A 269 10.32 40.77 -10.14
C MET A 269 10.83 39.42 -9.71
N LEU A 270 10.90 38.46 -10.62
CA LEU A 270 11.50 37.16 -10.29
C LEU A 270 13.00 37.29 -10.08
N HIS A 271 13.63 38.24 -10.77
CA HIS A 271 15.07 38.39 -10.61
C HIS A 271 15.41 39.09 -9.31
N ASN A 272 14.50 39.91 -8.79
CA ASN A 272 14.74 40.52 -7.49
C ASN A 272 14.51 39.53 -6.36
N MET A 273 13.66 38.53 -6.60
CA MET A 273 13.42 37.51 -5.58
C MET A 273 14.60 36.57 -5.44
N ARG A 274 15.23 36.21 -6.56
CA ARG A 274 16.31 35.24 -6.52
C ARG A 274 17.60 35.86 -6.01
N VAL A 275 17.79 37.16 -6.25
CA VAL A 275 18.99 37.83 -5.76
C VAL A 275 18.87 38.15 -4.29
N TYR A 276 17.77 38.78 -3.89
CA TYR A 276 17.60 39.15 -2.49
C TYR A 276 17.30 37.94 -1.62
N GLY A 277 16.66 36.91 -2.19
CA GLY A 277 16.35 35.73 -1.41
C GLY A 277 17.56 34.89 -1.10
N THR A 278 18.49 34.80 -2.06
CA THR A 278 19.72 34.04 -1.81
C THR A 278 20.63 34.79 -0.83
N CYS A 279 20.64 36.12 -0.91
CA CYS A 279 21.46 36.89 0.01
C CYS A 279 20.84 36.94 1.41
N THR A 280 19.52 36.76 1.49
CA THR A 280 18.89 36.71 2.80
C THR A 280 19.10 35.34 3.44
N LEU A 281 19.09 34.28 2.63
CA LEU A 281 19.22 32.92 3.16
C LEU A 281 20.62 32.66 3.70
N VAL A 282 21.65 33.18 3.03
CA VAL A 282 23.01 32.94 3.51
C VAL A 282 23.31 33.85 4.70
N LEU A 283 22.55 34.93 4.85
CA LEU A 283 22.73 35.78 6.01
C LEU A 283 21.91 35.27 7.18
N MET A 284 20.77 34.66 6.87
CA MET A 284 19.93 34.06 7.91
C MET A 284 20.62 32.86 8.54
N ALA A 285 21.40 32.12 7.74
CA ALA A 285 22.04 30.92 8.22
C ALA A 285 23.29 31.24 9.04
N LEU A 286 23.92 32.39 8.79
CA LEU A 286 25.07 32.77 9.60
C LEU A 286 24.64 33.24 10.98
N VAL A 287 23.46 33.86 11.08
CA VAL A 287 22.95 34.28 12.38
C VAL A 287 22.61 33.08 13.24
N VAL A 288 22.06 32.04 12.62
CA VAL A 288 21.70 30.81 13.35
C VAL A 288 22.96 30.07 13.78
N PHE A 289 24.01 30.11 12.95
CA PHE A 289 25.20 29.31 13.23
C PHE A 289 26.03 29.89 14.37
N VAL A 290 26.12 31.22 14.48
CA VAL A 290 26.98 31.82 15.50
C VAL A 290 26.20 32.50 16.62
N GLY A 291 24.94 32.86 16.40
CA GLY A 291 24.22 33.65 17.37
C GLY A 291 22.85 33.11 17.73
N VAL A 292 22.73 31.79 17.88
CA VAL A 292 21.41 31.19 18.07
C VAL A 292 20.87 31.51 19.45
N LYS A 293 21.75 31.86 20.40
CA LYS A 293 21.27 32.18 21.74
C LYS A 293 20.60 33.55 21.78
N TYR A 294 20.91 34.41 20.80
CA TYR A 294 20.26 35.71 20.73
C TYR A 294 18.97 35.62 19.93
N VAL A 295 18.83 34.57 19.13
CA VAL A 295 17.57 34.35 18.41
C VAL A 295 16.51 33.83 19.37
N ASN A 296 16.93 33.07 20.38
CA ASN A 296 15.98 32.46 21.29
C ASN A 296 15.46 33.47 22.31
N LYS A 297 16.24 34.53 22.54
CA LYS A 297 15.78 35.58 23.45
C LYS A 297 14.74 36.47 22.78
N LEU A 298 14.73 36.50 21.45
CA LEU A 298 13.74 37.28 20.70
C LEU A 298 12.46 36.51 20.43
N ALA A 299 12.20 35.42 21.13
CA ALA A 299 11.01 34.63 20.84
C ALA A 299 9.75 35.31 21.31
N LEU A 300 9.87 36.23 22.26
CA LEU A 300 8.70 36.92 22.79
C LEU A 300 8.41 38.18 21.99
N VAL A 301 9.43 38.73 21.32
CA VAL A 301 9.23 39.89 20.47
C VAL A 301 8.48 39.49 19.21
N PHE A 302 8.77 38.30 18.69
CA PHE A 302 8.11 37.82 17.48
C PHE A 302 6.66 37.45 17.75
N LEU A 303 6.35 37.07 18.99
CA LEU A 303 4.96 36.83 19.36
C LEU A 303 4.20 38.14 19.51
N ALA A 304 4.87 39.18 20.03
CA ALA A 304 4.20 40.46 20.23
C ALA A 304 3.97 41.18 18.93
N CYS A 305 4.78 40.90 17.90
CA CYS A 305 4.54 41.50 16.60
C CYS A 305 3.34 40.86 15.90
N VAL A 306 3.05 39.60 16.23
CA VAL A 306 1.85 38.95 15.68
C VAL A 306 0.61 39.47 16.39
N VAL A 307 0.64 39.50 17.73
CA VAL A 307 -0.56 39.80 18.51
C VAL A 307 -0.97 41.26 18.39
N LEU A 308 0.01 42.17 18.35
CA LEU A 308 -0.33 43.58 18.17
C LEU A 308 -0.82 43.86 16.75
N SER A 309 -0.45 43.02 15.79
CA SER A 309 -0.94 43.20 14.44
C SER A 309 -2.36 42.67 14.29
N ILE A 310 -2.70 41.60 15.00
CA ILE A 310 -4.06 41.08 14.96
C ILE A 310 -5.03 42.03 15.65
N LEU A 311 -4.60 42.62 16.76
CA LEU A 311 -5.47 43.56 17.49
C LEU A 311 -5.65 44.86 16.72
N ALA A 312 -4.68 45.22 15.87
CA ALA A 312 -4.83 46.43 15.08
C ALA A 312 -5.80 46.24 13.93
N ILE A 313 -6.04 44.99 13.53
CA ILE A 313 -7.04 44.73 12.50
C ILE A 313 -8.44 44.83 13.07
N TYR A 314 -8.67 44.20 14.22
CA TYR A 314 -9.99 44.23 14.83
C TYR A 314 -10.31 45.59 15.41
N ALA A 315 -9.29 46.39 15.74
CA ALA A 315 -9.57 47.76 16.15
C ALA A 315 -9.99 48.60 14.95
N GLY A 316 -9.54 48.23 13.76
CA GLY A 316 -9.90 48.98 12.58
C GLY A 316 -11.26 48.59 12.02
N VAL A 317 -11.70 47.36 12.26
CA VAL A 317 -13.02 46.93 11.81
C VAL A 317 -14.11 47.58 12.65
N ILE A 318 -13.90 47.65 13.97
CA ILE A 318 -14.84 48.32 14.85
C ILE A 318 -14.90 49.82 14.56
N LYS A 319 -13.77 50.42 14.23
CA LYS A 319 -13.74 51.84 13.87
C LYS A 319 -14.36 52.08 12.51
N SER A 320 -14.40 51.05 11.66
CA SER A 320 -14.91 51.23 10.30
C SER A 320 -16.43 51.20 10.26
N ALA A 321 -17.07 50.75 11.34
CA ALA A 321 -18.52 50.78 11.40
C ALA A 321 -19.02 52.17 11.77
N PHE A 322 -18.32 52.84 12.69
CA PHE A 322 -18.74 54.17 13.12
C PHE A 322 -18.42 55.22 12.07
N ASP A 323 -17.17 55.27 11.62
CA ASP A 323 -16.81 56.13 10.50
C ASP A 323 -15.77 55.47 9.61
N PRO A 324 -16.09 55.24 8.34
CA PRO A 324 -15.12 54.62 7.46
C PRO A 324 -14.04 55.60 7.05
N PRO A 325 -12.83 55.13 6.77
CA PRO A 325 -11.76 56.04 6.34
C PRO A 325 -11.93 56.45 4.89
N ASP A 326 -11.18 57.46 4.46
CA ASP A 326 -11.33 58.04 3.13
C ASP A 326 -10.20 57.52 2.25
N ILE A 327 -10.47 56.45 1.53
CA ILE A 327 -9.54 55.92 0.55
C ILE A 327 -10.24 55.89 -0.81
N PRO A 328 -9.79 56.67 -1.78
CA PRO A 328 -10.41 56.63 -3.11
C PRO A 328 -9.79 55.59 -4.02
N VAL A 329 -10.66 54.93 -4.77
CA VAL A 329 -10.30 53.95 -5.79
C VAL A 329 -10.76 54.48 -7.13
N CYS A 330 -9.89 54.46 -8.12
CA CYS A 330 -10.12 55.18 -9.37
C CYS A 330 -10.57 54.21 -10.45
N LEU A 331 -11.77 54.41 -10.98
CA LEU A 331 -12.34 53.53 -11.99
C LEU A 331 -12.38 54.24 -13.33
N LEU A 332 -12.50 53.44 -14.39
CA LEU A 332 -12.76 53.95 -15.74
C LEU A 332 -13.58 52.88 -16.46
N GLY A 333 -14.90 53.02 -16.42
CA GLY A 333 -15.74 51.95 -16.91
C GLY A 333 -15.85 50.87 -15.87
N ASN A 334 -15.66 49.62 -16.28
CA ASN A 334 -15.57 48.54 -15.31
C ASN A 334 -14.17 48.37 -14.76
N ARG A 335 -13.15 48.47 -15.58
CA ARG A 335 -11.78 48.18 -15.23
C ARG A 335 -11.23 49.21 -14.25
N THR A 336 -10.25 48.77 -13.47
CA THR A 336 -9.65 49.56 -12.41
C THR A 336 -8.20 49.84 -12.77
N LEU A 337 -7.79 51.07 -12.56
CA LEU A 337 -6.47 51.53 -13.01
C LEU A 337 -5.61 51.90 -11.82
N SER A 338 -4.31 51.67 -11.98
CA SER A 338 -3.37 51.82 -10.88
C SER A 338 -3.08 53.28 -10.58
N ARG A 339 -2.86 53.56 -9.31
CA ARG A 339 -2.77 54.90 -8.76
C ARG A 339 -1.31 55.31 -8.53
N ARG A 340 -0.37 54.56 -9.09
CA ARG A 340 1.05 54.74 -8.77
C ARG A 340 1.60 56.06 -9.34
N SER A 341 1.35 56.32 -10.61
CA SER A 341 1.96 57.48 -11.26
C SER A 341 1.28 58.78 -10.86
N PHE A 342 -0.01 58.90 -11.12
CA PHE A 342 -0.70 60.16 -10.99
C PHE A 342 -1.27 60.33 -9.58
N ASP A 343 -2.09 61.37 -9.39
CA ASP A 343 -2.72 61.60 -8.09
C ASP A 343 -4.22 61.86 -8.18
N ALA A 344 -4.69 62.47 -9.26
CA ALA A 344 -6.05 62.98 -9.34
C ALA A 344 -6.85 62.24 -10.41
N CYS A 345 -8.11 61.92 -10.08
CA CYS A 345 -8.98 61.15 -10.97
C CYS A 345 -9.92 62.08 -11.73
N VAL A 346 -9.33 62.88 -12.61
CA VAL A 346 -10.09 63.70 -13.55
C VAL A 346 -9.43 63.57 -14.91
N LYS A 347 -10.22 63.70 -15.97
CA LYS A 347 -9.66 63.78 -17.31
C LYS A 347 -9.13 65.17 -17.64
N ALA A 348 -9.77 66.21 -17.14
CA ALA A 348 -9.32 67.58 -17.37
C ALA A 348 -9.81 68.46 -16.23
N TYR A 349 -9.13 69.59 -16.05
CA TYR A 349 -9.44 70.52 -14.98
C TYR A 349 -9.25 71.94 -15.52
N GLY A 350 -9.33 72.92 -14.62
CA GLY A 350 -9.15 74.29 -15.03
C GLY A 350 -8.10 75.05 -14.25
N ILE A 351 -7.02 75.46 -14.94
CA ILE A 351 -5.98 76.29 -14.35
C ILE A 351 -5.74 77.46 -15.29
N HIS A 352 -5.25 78.57 -14.71
CA HIS A 352 -4.83 79.85 -15.33
C HIS A 352 -5.67 80.28 -16.55
N ASN A 353 -7.00 80.20 -16.35
CA ASN A 353 -8.02 80.51 -17.36
C ASN A 353 -7.85 79.67 -18.62
N ASN A 354 -7.71 78.35 -18.43
CA ASN A 354 -7.48 77.44 -19.54
C ASN A 354 -7.94 76.04 -19.14
N SER A 355 -8.60 75.34 -20.06
CA SER A 355 -9.02 73.97 -19.80
C SER A 355 -7.81 73.04 -19.92
N ALA A 356 -7.16 72.76 -18.80
CA ALA A 356 -5.95 71.96 -18.79
C ALA A 356 -6.28 70.50 -18.48
N THR A 357 -5.41 69.61 -18.95
CA THR A 357 -5.58 68.18 -18.75
C THR A 357 -4.72 67.73 -17.58
N SER A 358 -5.15 66.67 -16.90
CA SER A 358 -4.43 66.17 -15.73
C SER A 358 -3.36 65.16 -16.17
N ALA A 359 -2.72 64.56 -15.16
CA ALA A 359 -1.68 63.56 -15.43
C ALA A 359 -2.27 62.20 -15.79
N LEU A 360 -3.56 61.98 -15.54
CA LEU A 360 -4.23 60.78 -16.03
C LEU A 360 -4.39 60.85 -17.55
N TRP A 361 -4.53 62.06 -18.08
CA TRP A 361 -4.62 62.26 -19.52
C TRP A 361 -3.32 61.88 -20.21
N GLY A 362 -2.19 62.09 -19.54
CA GLY A 362 -0.90 61.86 -20.18
C GLY A 362 -0.55 60.40 -20.32
N LEU A 363 -1.21 59.54 -19.54
CA LEU A 363 -0.88 58.12 -19.57
C LEU A 363 -1.65 57.36 -20.62
N PHE A 364 -2.87 57.81 -20.95
CA PHE A 364 -3.64 57.16 -22.00
C PHE A 364 -3.41 57.83 -23.34
N CYS A 365 -3.58 59.15 -23.39
CA CYS A 365 -3.39 59.88 -24.64
C CYS A 365 -1.92 60.00 -24.96
N ASN A 366 -1.61 60.23 -26.24
CA ASN A 366 -0.22 60.27 -26.68
C ASN A 366 0.48 61.52 -26.19
N GLY A 367 -0.07 62.69 -26.49
CA GLY A 367 0.53 63.93 -26.06
C GLY A 367 -0.25 64.59 -24.95
N SER A 368 0.35 65.60 -24.31
CA SER A 368 -0.36 66.34 -23.28
C SER A 368 -1.44 67.23 -23.88
N GLN A 369 -1.28 67.62 -25.14
CA GLN A 369 -2.29 68.42 -25.81
C GLN A 369 -3.53 67.57 -26.11
N PRO A 370 -4.73 68.16 -26.11
CA PRO A 370 -5.93 67.32 -26.24
C PRO A 370 -6.21 66.81 -27.64
N SER A 371 -5.70 67.48 -28.67
CA SER A 371 -6.18 67.19 -30.02
C SER A 371 -5.33 66.13 -30.71
N ALA A 372 -4.30 65.62 -30.04
CA ALA A 372 -3.29 64.81 -30.74
C ALA A 372 -3.80 63.40 -31.03
N ALA A 373 -3.96 62.59 -29.99
CA ALA A 373 -4.28 61.17 -30.11
C ALA A 373 -4.56 60.62 -28.73
N CYS A 374 -5.56 59.74 -28.64
CA CYS A 374 -5.92 59.14 -27.37
C CYS A 374 -6.33 57.69 -27.60
N ASP A 375 -6.53 56.97 -26.49
CA ASP A 375 -6.96 55.59 -26.55
C ASP A 375 -8.44 55.54 -26.91
N GLU A 376 -8.88 54.41 -27.46
CA GLU A 376 -10.28 54.31 -27.89
C GLU A 376 -11.20 54.03 -26.72
N TYR A 377 -10.77 53.19 -25.78
CA TYR A 377 -11.60 52.93 -24.61
C TYR A 377 -11.60 54.12 -23.66
N PHE A 378 -10.55 54.94 -23.68
CA PHE A 378 -10.45 56.09 -22.78
C PHE A 378 -11.44 57.18 -23.14
N ILE A 379 -11.75 57.34 -24.44
CA ILE A 379 -12.63 58.43 -24.87
C ILE A 379 -14.07 58.11 -24.52
N GLN A 380 -14.52 56.89 -24.81
CA GLN A 380 -15.93 56.57 -24.72
C GLN A 380 -16.41 56.36 -23.29
N ASN A 381 -15.51 56.28 -22.32
CA ASN A 381 -15.88 56.03 -20.93
C ASN A 381 -15.40 57.16 -20.05
N ASN A 382 -16.06 57.34 -18.91
CA ASN A 382 -15.73 58.42 -17.99
C ASN A 382 -15.16 57.89 -16.68
N VAL A 383 -14.43 58.75 -15.98
CA VAL A 383 -13.65 58.35 -14.81
C VAL A 383 -14.52 58.48 -13.56
N THR A 384 -14.75 57.35 -12.90
CA THR A 384 -15.56 57.28 -11.69
C THR A 384 -14.63 57.07 -10.50
N GLU A 385 -14.94 57.74 -9.39
CA GLU A 385 -14.14 57.65 -8.17
C GLU A 385 -15.02 57.13 -7.05
N ILE A 386 -14.73 55.92 -6.57
CA ILE A 386 -15.51 55.29 -5.51
C ILE A 386 -14.65 55.22 -4.25
N GLN A 387 -15.29 54.84 -3.15
CA GLN A 387 -14.61 54.66 -1.88
C GLN A 387 -14.14 53.21 -1.77
N GLY A 388 -12.91 53.01 -1.29
CA GLY A 388 -12.33 51.69 -1.29
C GLY A 388 -12.78 50.85 -0.11
N ILE A 389 -12.82 51.44 1.08
CA ILE A 389 -13.26 50.73 2.27
C ILE A 389 -14.52 51.42 2.75
N PRO A 390 -15.71 50.98 2.32
CA PRO A 390 -16.94 51.68 2.71
C PRO A 390 -17.39 51.38 4.11
N GLY A 391 -16.91 50.32 4.72
CA GLY A 391 -17.26 50.03 6.09
C GLY A 391 -18.18 48.84 6.24
N ALA A 392 -18.37 48.46 7.50
CA ALA A 392 -19.30 47.38 7.81
C ALA A 392 -20.74 47.89 7.81
N ALA A 393 -20.91 49.21 7.81
CA ALA A 393 -22.25 49.78 7.77
C ALA A 393 -22.88 49.62 6.39
N SER A 394 -22.09 49.81 5.34
CA SER A 394 -22.59 49.61 3.99
C SER A 394 -22.80 48.13 3.72
N GLY A 395 -23.69 47.84 2.78
CA GLY A 395 -24.02 46.47 2.46
C GLY A 395 -23.21 45.92 1.30
N VAL A 396 -21.89 45.88 1.46
CA VAL A 396 -21.07 45.27 0.41
C VAL A 396 -20.95 43.77 0.64
N PHE A 397 -21.42 43.28 1.79
CA PHE A 397 -21.32 41.86 2.10
C PHE A 397 -22.19 41.03 1.17
N LEU A 398 -23.28 41.60 0.68
CA LEU A 398 -24.11 40.89 -0.28
C LEU A 398 -23.50 40.93 -1.67
N GLU A 399 -22.59 41.86 -1.89
CA GLU A 399 -21.98 42.02 -3.21
C GLU A 399 -20.89 40.99 -3.44
N ASN A 400 -19.87 40.98 -2.58
CA ASN A 400 -18.70 40.14 -2.78
C ASN A 400 -18.91 38.82 -2.05
N LEU A 401 -19.90 38.06 -2.51
CA LEU A 401 -20.28 36.81 -1.88
C LEU A 401 -20.16 35.64 -2.85
N TRP A 402 -19.84 35.90 -4.11
CA TRP A 402 -19.68 34.87 -5.12
C TRP A 402 -18.33 35.01 -5.79
N SER A 403 -17.90 33.93 -6.44
CA SER A 403 -16.53 33.81 -6.91
C SER A 403 -16.31 34.60 -8.20
N THR A 404 -15.08 35.02 -8.43
CA THR A 404 -14.73 35.78 -9.62
C THR A 404 -13.43 35.26 -10.23
N TYR A 405 -13.35 33.96 -10.49
CA TYR A 405 -12.15 33.38 -11.07
C TYR A 405 -11.96 33.87 -12.50
N ALA A 406 -10.74 34.32 -12.81
CA ALA A 406 -10.42 34.86 -14.11
C ALA A 406 -9.11 34.27 -14.61
N HIS A 407 -8.77 34.58 -15.85
CA HIS A 407 -7.49 34.17 -16.40
C HIS A 407 -6.41 35.19 -16.06
N ALA A 408 -5.19 34.90 -16.50
CA ALA A 408 -4.08 35.82 -16.26
C ALA A 408 -4.15 36.98 -17.23
N GLY A 409 -3.84 38.17 -16.74
CA GLY A 409 -3.89 39.36 -17.55
C GLY A 409 -5.26 39.98 -17.69
N ALA A 410 -6.27 39.41 -17.05
CA ALA A 410 -7.61 39.97 -17.14
C ALA A 410 -7.74 41.22 -16.28
N PHE A 411 -8.79 41.99 -16.54
CA PHE A 411 -9.03 43.23 -15.81
C PHE A 411 -9.70 42.95 -14.48
N VAL A 412 -9.58 43.89 -13.57
CA VAL A 412 -10.25 43.80 -12.28
C VAL A 412 -11.45 44.73 -12.29
N GLU A 413 -12.60 44.16 -12.64
CA GLU A 413 -13.84 44.91 -12.84
C GLU A 413 -14.85 44.97 -11.71
N LYS A 414 -15.71 45.98 -11.78
CA LYS A 414 -16.75 46.19 -10.79
C LYS A 414 -18.11 45.99 -11.46
N LYS A 415 -19.03 45.34 -10.74
CA LYS A 415 -20.29 44.91 -11.35
C LYS A 415 -21.25 46.07 -11.59
N GLY A 416 -21.26 47.05 -10.68
CA GLY A 416 -22.26 48.10 -10.71
C GLY A 416 -22.11 49.14 -11.80
N VAL A 417 -20.90 49.64 -11.99
CA VAL A 417 -20.60 50.77 -12.87
C VAL A 417 -20.83 50.34 -14.31
N PRO A 418 -21.37 51.20 -15.19
CA PRO A 418 -21.55 50.80 -16.59
C PRO A 418 -20.37 51.15 -17.48
N SER A 419 -20.21 50.42 -18.58
CA SER A 419 -19.15 50.70 -19.55
C SER A 419 -19.68 50.32 -20.93
N VAL A 420 -19.01 50.83 -21.96
CA VAL A 420 -19.34 50.46 -23.34
C VAL A 420 -18.18 49.67 -23.94
N PRO A 421 -18.45 48.51 -24.53
CA PRO A 421 -17.36 47.68 -25.05
C PRO A 421 -16.75 48.29 -26.31
N VAL A 422 -15.49 47.95 -26.55
CA VAL A 422 -14.74 48.44 -27.69
C VAL A 422 -14.05 47.25 -28.35
N ALA A 423 -14.22 47.11 -29.66
CA ALA A 423 -13.64 46.01 -30.41
C ALA A 423 -12.22 46.29 -30.89
N GLU A 424 -11.67 47.46 -30.57
CA GLU A 424 -10.29 47.77 -30.94
C GLU A 424 -9.33 46.94 -30.09
N GLU A 425 -8.13 46.72 -30.62
CA GLU A 425 -7.17 45.81 -29.99
C GLU A 425 -6.65 46.39 -28.67
N SER A 426 -6.18 45.50 -27.81
CA SER A 426 -5.77 45.90 -26.47
C SER A 426 -4.46 45.20 -26.11
N ARG A 427 -3.43 46.01 -25.80
CA ARG A 427 -2.26 45.55 -25.05
C ARG A 427 -2.33 46.27 -23.70
N ALA A 428 -2.87 45.56 -22.71
CA ALA A 428 -3.19 46.20 -21.43
C ALA A 428 -1.95 46.42 -20.58
N SER A 429 -0.83 45.80 -20.95
CA SER A 429 0.37 45.88 -20.13
C SER A 429 1.00 47.26 -20.19
N ALA A 430 0.86 47.96 -21.31
CA ALA A 430 1.48 49.26 -21.45
C ALA A 430 0.70 50.36 -20.72
N LEU A 431 -0.61 50.28 -20.77
CA LEU A 431 -1.45 51.29 -20.14
C LEU A 431 -1.50 51.05 -18.63
N PRO A 432 -1.72 52.11 -17.83
CA PRO A 432 -1.85 51.90 -16.38
C PRO A 432 -3.16 51.25 -16.01
N TYR A 433 -3.09 49.96 -15.69
CA TYR A 433 -4.24 49.15 -15.33
C TYR A 433 -3.90 48.33 -14.11
N VAL A 434 -4.90 47.68 -13.55
CA VAL A 434 -4.70 46.63 -12.57
C VAL A 434 -5.10 45.32 -13.22
N LEU A 435 -4.15 44.39 -13.28
CA LEU A 435 -4.35 43.15 -14.03
C LEU A 435 -4.14 41.98 -13.09
N THR A 436 -4.84 40.88 -13.37
CA THR A 436 -4.72 39.67 -12.57
C THR A 436 -3.38 39.01 -12.89
N ASP A 437 -2.60 38.70 -11.86
CA ASP A 437 -1.26 38.19 -12.08
C ASP A 437 -1.27 36.71 -12.47
N ILE A 438 -2.09 35.91 -11.80
CA ILE A 438 -2.10 34.47 -11.97
C ILE A 438 -3.53 34.03 -12.26
N ALA A 439 -3.68 32.98 -13.06
CA ALA A 439 -4.99 32.42 -13.32
C ALA A 439 -5.46 31.56 -12.16
N ALA A 440 -6.54 31.97 -11.51
CA ALA A 440 -6.94 31.41 -10.23
C ALA A 440 -8.07 30.41 -10.40
N SER A 441 -8.10 29.41 -9.53
CA SER A 441 -9.14 28.39 -9.51
C SER A 441 -9.57 28.15 -8.08
N PHE A 442 -10.38 27.13 -7.87
CA PHE A 442 -10.66 26.70 -6.51
C PHE A 442 -9.51 25.86 -5.97
N THR A 443 -8.96 24.99 -6.81
CA THR A 443 -7.91 24.08 -6.36
C THR A 443 -6.60 24.81 -6.17
N LEU A 444 -6.44 25.96 -6.81
CA LEU A 444 -5.23 26.75 -6.61
C LEU A 444 -5.26 27.45 -5.27
N LEU A 445 -6.45 27.88 -4.82
CA LEU A 445 -6.55 28.65 -3.59
C LEU A 445 -6.51 27.76 -2.36
N VAL A 446 -6.81 26.48 -2.52
CA VAL A 446 -6.67 25.54 -1.41
C VAL A 446 -5.20 25.31 -1.10
N GLY A 447 -4.38 25.17 -2.14
CA GLY A 447 -2.95 24.98 -1.95
C GLY A 447 -2.22 26.18 -1.41
N ILE A 448 -2.67 27.39 -1.72
CA ILE A 448 -2.09 28.60 -1.20
C ILE A 448 -2.51 28.85 0.24
N TYR A 449 -3.73 28.48 0.59
CA TYR A 449 -4.20 28.71 1.95
C TYR A 449 -3.63 27.73 2.97
N PHE A 450 -3.43 26.46 2.59
CA PHE A 450 -3.10 25.41 3.57
C PHE A 450 -1.86 25.64 4.45
N PRO A 451 -0.77 26.35 4.03
CA PRO A 451 0.30 26.60 5.01
C PRO A 451 -0.05 27.55 6.15
N SER A 452 -1.27 28.05 6.18
CA SER A 452 -1.70 28.94 7.25
C SER A 452 -2.28 28.19 8.44
N VAL A 453 -2.42 26.87 8.36
CA VAL A 453 -3.00 26.10 9.45
C VAL A 453 -2.00 25.09 10.01
N THR A 454 -0.84 24.95 9.38
CA THR A 454 0.20 24.04 9.83
C THR A 454 0.88 24.60 11.06
N GLY A 455 1.29 23.71 11.97
CA GLY A 455 1.78 24.14 13.26
C GLY A 455 1.19 23.37 14.43
N ILE A 456 0.58 22.22 14.15
CA ILE A 456 0.11 21.32 15.22
C ILE A 456 1.27 20.85 16.07
N MET A 457 2.38 20.47 15.42
CA MET A 457 3.50 19.83 16.08
C MET A 457 4.29 20.78 16.97
N ALA A 458 4.00 22.08 16.91
CA ALA A 458 4.64 23.04 17.78
C ALA A 458 4.14 22.98 19.21
N GLY A 459 3.01 22.31 19.46
CA GLY A 459 2.52 22.19 20.81
C GLY A 459 3.32 21.24 21.66
N SER A 460 3.99 20.28 21.07
CA SER A 460 4.77 19.31 21.83
C SER A 460 6.27 19.51 21.62
N ASN A 461 6.71 20.76 21.54
CA ASN A 461 8.15 21.04 21.51
C ASN A 461 8.78 20.90 22.88
N ARG A 462 8.00 21.01 23.94
CA ARG A 462 8.52 21.13 25.29
C ARG A 462 8.03 19.97 26.14
N SER A 463 8.16 18.76 25.61
CA SER A 463 7.66 17.57 26.29
C SER A 463 8.47 17.24 27.55
N GLY A 464 9.71 17.69 27.61
CA GLY A 464 10.51 17.45 28.79
C GLY A 464 10.44 18.52 29.85
N ASP A 465 9.78 19.64 29.57
CA ASP A 465 9.72 20.76 30.49
C ASP A 465 8.32 21.05 31.00
N LEU A 466 7.40 20.10 30.91
CA LEU A 466 6.05 20.28 31.41
C LEU A 466 5.89 19.50 32.71
N LYS A 467 5.02 19.99 33.58
CA LYS A 467 4.81 19.29 34.85
C LYS A 467 3.82 18.15 34.68
N ASP A 468 2.92 18.24 33.70
CA ASP A 468 1.97 17.17 33.41
C ASP A 468 1.76 17.14 31.89
N ALA A 469 2.57 16.33 31.20
CA ALA A 469 2.59 16.39 29.75
C ALA A 469 1.43 15.64 29.14
N GLN A 470 0.84 14.69 29.88
CA GLN A 470 -0.30 13.96 29.33
C GLN A 470 -1.57 14.81 29.36
N LYS A 471 -1.56 15.90 30.12
CA LYS A 471 -2.71 16.79 30.23
C LYS A 471 -2.50 18.10 29.49
N SER A 472 -1.25 18.58 29.42
CA SER A 472 -0.99 19.88 28.81
C SER A 472 -1.04 19.81 27.30
N ILE A 473 -0.42 18.78 26.70
CA ILE A 473 -0.31 18.65 25.25
C ILE A 473 -1.69 18.51 24.57
N PRO A 474 -2.63 17.66 25.03
CA PRO A 474 -3.93 17.67 24.34
C PRO A 474 -4.75 18.92 24.58
N THR A 475 -4.54 19.60 25.71
CA THR A 475 -5.37 20.77 26.01
C THR A 475 -4.88 21.99 25.24
N GLY A 476 -3.58 22.22 25.23
CA GLY A 476 -3.05 23.41 24.59
C GLY A 476 -3.06 23.40 23.08
N THR A 477 -2.91 22.23 22.46
CA THR A 477 -2.94 22.19 21.00
C THR A 477 -4.36 22.34 20.48
N ILE A 478 -5.33 21.71 21.14
CA ILE A 478 -6.72 21.79 20.70
C ILE A 478 -7.26 23.20 20.91
N LEU A 479 -6.87 23.85 22.00
CA LEU A 479 -7.31 25.22 22.23
C LEU A 479 -6.60 26.21 21.31
N ALA A 480 -5.50 25.79 20.68
CA ALA A 480 -4.83 26.67 19.73
C ALA A 480 -5.41 26.53 18.34
N ILE A 481 -5.93 25.36 17.98
CA ILE A 481 -6.58 25.20 16.69
C ILE A 481 -7.93 25.92 16.69
N VAL A 482 -8.58 25.96 17.85
CA VAL A 482 -9.86 26.65 17.97
C VAL A 482 -9.67 28.16 17.86
N THR A 483 -8.67 28.70 18.54
CA THR A 483 -8.54 30.15 18.61
C THR A 483 -7.92 30.72 17.33
N THR A 484 -7.34 29.88 16.48
CA THR A 484 -6.86 30.40 15.20
C THR A 484 -7.90 30.18 14.10
N SER A 485 -8.66 29.10 14.19
CA SER A 485 -9.75 28.92 13.24
C SER A 485 -10.86 29.93 13.48
N PHE A 486 -10.97 30.46 14.69
CA PHE A 486 -11.88 31.57 14.91
C PHE A 486 -11.37 32.83 14.24
N ILE A 487 -10.04 33.03 14.22
CA ILE A 487 -9.48 34.24 13.63
C ILE A 487 -9.63 34.22 12.11
N TYR A 488 -9.40 33.06 11.48
CA TYR A 488 -9.50 33.02 10.03
C TYR A 488 -10.95 33.05 9.57
N LEU A 489 -11.88 32.51 10.37
CA LEU A 489 -13.28 32.54 9.97
C LEU A 489 -13.91 33.88 10.29
N SER A 490 -13.36 34.61 11.26
CA SER A 490 -13.87 35.95 11.52
C SER A 490 -13.33 36.95 10.52
N CYS A 491 -12.10 36.76 10.04
CA CYS A 491 -11.53 37.73 9.11
C CYS A 491 -12.18 37.64 7.73
N ILE A 492 -12.62 36.45 7.32
CA ILE A 492 -13.29 36.29 6.03
C ILE A 492 -14.63 37.00 6.02
N VAL A 493 -15.36 36.91 7.13
CA VAL A 493 -16.62 37.63 7.24
C VAL A 493 -16.36 39.13 7.35
N LEU A 494 -15.28 39.53 8.00
CA LEU A 494 -15.04 40.95 8.22
C LEU A 494 -14.22 41.58 7.10
N PHE A 495 -13.64 40.78 6.19
CA PHE A 495 -13.03 41.40 5.02
C PHE A 495 -14.05 41.57 3.92
N GLY A 496 -14.98 40.63 3.79
CA GLY A 496 -16.01 40.76 2.77
C GLY A 496 -17.00 41.86 3.09
N ALA A 497 -17.33 42.02 4.37
CA ALA A 497 -18.33 42.98 4.79
C ALA A 497 -17.78 44.38 4.95
N CYS A 498 -16.47 44.57 4.78
CA CYS A 498 -15.89 45.89 5.02
C CYS A 498 -15.10 46.46 3.85
N ILE A 499 -14.51 45.63 2.99
CA ILE A 499 -13.69 46.12 1.89
C ILE A 499 -14.46 45.89 0.60
N GLU A 500 -14.47 46.91 -0.26
CA GLU A 500 -15.01 46.75 -1.61
C GLU A 500 -14.23 45.69 -2.37
N GLY A 501 -14.96 44.84 -3.09
CA GLY A 501 -14.37 43.64 -3.65
C GLY A 501 -13.41 43.91 -4.80
N VAL A 502 -13.38 45.15 -5.30
CA VAL A 502 -12.44 45.45 -6.36
C VAL A 502 -11.07 45.77 -5.77
N VAL A 503 -11.00 45.99 -4.45
CA VAL A 503 -9.73 46.19 -3.76
C VAL A 503 -9.19 44.85 -3.27
N LEU A 504 -10.07 43.89 -3.02
CA LEU A 504 -9.64 42.59 -2.52
C LEU A 504 -8.98 41.75 -3.61
N ARG A 505 -9.44 41.89 -4.85
CA ARG A 505 -8.83 41.25 -6.02
C ARG A 505 -7.51 41.83 -6.39
N ASP A 506 -7.07 42.88 -5.73
CA ASP A 506 -5.84 43.58 -6.05
C ASP A 506 -4.73 43.08 -5.12
N LYS A 507 -3.95 42.11 -5.60
CA LYS A 507 -2.65 41.86 -4.98
C LYS A 507 -1.76 43.08 -5.15
N PHE A 508 -0.79 43.20 -4.24
CA PHE A 508 0.28 44.20 -4.26
C PHE A 508 -0.21 45.64 -4.14
N GLY A 509 -1.49 45.85 -3.80
CA GLY A 509 -2.08 47.14 -3.49
C GLY A 509 -1.90 48.26 -4.49
N GLU A 510 -1.97 47.93 -5.78
CA GLU A 510 -1.70 48.90 -6.83
C GLU A 510 -2.74 49.99 -6.92
N ALA A 511 -3.99 49.70 -6.58
CA ALA A 511 -5.01 50.73 -6.58
C ALA A 511 -4.87 51.67 -5.39
N LEU A 512 -4.34 51.20 -4.27
CA LEU A 512 -4.25 52.00 -3.06
C LEU A 512 -2.90 52.68 -2.92
N GLN A 513 -2.40 53.33 -3.98
CA GLN A 513 -1.11 54.04 -4.01
C GLN A 513 0.08 53.15 -3.60
N GLY A 514 -0.02 51.85 -3.78
CA GLY A 514 1.03 50.96 -3.32
C GLY A 514 1.05 50.72 -1.83
N ASN A 515 -0.10 50.46 -1.23
CA ASN A 515 -0.22 50.19 0.20
C ASN A 515 -0.83 48.82 0.42
N LEU A 516 -0.63 48.29 1.63
CA LEU A 516 -1.13 46.96 1.95
C LEU A 516 -2.63 47.04 2.24
N VAL A 517 -3.39 46.11 1.66
CA VAL A 517 -4.85 46.17 1.73
C VAL A 517 -5.34 45.87 3.14
N ILE A 518 -4.77 44.88 3.81
CA ILE A 518 -5.12 44.60 5.20
C ILE A 518 -4.59 45.69 6.12
N GLY A 519 -3.60 46.44 5.68
CA GLY A 519 -3.05 47.50 6.49
C GLY A 519 -3.86 48.77 6.46
N MET A 520 -4.54 49.04 5.34
CA MET A 520 -5.39 50.23 5.26
C MET A 520 -6.64 50.07 6.11
N LEU A 521 -7.00 48.82 6.42
CA LEU A 521 -8.16 48.55 7.26
C LEU A 521 -7.83 48.79 8.74
N ALA A 522 -6.55 48.70 9.11
CA ALA A 522 -6.17 48.82 10.51
C ALA A 522 -6.31 50.25 11.01
N TRP A 523 -6.58 50.41 12.31
CA TRP A 523 -6.86 51.75 12.81
C TRP A 523 -5.63 52.64 13.00
N PRO A 524 -4.61 52.30 13.83
CA PRO A 524 -3.66 53.34 14.24
C PRO A 524 -2.79 53.84 13.11
N SER A 525 -2.33 52.94 12.26
CA SER A 525 -1.58 53.25 11.05
C SER A 525 -1.57 52.01 10.18
N PRO A 526 -1.35 52.16 8.88
CA PRO A 526 -0.99 50.98 8.08
C PRO A 526 0.39 50.46 8.40
N TRP A 527 1.23 51.28 9.04
CA TRP A 527 2.61 50.87 9.33
C TRP A 527 2.68 49.93 10.51
N VAL A 528 1.58 49.75 11.25
CA VAL A 528 1.57 48.77 12.32
C VAL A 528 1.68 47.36 11.76
N ILE A 529 0.94 47.10 10.68
CA ILE A 529 0.93 45.76 10.11
C ILE A 529 2.17 45.54 9.24
N VAL A 530 2.59 46.57 8.50
CA VAL A 530 3.71 46.42 7.57
C VAL A 530 5.01 46.16 8.33
N ILE A 531 5.23 46.89 9.42
CA ILE A 531 6.38 46.59 10.28
C ILE A 531 6.14 45.31 11.07
N GLY A 532 4.90 45.08 11.49
CA GLY A 532 4.61 43.90 12.30
C GLY A 532 4.65 42.61 11.51
N SER A 533 4.31 42.66 10.22
CA SER A 533 4.40 41.47 9.40
C SER A 533 5.80 41.28 8.84
N PHE A 534 6.64 42.32 8.95
CA PHE A 534 8.01 42.19 8.46
C PHE A 534 8.88 41.46 9.48
N PHE A 535 8.69 41.77 10.77
CA PHE A 535 9.53 41.17 11.79
C PHE A 535 9.09 39.76 12.13
N SER A 536 7.78 39.48 12.08
CA SER A 536 7.32 38.16 12.45
C SER A 536 7.51 37.16 11.31
N THR A 537 7.79 37.64 10.10
CA THR A 537 8.08 36.74 9.00
C THR A 537 9.57 36.48 8.90
N CYS A 538 10.40 37.48 9.20
CA CYS A 538 11.83 37.23 9.40
C CYS A 538 12.06 36.35 10.61
N GLY A 539 11.18 36.43 11.60
CA GLY A 539 11.34 35.61 12.79
C GLY A 539 10.91 34.18 12.57
N ALA A 540 9.94 33.97 11.70
CA ALA A 540 9.51 32.62 11.41
C ALA A 540 10.50 31.93 10.48
N GLY A 541 11.25 32.71 9.70
CA GLY A 541 12.32 32.14 8.90
C GLY A 541 13.52 31.75 9.74
N LEU A 542 13.75 32.46 10.84
CA LEU A 542 14.82 32.06 11.75
C LEU A 542 14.46 30.79 12.51
N GLN A 543 13.19 30.67 12.91
CA GLN A 543 12.76 29.48 13.63
C GLN A 543 12.68 28.27 12.71
N SER A 544 12.45 28.49 11.42
CA SER A 544 12.39 27.38 10.47
C SER A 544 13.78 26.91 10.08
N LEU A 545 14.81 27.69 10.41
CA LEU A 545 16.16 27.37 9.99
C LEU A 545 17.01 26.97 11.18
N THR A 546 16.48 27.15 12.38
CA THR A 546 17.13 26.60 13.57
C THR A 546 16.36 25.37 14.08
N GLY A 547 15.17 25.13 13.56
CA GLY A 547 14.36 24.04 14.07
C GLY A 547 14.36 22.82 13.18
N ALA A 548 14.58 23.02 11.88
CA ALA A 548 14.69 21.89 10.96
C ALA A 548 16.04 21.20 10.99
N PRO A 549 17.21 21.86 11.15
CA PRO A 549 18.43 21.08 11.37
C PRO A 549 18.48 20.29 12.68
N ARG A 550 17.75 20.70 13.72
CA ARG A 550 17.72 19.87 14.93
C ARG A 550 16.91 18.61 14.72
N LEU A 551 15.95 18.65 13.80
CA LEU A 551 15.14 17.47 13.52
C LEU A 551 15.94 16.45 12.73
N LEU A 552 16.69 16.91 11.73
CA LEU A 552 17.53 16.02 10.95
C LEU A 552 18.65 15.41 11.77
N GLN A 553 19.16 16.17 12.75
CA GLN A 553 20.20 15.64 13.62
C GLN A 553 19.66 14.56 14.55
N ALA A 554 18.39 14.68 14.95
CA ALA A 554 17.81 13.67 15.82
C ALA A 554 17.50 12.39 15.06
N ILE A 555 17.10 12.50 13.79
CA ILE A 555 16.88 11.33 12.95
C ILE A 555 18.19 10.66 12.60
N ALA A 556 19.23 11.48 12.37
CA ALA A 556 20.54 10.95 11.99
C ALA A 556 21.19 10.20 13.14
N ARG A 557 21.06 10.72 14.36
CA ARG A 557 21.69 10.09 15.49
C ARG A 557 20.86 8.91 15.97
N ASP A 558 19.63 8.78 15.49
CA ASP A 558 18.77 7.68 15.90
C ASP A 558 19.17 6.39 15.21
N GLY A 559 19.82 6.48 14.06
CA GLY A 559 20.36 5.32 13.39
C GLY A 559 19.39 4.50 12.57
N ILE A 560 18.18 4.99 12.31
CA ILE A 560 17.17 4.18 11.65
C ILE A 560 17.32 4.26 10.13
N VAL A 561 17.86 5.36 9.64
CA VAL A 561 18.17 5.56 8.23
C VAL A 561 19.67 5.86 8.14
N PRO A 562 20.47 4.94 7.59
CA PRO A 562 21.91 5.00 7.86
C PRO A 562 22.73 5.76 6.83
N PHE A 563 22.17 6.10 5.66
CA PHE A 563 22.99 6.82 4.69
C PHE A 563 23.17 8.28 5.11
N LEU A 564 22.32 8.70 6.03
CA LEU A 564 22.26 10.05 6.60
C LEU A 564 22.95 10.16 7.96
N GLN A 565 23.83 9.21 8.26
CA GLN A 565 24.52 9.16 9.56
C GLN A 565 25.39 10.37 9.90
N VAL A 566 26.09 10.94 8.91
CA VAL A 566 26.97 12.07 9.16
C VAL A 566 26.25 13.31 9.70
N PHE A 567 25.07 13.57 9.16
CA PHE A 567 24.27 14.73 9.55
C PHE A 567 23.97 14.76 11.04
N GLY A 568 24.47 13.80 11.80
CA GLY A 568 24.28 13.81 13.24
C GLY A 568 25.43 14.41 14.01
N HIS A 569 26.46 14.87 13.32
CA HIS A 569 27.57 15.53 14.01
C HIS A 569 27.14 16.91 14.47
N GLY A 570 27.69 17.35 15.60
CA GLY A 570 27.39 18.66 16.12
C GLY A 570 28.62 19.31 16.69
N LYS A 571 28.40 20.48 17.30
CA LYS A 571 29.46 21.18 18.00
C LYS A 571 29.61 20.60 19.41
N ALA A 572 30.38 21.29 20.25
CA ALA A 572 30.61 20.79 21.61
C ALA A 572 29.36 20.89 22.46
N ASN A 573 28.54 21.91 22.24
CA ASN A 573 27.29 22.04 22.98
C ASN A 573 26.15 21.26 22.33
N GLY A 574 26.35 20.77 21.11
CA GLY A 574 25.36 19.95 20.44
C GLY A 574 24.62 20.61 19.32
N GLU A 575 25.08 21.73 18.79
CA GLU A 575 24.34 22.42 17.74
C GLU A 575 24.76 21.87 16.38
N PRO A 576 23.83 21.74 15.43
CA PRO A 576 24.14 21.04 14.18
C PRO A 576 25.04 21.85 13.26
N THR A 577 25.92 21.15 12.56
CA THR A 577 26.86 21.74 11.62
C THR A 577 26.59 21.32 10.19
N TRP A 578 26.59 20.02 9.92
CA TRP A 578 26.36 19.56 8.55
C TRP A 578 24.87 19.48 8.25
N ALA A 579 24.05 19.59 9.28
CA ALA A 579 22.60 19.61 9.06
C ALA A 579 22.13 21.00 8.63
N LEU A 580 22.87 22.03 9.02
CA LEU A 580 22.60 23.37 8.49
C LEU A 580 22.90 23.46 7.01
N LEU A 581 23.99 22.83 6.57
CA LEU A 581 24.42 23.00 5.19
C LEU A 581 23.50 22.27 4.23
N LEU A 582 22.90 21.17 4.67
CA LEU A 582 21.91 20.51 3.82
C LEU A 582 20.62 21.31 3.76
N THR A 583 20.26 21.93 4.89
CA THR A 583 18.99 22.66 4.97
C THR A 583 19.02 23.93 4.12
N VAL A 584 20.18 24.59 4.05
CA VAL A 584 20.33 25.77 3.22
C VAL A 584 20.24 25.40 1.74
N LEU A 585 20.78 24.24 1.37
CA LEU A 585 20.74 23.83 -0.03
C LEU A 585 19.35 23.38 -0.47
N ILE A 586 18.56 22.82 0.45
CA ILE A 586 17.18 22.47 0.09
C ILE A 586 16.31 23.72 0.08
N CYS A 587 16.58 24.65 0.99
CA CYS A 587 15.81 25.89 1.04
C CYS A 587 16.20 26.83 -0.10
N GLU A 588 17.37 26.62 -0.69
CA GLU A 588 17.76 27.42 -1.85
C GLU A 588 16.95 27.04 -3.09
N THR A 589 16.52 25.79 -3.21
CA THR A 589 15.75 25.38 -4.37
C THR A 589 14.32 25.92 -4.32
N GLY A 590 13.86 26.31 -3.14
CA GLY A 590 12.54 26.91 -3.04
C GLY A 590 12.58 28.39 -3.30
N ILE A 591 13.75 29.01 -3.12
CA ILE A 591 13.93 30.42 -3.43
C ILE A 591 14.16 30.61 -4.92
N LEU A 592 14.68 29.58 -5.59
CA LEU A 592 14.83 29.65 -7.04
C LEU A 592 13.48 29.53 -7.75
N ILE A 593 12.46 29.05 -7.07
CA ILE A 593 11.12 29.09 -7.64
C ILE A 593 10.58 30.52 -7.61
N ALA A 594 10.91 31.26 -6.55
CA ALA A 594 10.86 32.73 -6.48
C ALA A 594 9.45 33.29 -6.59
N SER A 595 8.47 32.54 -6.12
CA SER A 595 7.12 33.07 -6.02
C SER A 595 6.47 32.45 -4.81
N LEU A 596 5.71 33.24 -4.06
CA LEU A 596 5.08 32.76 -2.85
C LEU A 596 3.96 31.78 -3.14
N ASP A 597 3.41 31.81 -4.35
CA ASP A 597 2.24 31.01 -4.69
C ASP A 597 2.58 29.65 -5.26
N SER A 598 3.84 29.41 -5.62
CA SER A 598 4.25 28.12 -6.13
C SER A 598 4.99 27.27 -5.12
N VAL A 599 5.61 27.89 -4.12
CA VAL A 599 6.23 27.14 -3.04
C VAL A 599 5.18 26.56 -2.11
N ALA A 600 4.06 27.28 -1.96
CA ALA A 600 3.01 26.88 -1.02
C ALA A 600 2.28 25.57 -1.35
N PRO A 601 2.04 25.16 -2.60
CA PRO A 601 1.56 23.78 -2.80
C PRO A 601 2.61 22.72 -2.54
N ILE A 602 3.90 23.04 -2.70
CA ILE A 602 4.95 22.07 -2.42
C ILE A 602 5.10 21.91 -0.91
N LEU A 603 4.96 23.02 -0.18
CA LEU A 603 5.00 23.02 1.27
C LEU A 603 3.84 22.26 1.87
N SER A 604 2.65 22.42 1.29
CA SER A 604 1.45 21.80 1.83
C SER A 604 1.46 20.29 1.62
N MET A 605 2.28 19.83 0.70
CA MET A 605 2.26 18.44 0.30
C MET A 605 3.03 17.58 1.29
N PHE A 606 3.99 18.18 1.99
CA PHE A 606 4.77 17.41 2.95
C PHE A 606 4.10 17.41 4.31
N PHE A 607 3.38 18.47 4.64
CA PHE A 607 2.64 18.47 5.89
C PHE A 607 1.41 17.58 5.82
N LEU A 608 0.72 17.57 4.68
CA LEU A 608 -0.41 16.66 4.51
C LEU A 608 0.04 15.21 4.42
N MET A 609 1.30 14.98 4.09
CA MET A 609 1.79 13.61 4.02
C MET A 609 2.13 13.09 5.41
N CYS A 610 2.68 13.93 6.28
CA CYS A 610 3.00 13.46 7.62
C CYS A 610 1.78 13.49 8.53
N TYR A 611 0.75 14.26 8.16
CA TYR A 611 -0.52 14.17 8.88
C TYR A 611 -1.29 12.95 8.42
N LEU A 612 -0.98 12.45 7.24
CA LEU A 612 -1.65 11.25 6.73
C LEU A 612 -1.16 10.01 7.46
N PHE A 613 0.12 9.96 7.83
CA PHE A 613 0.65 8.78 8.50
C PHE A 613 0.31 8.78 9.97
N VAL A 614 0.17 9.95 10.58
CA VAL A 614 -0.19 10.00 12.00
C VAL A 614 -1.62 9.52 12.18
N ASN A 615 -2.49 9.90 11.25
CA ASN A 615 -3.87 9.45 11.32
C ASN A 615 -4.01 7.99 10.90
N LEU A 616 -3.14 7.51 10.00
CA LEU A 616 -3.22 6.12 9.59
C LEU A 616 -2.66 5.19 10.64
N ALA A 617 -1.55 5.56 11.27
CA ALA A 617 -0.90 4.65 12.21
C ALA A 617 -1.68 4.56 13.52
N CYS A 618 -2.42 5.60 13.86
CA CYS A 618 -3.21 5.54 15.10
C CYS A 618 -4.50 4.78 14.88
N ALA A 619 -4.98 4.69 13.64
CA ALA A 619 -6.21 3.96 13.36
C ALA A 619 -5.93 2.48 13.18
N VAL A 620 -4.77 2.15 12.61
CA VAL A 620 -4.40 0.75 12.40
C VAL A 620 -4.07 0.07 13.72
N GLN A 621 -3.37 0.77 14.60
CA GLN A 621 -2.96 0.15 15.87
C GLN A 621 -4.13 0.02 16.84
N THR A 622 -5.22 0.74 16.60
CA THR A 622 -6.41 0.55 17.41
C THR A 622 -7.22 -0.63 16.90
N LEU A 623 -7.33 -0.77 15.58
CA LEU A 623 -8.08 -1.89 15.01
C LEU A 623 -7.34 -3.20 15.19
N LEU A 624 -6.05 -3.25 14.83
CA LEU A 624 -5.32 -4.50 14.87
C LEU A 624 -4.84 -4.88 16.27
N ARG A 625 -5.14 -4.06 17.28
CA ARG A 625 -4.86 -4.33 18.70
C ARG A 625 -3.37 -4.57 18.96
N THR A 626 -2.57 -3.59 18.57
CA THR A 626 -1.14 -3.63 18.81
C THR A 626 -0.86 -3.53 20.30
N PRO A 627 0.05 -4.32 20.85
CA PRO A 627 0.41 -4.16 22.26
C PRO A 627 1.14 -2.85 22.50
N ASN A 628 1.04 -2.37 23.74
CA ASN A 628 1.57 -1.07 24.17
C ASN A 628 1.00 0.08 23.36
N TRP A 629 -0.29 0.02 23.04
CA TRP A 629 -1.03 1.14 22.46
C TRP A 629 -2.35 1.20 23.20
N ARG A 630 -2.37 1.95 24.29
CA ARG A 630 -3.58 2.15 25.08
C ARG A 630 -3.72 3.64 25.40
N PRO A 631 -4.22 4.46 24.49
CA PRO A 631 -4.32 5.90 24.76
C PRO A 631 -5.48 6.26 25.68
N ARG A 632 -5.17 6.87 26.83
CA ARG A 632 -6.22 7.22 27.79
C ARG A 632 -6.67 8.67 27.62
N PHE A 633 -6.99 9.02 26.39
CA PHE A 633 -7.60 10.31 26.09
C PHE A 633 -9.08 10.07 25.86
N LYS A 634 -9.90 11.01 26.36
CA LYS A 634 -11.34 10.76 26.44
C LYS A 634 -12.01 10.79 25.07
N PHE A 635 -11.72 11.82 24.28
CA PHE A 635 -12.42 12.05 23.03
C PHE A 635 -11.58 11.48 21.89
N TYR A 636 -11.37 10.17 21.92
CA TYR A 636 -10.63 9.52 20.88
C TYR A 636 -11.34 8.23 20.47
N HIS A 637 -11.57 8.10 19.18
CA HIS A 637 -12.10 6.88 18.60
C HIS A 637 -11.38 6.70 17.28
N TRP A 638 -11.21 5.43 16.88
CA TRP A 638 -10.44 5.14 15.67
C TRP A 638 -11.07 5.66 14.40
N THR A 639 -12.40 5.84 14.39
CA THR A 639 -13.05 6.41 13.21
C THR A 639 -12.73 7.88 13.06
N LEU A 640 -12.33 8.52 14.15
CA LEU A 640 -12.04 9.95 14.12
C LEU A 640 -10.65 10.22 13.57
N SER A 641 -9.78 9.20 13.56
CA SER A 641 -8.50 9.22 12.86
C SER A 641 -8.63 8.65 11.46
N PHE A 642 -9.58 7.74 11.24
CA PHE A 642 -9.86 7.28 9.90
C PHE A 642 -10.49 8.39 9.07
N LEU A 643 -11.33 9.21 9.69
CA LEU A 643 -11.92 10.33 8.99
C LEU A 643 -10.90 11.44 8.77
N GLY A 644 -9.93 11.55 9.67
CA GLY A 644 -8.86 12.52 9.46
C GLY A 644 -7.90 12.08 8.39
N MET A 645 -7.74 10.76 8.23
CA MET A 645 -6.93 10.26 7.13
C MET A 645 -7.62 10.51 5.79
N SER A 646 -8.94 10.41 5.75
CA SER A 646 -9.66 10.52 4.49
C SER A 646 -9.77 11.96 4.04
N LEU A 647 -9.78 12.90 4.98
CA LEU A 647 -9.89 14.31 4.61
C LEU A 647 -8.52 14.88 4.27
N CYS A 648 -7.47 14.39 4.92
CA CYS A 648 -6.14 14.88 4.59
C CYS A 648 -5.58 14.17 3.36
N LEU A 649 -6.29 13.14 2.88
CA LEU A 649 -6.00 12.56 1.57
C LEU A 649 -6.80 13.24 0.48
N ALA A 650 -8.01 13.70 0.80
CA ALA A 650 -8.84 14.39 -0.18
C ALA A 650 -8.31 15.78 -0.47
N LEU A 651 -7.76 16.46 0.54
CA LEU A 651 -7.12 17.75 0.31
C LEU A 651 -5.82 17.58 -0.46
N MET A 652 -5.25 16.39 -0.40
CA MET A 652 -3.94 16.19 -0.99
C MET A 652 -4.04 16.00 -2.50
N PHE A 653 -5.22 15.62 -3.00
CA PHE A 653 -5.46 15.53 -4.43
C PHE A 653 -6.25 16.73 -4.97
N ILE A 654 -6.81 17.56 -4.08
CA ILE A 654 -7.36 18.82 -4.54
C ILE A 654 -6.24 19.77 -4.96
N CYS A 655 -5.19 19.89 -4.15
CA CYS A 655 -4.07 20.79 -4.39
C CYS A 655 -3.34 20.47 -5.69
N SER A 656 -2.75 19.27 -5.78
CA SER A 656 -2.16 18.81 -7.03
C SER A 656 -2.08 17.31 -6.98
N TRP A 657 -2.52 16.63 -8.03
CA TRP A 657 -2.57 15.17 -7.98
C TRP A 657 -1.21 14.56 -8.27
N TYR A 658 -0.31 15.29 -8.91
CA TYR A 658 1.00 14.72 -9.22
C TYR A 658 2.04 15.11 -8.18
N TYR A 659 1.77 16.16 -7.42
CA TYR A 659 2.54 16.38 -6.20
C TYR A 659 2.15 15.35 -5.14
N ALA A 660 0.91 14.86 -5.17
CA ALA A 660 0.47 13.89 -4.20
C ALA A 660 1.05 12.51 -4.46
N LEU A 661 1.21 12.14 -5.73
CA LEU A 661 1.81 10.85 -6.04
C LEU A 661 3.31 10.89 -5.80
N SER A 662 3.92 12.07 -5.92
CA SER A 662 5.34 12.18 -5.62
C SER A 662 5.60 12.07 -4.13
N ALA A 663 4.68 12.58 -3.31
CA ALA A 663 4.87 12.52 -1.87
C ALA A 663 4.54 11.15 -1.32
N MET A 664 3.61 10.44 -1.95
CA MET A 664 3.28 9.11 -1.48
C MET A 664 4.32 8.08 -1.91
N LEU A 665 5.03 8.36 -3.01
CA LEU A 665 6.10 7.45 -3.42
C LEU A 665 7.41 7.75 -2.73
N ILE A 666 7.65 9.01 -2.34
CA ILE A 666 8.83 9.30 -1.55
C ILE A 666 8.68 8.73 -0.14
N ALA A 667 7.55 8.99 0.50
CA ALA A 667 7.37 8.57 1.89
C ALA A 667 7.10 7.06 1.99
N GLY A 668 6.56 6.47 0.95
CA GLY A 668 6.38 5.02 0.96
C GLY A 668 7.68 4.26 0.76
N CYS A 669 8.67 4.91 0.14
CA CYS A 669 9.97 4.27 -0.05
C CYS A 669 10.92 4.58 1.09
N ILE A 670 10.60 5.58 1.91
CA ILE A 670 11.32 5.76 3.16
C ILE A 670 10.85 4.72 4.16
N TYR A 671 9.59 4.33 4.09
CA TYR A 671 9.03 3.33 4.99
C TYR A 671 9.65 1.97 4.76
N LYS A 672 9.78 1.57 3.50
CA LYS A 672 10.29 0.23 3.21
C LYS A 672 11.80 0.18 3.31
N TYR A 673 12.47 1.32 3.24
CA TYR A 673 13.92 1.34 3.41
C TYR A 673 14.29 1.21 4.87
N ILE A 674 13.45 1.70 5.78
CA ILE A 674 13.73 1.58 7.20
C ILE A 674 13.44 0.17 7.68
N GLU A 675 12.44 -0.49 7.08
CA GLU A 675 12.20 -1.90 7.36
C GLU A 675 13.36 -2.78 6.92
N TYR A 676 13.90 -2.50 5.73
CA TYR A 676 14.94 -3.34 5.18
C TYR A 676 16.24 -3.21 5.96
N ARG A 677 16.62 -1.98 6.33
CA ARG A 677 17.88 -1.80 7.05
C ARG A 677 17.74 -2.19 8.51
N GLY A 678 16.52 -2.15 9.05
CA GLY A 678 16.32 -2.55 10.43
C GLY A 678 16.30 -4.05 10.59
N ALA A 679 16.04 -4.78 9.51
CA ALA A 679 16.04 -6.23 9.56
C ALA A 679 17.39 -6.79 9.11
N GLU A 680 18.08 -6.05 8.25
CA GLU A 680 19.46 -6.40 7.91
C GLU A 680 20.38 -6.21 9.11
N LYS A 681 20.07 -5.25 9.97
CA LYS A 681 20.91 -4.99 11.13
C LYS A 681 20.78 -6.10 12.16
N GLU A 682 19.61 -6.71 12.23
CA GLU A 682 19.24 -7.58 13.33
C GLU A 682 19.31 -9.07 13.00
N TRP A 683 18.55 -9.52 12.02
CA TRP A 683 18.41 -10.93 11.74
C TRP A 683 19.35 -11.34 10.62
N GLY A 684 20.63 -10.99 10.70
CA GLY A 684 21.52 -11.37 9.62
C GLY A 684 21.11 -10.77 8.27
N ASP A 685 20.90 -11.65 7.29
CA ASP A 685 20.51 -11.27 5.93
C ASP A 685 19.15 -10.53 5.86
N GLY A 686 19.08 -9.52 5.00
CA GLY A 686 17.87 -8.72 4.83
C GLY A 686 16.60 -9.34 4.28
N ILE A 687 16.69 -10.15 3.22
CA ILE A 687 15.49 -10.78 2.65
C ILE A 687 14.91 -11.76 3.66
N ARG A 688 15.80 -12.51 4.28
CA ARG A 688 15.48 -13.47 5.33
C ARG A 688 15.04 -12.75 6.59
N GLY A 689 15.69 -11.64 6.91
CA GLY A 689 15.33 -10.92 8.12
C GLY A 689 14.06 -10.12 8.00
N LEU A 690 13.64 -9.83 6.78
CA LEU A 690 12.46 -9.01 6.58
C LEU A 690 11.19 -9.84 6.77
N SER A 691 11.32 -11.16 6.74
CA SER A 691 10.22 -12.06 7.05
C SER A 691 10.26 -12.51 8.50
N LEU A 692 11.40 -12.44 9.16
CA LEU A 692 11.47 -12.83 10.57
C LEU A 692 11.00 -11.70 11.48
N ASN A 693 11.18 -10.44 11.07
CA ASN A 693 10.55 -9.36 11.81
C ASN A 693 9.06 -9.31 11.57
N ALA A 694 8.59 -9.80 10.43
CA ALA A 694 7.16 -9.81 10.17
C ALA A 694 6.47 -10.88 10.99
N ALA A 695 7.15 -12.00 11.23
CA ALA A 695 6.57 -13.09 12.00
C ALA A 695 6.60 -12.78 13.49
N ARG A 696 7.64 -12.08 13.95
CA ARG A 696 7.73 -11.76 15.36
C ARG A 696 6.73 -10.69 15.75
N TYR A 697 6.54 -9.70 14.88
CA TYR A 697 5.66 -8.59 15.21
C TYR A 697 4.20 -9.01 15.13
N ALA A 698 3.90 -10.04 14.34
CA ALA A 698 2.53 -10.52 14.24
C ALA A 698 2.19 -11.47 15.38
N LEU A 699 3.19 -12.07 16.00
CA LEU A 699 2.93 -12.99 17.10
C LEU A 699 2.84 -12.27 18.44
N LEU A 700 3.39 -11.06 18.52
CA LEU A 700 3.29 -10.33 19.78
C LEU A 700 1.95 -9.63 19.91
N ARG A 701 1.22 -9.48 18.80
CA ARG A 701 -0.14 -8.97 18.88
C ARG A 701 -1.09 -9.99 19.47
N VAL A 702 -0.81 -11.27 19.24
CA VAL A 702 -1.74 -12.34 19.56
C VAL A 702 -1.54 -12.79 21.00
N GLU A 703 -0.45 -12.33 21.62
CA GLU A 703 0.03 -12.76 22.93
C GLU A 703 -0.93 -12.42 24.07
N HIS A 704 -1.86 -11.50 23.84
CA HIS A 704 -2.70 -10.93 24.90
C HIS A 704 -4.11 -11.50 24.94
N GLY A 705 -4.71 -11.84 23.79
CA GLY A 705 -6.10 -12.16 23.73
C GLY A 705 -6.49 -13.51 24.29
N PRO A 706 -7.78 -13.85 24.22
CA PRO A 706 -8.24 -15.12 24.75
C PRO A 706 -7.85 -16.27 23.82
N PRO A 707 -7.72 -17.50 24.36
CA PRO A 707 -7.21 -18.60 23.52
C PRO A 707 -8.18 -19.07 22.45
N HIS A 708 -9.48 -19.04 22.73
CA HIS A 708 -10.50 -19.35 21.74
C HIS A 708 -11.61 -18.33 21.87
N THR A 709 -12.13 -17.86 20.73
CA THR A 709 -13.13 -16.80 20.76
C THR A 709 -14.48 -17.26 20.24
N LYS A 710 -14.56 -17.71 18.99
CA LYS A 710 -15.89 -18.01 18.43
C LYS A 710 -16.00 -19.36 17.72
N ASN A 711 -14.97 -19.77 16.96
CA ASN A 711 -15.12 -20.99 16.17
C ASN A 711 -13.94 -21.93 16.40
N TRP A 712 -14.13 -23.19 16.01
CA TRP A 712 -13.10 -24.21 16.12
C TRP A 712 -12.72 -24.69 14.73
N ARG A 713 -11.44 -24.96 14.54
CA ARG A 713 -10.88 -25.52 13.33
C ARG A 713 -9.65 -26.25 13.81
N PRO A 714 -9.36 -27.46 13.33
CA PRO A 714 -8.24 -28.24 13.88
C PRO A 714 -6.90 -27.68 13.44
N GLN A 715 -5.98 -27.56 14.39
CA GLN A 715 -4.61 -27.13 14.12
C GLN A 715 -3.72 -28.21 14.71
N VAL A 716 -3.17 -29.06 13.86
CA VAL A 716 -2.84 -30.43 14.25
C VAL A 716 -1.33 -30.60 14.47
N LEU A 717 -0.98 -31.24 15.57
CA LEU A 717 0.32 -31.85 15.79
C LEU A 717 0.24 -33.32 15.43
N VAL A 718 0.87 -33.71 14.33
CA VAL A 718 0.86 -35.09 13.87
C VAL A 718 2.12 -35.78 14.38
N MET A 719 1.94 -36.88 15.11
CA MET A 719 3.04 -37.59 15.74
C MET A 719 3.50 -38.71 14.82
N LEU A 720 4.78 -38.74 14.52
CA LEU A 720 5.36 -39.78 13.67
C LEU A 720 6.22 -40.70 14.53
N ASN A 721 6.13 -42.00 14.25
CA ASN A 721 7.05 -42.94 14.88
C ASN A 721 8.18 -43.27 13.92
N LEU A 722 9.38 -43.38 14.48
CA LEU A 722 10.56 -43.72 13.70
C LEU A 722 11.08 -45.06 14.21
N ASP A 723 11.55 -45.89 13.29
CA ASP A 723 12.17 -47.15 13.65
C ASP A 723 13.69 -47.01 13.70
N ALA A 724 14.38 -48.12 13.95
CA ALA A 724 15.81 -48.16 13.70
C ALA A 724 16.06 -48.07 12.21
N GLU A 725 17.23 -47.52 11.84
CA GLU A 725 17.54 -47.07 10.48
C GLU A 725 16.47 -46.07 10.02
N GLN A 726 16.51 -44.89 10.66
CA GLN A 726 15.35 -44.04 10.88
C GLN A 726 14.62 -43.64 9.61
N ALA A 727 13.42 -44.19 9.45
CA ALA A 727 12.50 -43.82 8.39
C ALA A 727 11.11 -43.78 9.02
N VAL A 728 10.18 -43.15 8.30
CA VAL A 728 8.86 -42.95 8.84
C VAL A 728 8.08 -44.25 8.79
N LYS A 729 7.47 -44.63 9.91
CA LYS A 729 6.82 -45.92 10.00
C LYS A 729 5.49 -45.93 9.26
N HIS A 730 4.72 -44.84 9.34
CA HIS A 730 3.42 -44.74 8.69
C HIS A 730 3.38 -43.44 7.88
N PRO A 731 3.82 -43.47 6.62
CA PRO A 731 3.89 -42.23 5.84
C PRO A 731 2.55 -41.67 5.43
N ARG A 732 1.47 -42.46 5.50
CA ARG A 732 0.18 -41.97 5.05
C ARG A 732 -0.50 -41.10 6.10
N LEU A 733 0.13 -40.97 7.26
CA LEU A 733 -0.40 -40.10 8.31
C LEU A 733 -0.11 -38.64 7.99
N LEU A 734 0.87 -38.38 7.12
CA LEU A 734 1.03 -37.04 6.56
C LEU A 734 0.06 -36.80 5.42
N SER A 735 -0.32 -37.86 4.71
CA SER A 735 -1.27 -37.70 3.61
C SER A 735 -2.64 -37.34 4.12
N PHE A 736 -3.03 -37.90 5.27
CA PHE A 736 -4.34 -37.64 5.82
C PHE A 736 -4.42 -36.25 6.45
N THR A 737 -3.28 -35.71 6.87
CA THR A 737 -3.26 -34.37 7.42
C THR A 737 -3.46 -33.32 6.33
N SER A 738 -2.92 -33.59 5.15
CA SER A 738 -3.06 -32.64 4.04
C SER A 738 -4.46 -32.64 3.45
N GLN A 739 -5.30 -33.61 3.82
CA GLN A 739 -6.66 -33.66 3.35
C GLN A 739 -7.63 -32.95 4.28
N LEU A 740 -7.38 -32.95 5.59
CA LEU A 740 -8.07 -32.07 6.51
C LEU A 740 -7.69 -30.62 6.29
N LYS A 741 -6.43 -30.28 6.50
CA LYS A 741 -5.93 -28.94 6.28
C LYS A 741 -5.54 -28.85 4.82
N ALA A 742 -6.28 -28.06 4.06
CA ALA A 742 -6.04 -27.95 2.62
C ALA A 742 -4.95 -26.92 2.37
N GLY A 743 -3.79 -27.11 2.99
CA GLY A 743 -2.69 -26.17 2.86
C GLY A 743 -2.97 -24.82 3.47
N LYS A 744 -3.71 -24.78 4.58
CA LYS A 744 -4.08 -23.50 5.14
C LYS A 744 -3.58 -23.28 6.57
N GLY A 745 -3.87 -24.20 7.46
CA GLY A 745 -3.62 -23.93 8.86
C GLY A 745 -2.22 -24.22 9.31
N LEU A 746 -2.12 -24.40 10.62
CA LEU A 746 -0.87 -24.83 11.23
C LEU A 746 -0.76 -26.34 11.18
N THR A 747 0.44 -26.83 10.92
CA THR A 747 0.72 -28.26 10.98
C THR A 747 2.12 -28.46 11.51
N ILE A 748 2.25 -28.93 12.73
CA ILE A 748 3.54 -29.27 13.33
C ILE A 748 3.72 -30.77 13.13
N VAL A 749 4.84 -31.17 12.55
CA VAL A 749 5.18 -32.57 12.37
C VAL A 749 6.25 -32.91 13.40
N GLY A 750 5.85 -33.51 14.51
CA GLY A 750 6.74 -33.77 15.61
C GLY A 750 6.98 -35.26 15.77
N SER A 751 8.24 -35.64 15.92
CA SER A 751 8.61 -37.02 16.17
C SER A 751 9.74 -37.08 17.19
N VAL A 752 9.86 -38.23 17.83
CA VAL A 752 10.72 -38.42 18.99
C VAL A 752 11.56 -39.66 18.79
N LEU A 753 12.87 -39.51 18.96
CA LEU A 753 13.73 -40.69 19.06
C LEU A 753 14.42 -40.67 20.41
N GLU A 754 14.61 -41.86 20.97
CA GLU A 754 15.09 -42.00 22.33
C GLU A 754 16.62 -41.93 22.36
N GLY A 755 17.17 -41.64 23.54
CA GLY A 755 18.60 -41.53 23.74
C GLY A 755 19.01 -40.11 24.14
N THR A 756 20.28 -39.97 24.49
CA THR A 756 20.79 -38.66 24.86
C THR A 756 21.13 -37.89 23.58
N TYR A 757 21.01 -36.56 23.62
CA TYR A 757 21.32 -35.73 22.46
C TYR A 757 22.82 -35.66 22.19
N LEU A 758 23.66 -35.95 23.18
CA LEU A 758 25.10 -35.79 23.06
C LEU A 758 25.71 -36.74 22.05
N ASP A 759 25.16 -37.95 21.93
CA ASP A 759 25.71 -38.92 20.99
C ASP A 759 24.80 -39.23 19.82
N LYS A 760 23.50 -38.96 19.92
CA LYS A 760 22.58 -39.29 18.84
C LYS A 760 22.17 -38.08 18.03
N HIS A 761 22.98 -37.02 18.02
CA HIS A 761 22.69 -35.89 17.15
C HIS A 761 23.20 -36.11 15.74
N MET A 762 23.96 -37.18 15.51
CA MET A 762 24.24 -37.59 14.13
C MET A 762 23.03 -38.25 13.51
N GLU A 763 22.31 -39.07 14.27
CA GLU A 763 21.13 -39.74 13.76
C GLU A 763 19.94 -38.79 13.71
N ALA A 764 19.97 -37.73 14.50
CA ALA A 764 18.89 -36.75 14.48
C ALA A 764 18.98 -35.87 13.26
N GLN A 765 20.16 -35.76 12.66
CA GLN A 765 20.27 -35.01 11.41
C GLN A 765 19.86 -35.87 10.24
N ARG A 766 20.00 -37.20 10.36
CA ARG A 766 19.54 -38.09 9.31
C ARG A 766 18.02 -38.20 9.31
N ALA A 767 17.43 -38.33 10.50
CA ALA A 767 15.99 -38.55 10.60
C ALA A 767 15.21 -37.31 10.24
N GLU A 768 15.79 -36.13 10.45
CA GLU A 768 15.11 -34.90 10.11
C GLU A 768 15.07 -34.69 8.61
N GLU A 769 16.07 -35.19 7.89
CA GLU A 769 16.06 -35.07 6.43
C GLU A 769 15.05 -36.01 5.80
N ASN A 770 14.70 -37.09 6.50
CA ASN A 770 13.65 -37.98 6.00
C ASN A 770 12.28 -37.35 6.14
N ILE A 771 12.07 -36.55 7.19
CA ILE A 771 10.78 -35.89 7.39
C ILE A 771 10.59 -34.80 6.35
N ARG A 772 11.66 -34.09 6.00
CA ARG A 772 11.58 -33.03 4.99
C ARG A 772 11.40 -33.62 3.60
N SER A 773 11.75 -34.88 3.41
CA SER A 773 11.51 -35.53 2.13
C SER A 773 10.04 -35.85 1.94
N LEU A 774 9.34 -36.24 3.02
CA LEU A 774 7.92 -36.49 2.91
C LEU A 774 7.12 -35.21 2.74
N MET A 775 7.45 -34.17 3.51
CA MET A 775 6.60 -32.99 3.53
C MET A 775 6.70 -32.20 2.23
N SER A 776 7.74 -32.45 1.44
CA SER A 776 7.78 -31.92 0.08
C SER A 776 6.87 -32.71 -0.85
N THR A 777 6.86 -34.04 -0.71
CA THR A 777 6.06 -34.86 -1.61
C THR A 777 4.60 -34.87 -1.22
N GLU A 778 4.32 -34.81 0.09
CA GLU A 778 2.94 -34.87 0.55
C GLU A 778 2.26 -33.51 0.49
N LYS A 779 2.97 -32.47 0.05
CA LYS A 779 2.51 -31.08 -0.05
C LYS A 779 2.02 -30.56 1.30
N THR A 780 2.68 -30.99 2.37
CA THR A 780 2.41 -30.48 3.70
C THR A 780 3.16 -29.17 3.88
N LYS A 781 2.41 -28.09 4.03
CA LYS A 781 3.02 -26.78 4.27
C LYS A 781 3.06 -26.52 5.77
N GLY A 782 4.11 -27.04 6.40
CA GLY A 782 4.16 -27.09 7.84
C GLY A 782 5.58 -27.04 8.37
N PHE A 783 5.70 -27.54 9.60
CA PHE A 783 6.85 -27.35 10.44
C PHE A 783 7.32 -28.69 11.00
N CYS A 784 8.60 -28.79 11.30
CA CYS A 784 9.17 -30.05 11.79
C CYS A 784 9.86 -29.83 13.13
N GLN A 785 9.50 -30.64 14.11
CA GLN A 785 10.05 -30.54 15.46
C GLN A 785 10.52 -31.92 15.89
N LEU A 786 11.76 -32.26 15.54
CA LEU A 786 12.37 -33.52 15.96
C LEU A 786 13.06 -33.31 17.30
N VAL A 787 12.78 -34.20 18.24
CA VAL A 787 13.25 -34.11 19.61
C VAL A 787 13.93 -35.42 19.99
N VAL A 788 15.12 -35.33 20.55
CA VAL A 788 15.84 -36.47 21.10
C VAL A 788 15.62 -36.47 22.59
N SER A 789 14.92 -37.48 23.11
CA SER A 789 14.49 -37.49 24.50
C SER A 789 15.10 -38.67 25.21
N SER A 790 15.12 -38.59 26.55
CA SER A 790 15.69 -39.67 27.35
C SER A 790 14.83 -40.92 27.28
N SER A 791 13.52 -40.75 27.17
CA SER A 791 12.58 -41.84 26.94
C SER A 791 11.54 -41.37 25.95
N LEU A 792 10.90 -42.32 25.26
CA LEU A 792 9.94 -41.95 24.23
C LEU A 792 8.62 -41.49 24.87
N ARG A 793 8.39 -41.89 26.12
CA ARG A 793 7.26 -41.38 26.88
C ARG A 793 7.38 -39.88 27.12
N ASP A 794 8.58 -39.44 27.52
CA ASP A 794 8.77 -38.06 27.95
C ASP A 794 8.68 -37.10 26.80
N GLY A 795 9.36 -37.41 25.69
CA GLY A 795 9.44 -36.47 24.58
C GLY A 795 8.12 -36.24 23.87
N MET A 796 7.19 -37.18 23.99
CA MET A 796 5.84 -36.91 23.47
C MET A 796 5.08 -36.01 24.43
N SER A 797 5.47 -35.99 25.70
CA SER A 797 4.78 -35.13 26.66
C SER A 797 5.34 -33.72 26.65
N HIS A 798 6.45 -33.50 25.92
CA HIS A 798 6.95 -32.14 25.77
C HIS A 798 6.44 -31.52 24.49
N LEU A 799 6.15 -32.34 23.49
CA LEU A 799 5.61 -31.82 22.25
C LEU A 799 4.14 -31.48 22.39
N ILE A 800 3.47 -32.08 23.36
CA ILE A 800 2.06 -31.76 23.59
C ILE A 800 1.93 -30.37 24.21
N GLN A 801 2.87 -30.00 25.07
CA GLN A 801 2.71 -28.74 25.80
C GLN A 801 3.58 -27.63 25.26
N SER A 802 4.63 -27.93 24.50
CA SER A 802 5.50 -26.86 24.01
C SER A 802 5.95 -27.04 22.56
N ALA A 803 5.05 -27.37 21.64
CA ALA A 803 5.39 -27.32 20.23
C ALA A 803 4.69 -26.12 19.60
N GLY A 804 5.46 -25.16 19.14
CA GLY A 804 4.86 -23.95 18.62
C GLY A 804 4.90 -22.81 19.61
N LEU A 805 5.44 -21.66 19.22
CA LEU A 805 5.48 -20.56 20.16
C LEU A 805 4.34 -19.58 19.91
N GLY A 806 3.94 -18.93 21.00
CA GLY A 806 2.94 -17.89 21.00
C GLY A 806 1.53 -18.17 20.51
N GLY A 807 1.06 -17.29 19.64
CA GLY A 807 -0.27 -17.39 19.09
C GLY A 807 -0.50 -18.67 18.30
N LEU A 808 0.49 -19.06 17.50
CA LEU A 808 0.31 -20.28 16.74
C LEU A 808 0.83 -21.48 17.50
N LYS A 809 -0.11 -22.19 18.10
CA LYS A 809 0.14 -23.40 18.88
C LYS A 809 -0.87 -24.41 18.39
N HIS A 810 -0.53 -25.68 18.48
CA HIS A 810 -1.44 -26.71 17.96
C HIS A 810 -2.67 -26.84 18.84
N ASN A 811 -3.61 -27.62 18.35
CA ASN A 811 -4.96 -27.67 18.90
C ASN A 811 -5.47 -29.09 19.00
N THR A 812 -4.88 -29.99 18.22
CA THR A 812 -5.32 -31.36 18.02
C THR A 812 -4.08 -32.21 17.90
N VAL A 813 -4.12 -33.44 18.38
CA VAL A 813 -3.01 -34.36 18.22
C VAL A 813 -3.48 -35.54 17.39
N LEU A 814 -2.81 -35.80 16.27
CA LEU A 814 -3.12 -36.93 15.40
C LEU A 814 -2.08 -38.03 15.61
N MET A 815 -2.54 -39.23 15.95
CA MET A 815 -1.66 -40.35 16.20
C MET A 815 -2.03 -41.51 15.30
N ALA A 816 -1.30 -42.60 15.46
CA ALA A 816 -1.61 -43.85 14.79
C ALA A 816 -1.72 -44.94 15.84
N TRP A 817 -2.54 -45.94 15.55
CA TRP A 817 -2.80 -47.04 16.46
C TRP A 817 -1.57 -47.94 16.55
N PRO A 818 -1.11 -48.28 17.76
CA PRO A 818 -0.04 -49.28 17.87
C PRO A 818 -0.53 -50.67 17.52
N ALA A 819 -0.09 -51.18 16.37
CA ALA A 819 -0.65 -52.44 15.86
C ALA A 819 -0.11 -53.64 16.64
N SER A 820 1.20 -53.69 16.86
CA SER A 820 1.81 -54.79 17.60
C SER A 820 1.53 -54.62 19.09
N TRP A 821 0.47 -55.28 19.53
CA TRP A 821 -0.01 -55.09 20.90
C TRP A 821 0.79 -55.93 21.89
N LYS A 822 1.00 -57.21 21.59
CA LYS A 822 1.82 -58.10 22.41
C LYS A 822 3.17 -58.30 21.74
N GLN A 823 4.20 -57.68 22.31
CA GLN A 823 5.57 -57.94 21.87
C GLN A 823 6.47 -58.00 23.08
N GLU A 824 7.77 -57.93 22.83
CA GLU A 824 8.75 -58.05 23.91
C GLU A 824 9.07 -56.68 24.53
N ASP A 825 9.58 -55.75 23.74
CA ASP A 825 10.00 -54.45 24.24
C ASP A 825 8.91 -53.40 24.15
N ASN A 826 7.99 -53.56 23.20
CA ASN A 826 6.78 -52.75 23.01
C ASN A 826 5.81 -52.60 24.18
N PRO A 827 5.73 -53.50 25.20
CA PRO A 827 4.92 -53.16 26.38
C PRO A 827 5.31 -51.88 27.13
N PHE A 828 6.53 -51.39 26.96
CA PHE A 828 6.81 -50.02 27.38
C PHE A 828 6.27 -49.03 26.35
N SER A 829 6.35 -49.38 25.06
CA SER A 829 5.91 -48.46 24.01
C SER A 829 4.41 -48.45 23.86
N TRP A 830 3.76 -49.57 24.19
CA TRP A 830 2.31 -49.63 24.17
C TRP A 830 1.69 -48.81 25.29
N LYS A 831 2.31 -48.83 26.48
CA LYS A 831 1.79 -48.08 27.61
C LYS A 831 1.90 -46.57 27.39
N ASN A 832 2.79 -46.16 26.48
CA ASN A 832 2.91 -44.74 26.14
C ASN A 832 1.69 -44.25 25.38
N PHE A 833 0.92 -45.16 24.77
CA PHE A 833 -0.29 -44.75 24.07
C PHE A 833 -1.38 -44.36 25.04
N VAL A 834 -1.48 -45.04 26.17
CA VAL A 834 -2.57 -44.76 27.08
C VAL A 834 -2.30 -43.47 27.83
N ASP A 835 -1.04 -43.21 28.16
CA ASP A 835 -0.71 -42.05 28.98
C ASP A 835 -0.69 -40.78 28.16
N THR A 836 -0.64 -40.89 26.83
CA THR A 836 -0.73 -39.70 26.01
C THR A 836 -2.17 -39.37 25.66
N VAL A 837 -3.09 -40.29 25.97
CA VAL A 837 -4.50 -39.93 25.98
C VAL A 837 -4.80 -39.10 27.22
N ARG A 838 -4.12 -39.42 28.33
CA ARG A 838 -4.30 -38.67 29.56
C ARG A 838 -3.66 -37.28 29.46
N ASP A 839 -2.63 -37.14 28.62
CA ASP A 839 -1.96 -35.85 28.51
C ASP A 839 -2.76 -34.86 27.67
N THR A 840 -3.39 -35.34 26.60
CA THR A 840 -4.17 -34.44 25.75
C THR A 840 -5.46 -34.01 26.43
N THR A 841 -6.02 -34.86 27.29
CA THR A 841 -7.25 -34.49 27.97
C THR A 841 -6.95 -33.60 29.18
N ALA A 842 -5.70 -33.58 29.63
CA ALA A 842 -5.34 -32.68 30.71
C ALA A 842 -4.96 -31.30 30.18
N ALA A 843 -4.49 -31.25 28.94
CA ALA A 843 -4.13 -30.01 28.28
C ALA A 843 -5.30 -29.40 27.51
N HIS A 844 -6.45 -30.06 27.54
CA HIS A 844 -7.67 -29.68 26.82
C HIS A 844 -7.43 -29.56 25.33
N GLN A 845 -7.00 -30.67 24.74
CA GLN A 845 -6.71 -30.76 23.32
C GLN A 845 -7.45 -31.94 22.73
N ALA A 846 -7.83 -31.81 21.47
CA ALA A 846 -8.51 -32.87 20.75
C ALA A 846 -7.51 -33.95 20.37
N LEU A 847 -7.99 -35.16 20.16
CA LEU A 847 -7.13 -36.28 19.81
C LEU A 847 -7.79 -37.12 18.73
N LEU A 848 -7.01 -37.50 17.73
CA LEU A 848 -7.48 -38.30 16.61
C LEU A 848 -6.59 -39.52 16.47
N VAL A 849 -7.16 -40.70 16.64
CA VAL A 849 -6.43 -41.95 16.47
C VAL A 849 -6.86 -42.58 15.15
N ALA A 850 -5.90 -42.82 14.26
CA ALA A 850 -6.17 -43.46 12.99
C ALA A 850 -5.76 -44.92 13.04
N LYS A 851 -6.72 -45.80 12.77
CA LYS A 851 -6.46 -47.24 12.72
C LYS A 851 -6.37 -47.68 11.27
N ASN A 852 -5.50 -48.68 11.05
CA ASN A 852 -5.13 -49.19 9.73
C ASN A 852 -4.66 -48.06 8.82
N VAL A 853 -3.65 -47.33 9.28
CA VAL A 853 -3.29 -46.06 8.63
C VAL A 853 -2.46 -46.33 7.39
N ASP A 854 -1.98 -47.57 7.23
CA ASP A 854 -1.29 -47.95 6.00
C ASP A 854 -2.24 -47.98 4.81
N SER A 855 -3.50 -48.34 5.05
CA SER A 855 -4.50 -48.38 3.99
C SER A 855 -5.34 -47.10 4.00
N PHE A 856 -4.64 -45.96 3.91
CA PHE A 856 -5.28 -44.68 3.71
C PHE A 856 -4.94 -44.18 2.32
N PRO A 857 -5.79 -43.36 1.70
CA PRO A 857 -5.50 -42.90 0.34
C PRO A 857 -4.37 -41.89 0.30
N GLN A 858 -3.62 -41.92 -0.80
CA GLN A 858 -2.66 -40.87 -1.08
C GLN A 858 -3.36 -39.67 -1.68
N ASN A 859 -2.59 -38.63 -1.99
CA ASN A 859 -3.17 -37.42 -2.56
C ASN A 859 -3.56 -37.62 -4.01
N GLN A 860 -2.99 -38.64 -4.66
CA GLN A 860 -3.24 -38.84 -6.09
C GLN A 860 -4.34 -39.87 -6.32
N GLU A 861 -4.61 -40.72 -5.33
CA GLU A 861 -5.74 -41.63 -5.42
C GLU A 861 -7.04 -40.84 -5.28
N ARG A 862 -8.07 -41.25 -6.02
CA ARG A 862 -9.35 -40.57 -5.99
C ARG A 862 -10.47 -41.59 -5.84
N PHE A 863 -11.27 -41.42 -4.80
CA PHE A 863 -12.39 -42.31 -4.55
C PHE A 863 -13.57 -41.97 -5.44
N GLY A 864 -14.23 -43.01 -5.94
CA GLY A 864 -15.47 -42.88 -6.68
C GLY A 864 -16.59 -43.58 -5.92
N GLY A 865 -17.61 -42.82 -5.57
CA GLY A 865 -18.64 -43.35 -4.70
C GLY A 865 -18.09 -43.53 -3.30
N GLY A 866 -18.57 -44.56 -2.61
CA GLY A 866 -18.18 -44.75 -1.23
C GLY A 866 -18.96 -43.87 -0.28
N HIS A 867 -18.78 -44.12 1.01
CA HIS A 867 -19.54 -43.45 2.06
C HIS A 867 -18.64 -43.19 3.26
N ILE A 868 -18.84 -42.05 3.90
CA ILE A 868 -18.21 -41.74 5.19
C ILE A 868 -19.26 -41.90 6.27
N ASP A 869 -19.06 -42.84 7.18
CA ASP A 869 -20.04 -43.14 8.23
C ASP A 869 -19.60 -42.48 9.52
N VAL A 870 -20.50 -41.71 10.12
CA VAL A 870 -20.26 -41.03 11.37
C VAL A 870 -21.18 -41.64 12.42
N TRP A 871 -20.64 -41.97 13.59
CA TRP A 871 -21.41 -42.61 14.65
C TRP A 871 -21.40 -41.73 15.88
N TRP A 872 -22.30 -40.75 15.92
CA TRP A 872 -22.41 -39.85 17.07
C TRP A 872 -23.24 -40.54 18.14
N ILE A 873 -22.57 -41.10 19.12
CA ILE A 873 -23.30 -41.68 20.24
C ILE A 873 -23.69 -40.57 21.20
N VAL A 874 -22.69 -39.93 21.80
CA VAL A 874 -22.85 -38.86 22.77
C VAL A 874 -21.51 -38.13 22.78
N HIS A 875 -21.42 -36.98 23.47
CA HIS A 875 -20.15 -36.34 23.83
C HIS A 875 -19.34 -35.84 22.64
N ASP A 876 -19.62 -34.58 22.24
CA ASP A 876 -18.86 -33.81 21.25
C ASP A 876 -19.15 -34.27 19.84
N GLY A 877 -20.43 -34.18 19.46
CA GLY A 877 -20.79 -34.26 18.07
C GLY A 877 -20.48 -32.98 17.31
N GLY A 878 -20.06 -31.93 18.01
CA GLY A 878 -19.64 -30.72 17.34
C GLY A 878 -18.44 -30.92 16.42
N MET A 879 -17.39 -31.56 16.94
CA MET A 879 -16.23 -31.89 16.11
C MET A 879 -16.57 -32.98 15.11
N LEU A 880 -17.45 -33.90 15.50
CA LEU A 880 -17.59 -35.15 14.79
C LEU A 880 -18.39 -34.97 13.49
N MET A 881 -19.10 -33.85 13.36
CA MET A 881 -19.72 -33.52 12.08
C MET A 881 -18.78 -32.70 11.22
N LEU A 882 -17.82 -32.02 11.85
CA LEU A 882 -16.99 -31.08 11.11
C LEU A 882 -15.84 -31.79 10.41
N LEU A 883 -15.30 -32.83 11.02
CA LEU A 883 -14.21 -33.62 10.44
C LEU A 883 -14.53 -34.25 9.07
N PRO A 884 -15.69 -34.87 8.82
CA PRO A 884 -15.91 -35.36 7.45
C PRO A 884 -16.32 -34.27 6.48
N PHE A 885 -16.77 -33.12 7.00
CA PHE A 885 -17.07 -31.99 6.12
C PHE A 885 -15.80 -31.36 5.58
N LEU A 886 -14.71 -31.42 6.34
CA LEU A 886 -13.43 -30.87 5.88
C LEU A 886 -12.74 -31.82 4.92
N LEU A 887 -12.90 -33.12 5.13
CA LEU A 887 -12.35 -34.09 4.21
C LEU A 887 -13.03 -34.03 2.86
N ARG A 888 -14.33 -33.74 2.87
CA ARG A 888 -15.15 -33.78 1.66
C ARG A 888 -14.76 -32.69 0.68
N GLN A 889 -14.11 -31.62 1.16
CA GLN A 889 -13.72 -30.54 0.27
C GLN A 889 -12.45 -30.89 -0.51
N HIS A 890 -11.73 -31.93 -0.09
CA HIS A 890 -10.54 -32.34 -0.82
C HIS A 890 -10.93 -33.26 -1.97
N LYS A 891 -10.05 -33.35 -2.96
CA LYS A 891 -10.41 -34.05 -4.21
C LYS A 891 -10.38 -35.55 -4.03
N VAL A 892 -9.78 -36.05 -2.95
CA VAL A 892 -9.82 -37.48 -2.68
C VAL A 892 -11.20 -37.88 -2.19
N TRP A 893 -11.72 -37.18 -1.19
CA TRP A 893 -12.99 -37.53 -0.56
C TRP A 893 -14.14 -36.72 -1.13
N ARG A 894 -14.02 -36.24 -2.37
CA ARG A 894 -14.97 -35.27 -2.92
C ARG A 894 -16.32 -35.90 -3.20
N LYS A 895 -16.33 -37.04 -3.89
CA LYS A 895 -17.56 -37.71 -4.27
C LYS A 895 -17.82 -38.81 -3.25
N CYS A 896 -18.29 -38.42 -2.07
CA CYS A 896 -18.69 -39.38 -1.05
C CYS A 896 -19.97 -38.87 -0.40
N ARG A 897 -20.54 -39.70 0.46
CA ARG A 897 -21.77 -39.37 1.16
C ARG A 897 -21.56 -39.54 2.65
N MET A 898 -22.15 -38.64 3.43
CA MET A 898 -22.10 -38.70 4.87
C MET A 898 -23.35 -39.41 5.37
N ARG A 899 -23.17 -40.54 6.03
CA ARG A 899 -24.25 -41.17 6.79
C ARG A 899 -23.94 -40.96 8.26
N ILE A 900 -24.93 -40.50 9.02
CA ILE A 900 -24.73 -40.14 10.42
C ILE A 900 -25.71 -40.93 11.27
N PHE A 901 -25.17 -41.77 12.14
CA PHE A 901 -25.93 -42.77 12.87
C PHE A 901 -25.88 -42.44 14.34
N THR A 902 -26.95 -42.77 15.07
CA THR A 902 -27.05 -42.50 16.49
C THR A 902 -27.80 -43.63 17.17
N VAL A 903 -27.25 -44.17 18.25
CA VAL A 903 -27.95 -45.17 19.05
C VAL A 903 -28.88 -44.44 20.00
N ALA A 904 -29.98 -45.09 20.38
CA ALA A 904 -31.02 -44.45 21.18
C ALA A 904 -31.28 -45.29 22.43
N GLN A 905 -31.02 -44.70 23.59
CA GLN A 905 -31.51 -45.23 24.87
C GLN A 905 -32.62 -44.37 25.44
N VAL A 906 -32.99 -43.29 24.75
CA VAL A 906 -34.14 -42.47 25.10
C VAL A 906 -35.31 -43.06 24.30
N ASP A 907 -36.53 -42.97 24.82
CA ASP A 907 -37.66 -43.76 24.33
C ASP A 907 -38.06 -43.38 22.90
N ASP A 908 -38.31 -42.10 22.65
CA ASP A 908 -38.73 -41.66 21.33
C ASP A 908 -37.53 -41.41 20.42
N ASN A 909 -37.67 -41.79 19.15
CA ASN A 909 -36.65 -41.54 18.16
C ASN A 909 -36.96 -40.34 17.27
N SER A 910 -38.18 -39.80 17.35
CA SER A 910 -38.60 -38.77 16.41
C SER A 910 -37.95 -37.43 16.73
N ILE A 911 -38.07 -36.98 17.98
CA ILE A 911 -37.50 -35.68 18.35
C ILE A 911 -35.98 -35.78 18.46
N GLN A 912 -35.43 -37.01 18.50
CA GLN A 912 -34.01 -37.18 18.26
C GLN A 912 -33.66 -36.80 16.84
N MET A 913 -34.45 -37.26 15.87
CA MET A 913 -34.12 -37.04 14.47
C MET A 913 -34.42 -35.61 14.03
N LYS A 914 -35.60 -35.10 14.39
CA LYS A 914 -36.04 -33.81 13.88
C LYS A 914 -35.22 -32.66 14.47
N LYS A 915 -34.72 -32.85 15.69
CA LYS A 915 -33.72 -31.92 16.20
C LYS A 915 -32.38 -32.10 15.50
N ASP A 916 -32.04 -33.34 15.12
CA ASP A 916 -30.76 -33.59 14.46
C ASP A 916 -30.78 -33.07 13.03
N LEU A 917 -31.93 -33.15 12.35
CA LEU A 917 -32.01 -32.60 10.99
C LEU A 917 -31.98 -31.09 10.99
N GLN A 918 -32.32 -30.45 12.11
CA GLN A 918 -32.16 -29.00 12.16
C GLN A 918 -30.87 -28.60 12.85
N MET A 919 -30.03 -29.57 13.23
CA MET A 919 -28.65 -29.25 13.58
C MET A 919 -27.87 -28.85 12.33
N PHE A 920 -28.23 -29.45 11.19
CA PHE A 920 -27.52 -29.16 9.95
C PHE A 920 -28.13 -27.98 9.23
N LEU A 921 -29.35 -27.58 9.64
CA LEU A 921 -29.91 -26.34 9.14
C LEU A 921 -29.12 -25.15 9.67
N TYR A 922 -28.60 -25.28 10.89
CA TYR A 922 -27.67 -24.29 11.42
C TYR A 922 -26.28 -24.46 10.82
N HIS A 923 -25.94 -25.67 10.40
CA HIS A 923 -24.59 -25.99 9.95
C HIS A 923 -24.44 -26.04 8.44
N LEU A 924 -25.53 -25.82 7.70
CA LEU A 924 -25.58 -25.74 6.24
C LEU A 924 -25.09 -27.00 5.54
N ARG A 925 -25.22 -28.16 6.17
CA ARG A 925 -24.73 -29.41 5.59
C ARG A 925 -25.75 -30.55 5.71
N ILE A 926 -26.99 -30.28 5.30
CA ILE A 926 -28.10 -31.24 5.41
C ILE A 926 -28.02 -32.33 4.34
N SER A 927 -26.94 -32.38 3.55
CA SER A 927 -26.77 -33.44 2.56
C SER A 927 -26.53 -34.79 3.21
N ALA A 928 -26.21 -34.80 4.49
CA ALA A 928 -26.10 -36.05 5.24
C ALA A 928 -27.47 -36.60 5.62
N GLU A 929 -27.55 -37.91 5.78
CA GLU A 929 -28.80 -38.57 6.15
C GLU A 929 -28.69 -39.20 7.54
N VAL A 930 -29.71 -39.00 8.36
CA VAL A 930 -29.70 -39.42 9.75
C VAL A 930 -30.50 -40.72 9.88
N GLU A 931 -29.95 -41.67 10.61
CA GLU A 931 -30.61 -42.94 10.89
C GLU A 931 -30.37 -43.28 12.35
N VAL A 932 -31.36 -43.87 13.01
CA VAL A 932 -31.26 -44.25 14.40
C VAL A 932 -31.38 -45.77 14.52
N VAL A 933 -30.42 -46.39 15.22
CA VAL A 933 -30.41 -47.82 15.43
C VAL A 933 -30.58 -48.10 16.91
N GLU A 934 -31.50 -49.00 17.24
CA GLU A 934 -31.75 -49.37 18.63
C GLU A 934 -31.91 -50.88 18.71
N MET A 935 -31.74 -51.40 19.93
CA MET A 935 -31.95 -52.82 20.16
C MET A 935 -32.96 -53.04 21.28
N GLN A 1033 -15.67 -57.17 37.82
CA GLN A 1033 -17.02 -57.13 37.28
C GLN A 1033 -17.16 -56.05 36.21
N SER A 1034 -16.32 -55.00 36.32
CA SER A 1034 -16.37 -53.91 35.36
C SER A 1034 -15.90 -54.36 33.98
N ASN A 1035 -14.89 -55.24 33.96
CA ASN A 1035 -14.34 -55.71 32.69
C ASN A 1035 -15.33 -56.62 31.98
N VAL A 1036 -16.20 -57.28 32.75
CA VAL A 1036 -17.36 -57.97 32.18
C VAL A 1036 -18.34 -56.95 31.59
N ARG A 1037 -18.58 -55.85 32.31
CA ARG A 1037 -19.58 -54.88 31.88
C ARG A 1037 -19.08 -54.04 30.71
N ARG A 1038 -17.78 -53.77 30.64
CA ARG A 1038 -17.25 -52.94 29.56
C ARG A 1038 -17.22 -53.71 28.25
N MET A 1039 -16.49 -54.83 28.19
CA MET A 1039 -16.28 -55.52 26.92
C MET A 1039 -17.51 -56.25 26.39
N HIS A 1040 -18.54 -56.45 27.20
CA HIS A 1040 -19.80 -56.95 26.65
C HIS A 1040 -20.51 -55.85 25.87
N THR A 1041 -20.43 -54.62 26.38
CA THR A 1041 -21.05 -53.48 25.69
C THR A 1041 -20.33 -53.19 24.38
N ALA A 1042 -19.03 -53.51 24.31
CA ALA A 1042 -18.27 -53.33 23.07
C ALA A 1042 -18.76 -54.28 21.98
N VAL A 1043 -18.94 -55.56 22.33
CA VAL A 1043 -19.26 -56.56 21.31
C VAL A 1043 -20.73 -56.47 20.91
N LYS A 1044 -21.57 -55.88 21.75
CA LYS A 1044 -22.91 -55.53 21.30
C LYS A 1044 -22.86 -54.37 20.33
N LEU A 1045 -22.05 -53.36 20.64
CA LEU A 1045 -21.92 -52.21 19.75
C LEU A 1045 -21.08 -52.54 18.52
N ASN A 1046 -20.20 -53.54 18.63
CA ASN A 1046 -19.47 -54.01 17.46
C ASN A 1046 -20.41 -54.64 16.45
N GLY A 1047 -21.39 -55.42 16.93
CA GLY A 1047 -22.34 -56.04 16.02
C GLY A 1047 -23.25 -55.03 15.34
N VAL A 1048 -23.46 -53.88 16.00
CA VAL A 1048 -24.28 -52.83 15.40
C VAL A 1048 -23.51 -52.13 14.29
N VAL A 1049 -22.23 -51.85 14.52
CA VAL A 1049 -21.50 -50.92 13.64
C VAL A 1049 -21.11 -51.60 12.34
N LEU A 1050 -20.76 -52.89 12.37
CA LEU A 1050 -20.40 -53.56 11.13
C LEU A 1050 -21.65 -54.04 10.39
N ASN A 1051 -22.80 -53.99 11.05
CA ASN A 1051 -24.06 -54.29 10.37
C ASN A 1051 -24.42 -53.20 9.37
N LYS A 1052 -24.02 -51.95 9.63
CA LYS A 1052 -24.36 -50.84 8.77
C LYS A 1052 -23.16 -50.24 8.06
N SER A 1053 -21.94 -50.61 8.47
CA SER A 1053 -20.72 -49.99 7.95
C SER A 1053 -19.66 -51.03 7.66
N GLN A 1054 -20.07 -52.14 7.04
CA GLN A 1054 -19.12 -53.21 6.75
C GLN A 1054 -18.13 -52.80 5.66
N ASP A 1055 -18.64 -52.27 4.56
CA ASP A 1055 -17.81 -51.73 3.49
C ASP A 1055 -18.12 -50.24 3.37
N ALA A 1056 -17.46 -49.46 4.20
CA ALA A 1056 -17.47 -48.01 4.11
C ALA A 1056 -16.05 -47.54 3.91
N GLN A 1057 -15.90 -46.32 3.43
CA GLN A 1057 -14.56 -45.82 3.19
C GLN A 1057 -13.93 -45.22 4.43
N LEU A 1058 -14.72 -44.65 5.33
CA LEU A 1058 -14.16 -44.18 6.59
C LEU A 1058 -15.25 -44.18 7.66
N VAL A 1059 -14.91 -44.70 8.83
CA VAL A 1059 -15.82 -44.78 9.95
C VAL A 1059 -15.29 -43.93 11.10
N LEU A 1060 -16.08 -42.98 11.55
CA LEU A 1060 -15.75 -42.13 12.68
C LEU A 1060 -16.47 -42.63 13.91
N LEU A 1061 -15.78 -42.68 15.04
CA LEU A 1061 -16.36 -43.16 16.28
C LEU A 1061 -15.95 -42.23 17.41
N ASN A 1062 -16.79 -42.13 18.42
CA ASN A 1062 -16.36 -41.49 19.66
C ASN A 1062 -15.38 -42.39 20.38
N MET A 1063 -14.48 -41.78 21.14
CA MET A 1063 -13.48 -42.51 21.88
C MET A 1063 -13.73 -42.32 23.37
N PRO A 1064 -13.80 -43.38 24.16
CA PRO A 1064 -14.11 -43.22 25.58
C PRO A 1064 -12.94 -42.67 26.36
N GLY A 1065 -13.24 -42.14 27.54
CA GLY A 1065 -12.23 -41.56 28.39
C GLY A 1065 -11.32 -42.61 28.98
N PRO A 1066 -10.06 -42.26 29.22
CA PRO A 1066 -9.11 -43.23 29.76
C PRO A 1066 -9.41 -43.50 31.21
N PRO A 1067 -9.02 -44.67 31.73
CA PRO A 1067 -9.29 -44.97 33.14
C PRO A 1067 -8.45 -44.14 34.09
N LYS A 1068 -8.98 -43.94 35.29
CA LYS A 1068 -8.37 -43.08 36.28
C LYS A 1068 -7.47 -43.83 37.23
N ASN A 1069 -7.72 -45.13 37.44
CA ASN A 1069 -6.97 -45.90 38.43
C ASN A 1069 -5.59 -46.31 37.93
N ARG A 1070 -5.35 -46.26 36.62
CA ARG A 1070 -4.10 -46.54 35.88
C ARG A 1070 -3.78 -48.04 35.83
N GLN A 1071 -4.47 -48.90 36.59
CA GLN A 1071 -4.23 -50.32 36.48
C GLN A 1071 -5.11 -50.99 35.43
N GLY A 1072 -6.08 -50.27 34.88
CA GLY A 1072 -6.93 -50.81 33.85
C GLY A 1072 -6.56 -50.41 32.44
N ASP A 1073 -5.29 -50.11 32.18
CA ASP A 1073 -4.90 -49.65 30.85
C ASP A 1073 -4.86 -50.80 29.85
N GLU A 1074 -4.81 -52.04 30.32
CA GLU A 1074 -4.93 -53.16 29.40
C GLU A 1074 -6.39 -53.49 29.13
N ASN A 1075 -7.28 -53.09 30.03
CA ASN A 1075 -8.71 -53.34 29.80
C ASN A 1075 -9.31 -52.22 28.97
N TYR A 1076 -8.73 -51.02 29.05
CA TYR A 1076 -9.16 -49.93 28.18
C TYR A 1076 -8.74 -50.17 26.74
N MET A 1077 -7.57 -50.80 26.54
CA MET A 1077 -7.14 -51.05 25.17
C MET A 1077 -7.89 -52.24 24.57
N GLU A 1078 -8.27 -53.21 25.40
CA GLU A 1078 -9.09 -54.30 24.88
C GLU A 1078 -10.51 -53.85 24.57
N PHE A 1079 -10.98 -52.79 25.23
CA PHE A 1079 -12.28 -52.23 24.89
C PHE A 1079 -12.25 -51.60 23.51
N LEU A 1080 -11.10 -51.02 23.15
CA LEU A 1080 -11.00 -50.35 21.86
C LEU A 1080 -10.79 -51.33 20.72
N GLU A 1081 -10.17 -52.48 21.01
CA GLU A 1081 -9.91 -53.43 19.95
C GLU A 1081 -11.16 -54.25 19.62
N VAL A 1082 -11.94 -54.60 20.64
CA VAL A 1082 -13.20 -55.32 20.43
C VAL A 1082 -14.22 -54.42 19.73
N LEU A 1083 -14.20 -53.13 20.05
CA LEU A 1083 -15.10 -52.17 19.42
C LEU A 1083 -14.81 -52.02 17.93
N THR A 1084 -13.56 -52.18 17.54
CA THR A 1084 -13.15 -52.00 16.16
C THR A 1084 -12.56 -53.30 15.64
N GLU A 1085 -13.43 -54.17 15.12
CA GLU A 1085 -13.05 -55.44 14.52
C GLU A 1085 -13.52 -55.48 13.08
N GLY A 1086 -12.60 -55.72 12.16
CA GLY A 1086 -12.97 -55.93 10.77
C GLY A 1086 -13.48 -54.69 10.06
N LEU A 1087 -12.82 -53.56 10.27
CA LEU A 1087 -13.14 -52.32 9.59
C LEU A 1087 -11.89 -51.83 8.86
N ASN A 1088 -12.07 -51.29 7.66
CA ASN A 1088 -10.92 -50.95 6.84
C ASN A 1088 -10.25 -49.66 7.29
N ARG A 1089 -11.03 -48.61 7.57
CA ARG A 1089 -10.46 -47.32 7.95
C ARG A 1089 -11.28 -46.74 9.10
N VAL A 1090 -10.65 -46.61 10.27
CA VAL A 1090 -11.32 -46.08 11.45
C VAL A 1090 -10.55 -44.87 11.94
N LEU A 1091 -11.28 -43.80 12.25
CA LEU A 1091 -10.72 -42.65 12.94
C LEU A 1091 -11.49 -42.41 14.22
N LEU A 1092 -10.80 -42.50 15.34
CA LEU A 1092 -11.38 -42.32 16.67
C LEU A 1092 -11.19 -40.89 17.13
N VAL A 1093 -12.27 -40.23 17.55
CA VAL A 1093 -12.28 -38.80 17.79
C VAL A 1093 -12.71 -38.53 19.22
N ARG A 1094 -11.99 -37.65 19.90
CA ARG A 1094 -12.42 -37.10 21.18
C ARG A 1094 -11.78 -35.73 21.36
N GLY A 1095 -12.35 -34.93 22.25
CA GLY A 1095 -11.80 -33.62 22.51
C GLY A 1095 -12.27 -33.09 23.85
N GLY A 1096 -11.90 -31.85 24.15
CA GLY A 1096 -12.38 -31.22 25.35
C GLY A 1096 -12.57 -29.72 25.31
N GLY A 1097 -13.79 -29.25 25.60
CA GLY A 1097 -14.08 -27.84 25.84
C GLY A 1097 -13.87 -26.85 24.71
N ARG A 1098 -14.72 -26.89 23.68
CA ARG A 1098 -14.56 -26.04 22.51
C ARG A 1098 -15.90 -25.80 21.83
N GLU A 1099 -15.96 -24.73 21.03
CA GLU A 1099 -17.20 -24.25 20.43
C GLU A 1099 -17.14 -24.38 18.92
N VAL A 1100 -18.12 -25.07 18.34
CA VAL A 1100 -18.22 -25.17 16.89
C VAL A 1100 -19.51 -24.48 16.45
N ILE A 1101 -19.38 -23.34 15.78
CA ILE A 1101 -20.53 -22.58 15.32
C ILE A 1101 -20.48 -22.43 13.81
N VAL B 104 -5.22 -33.34 -44.93
CA VAL B 104 -6.44 -32.56 -45.03
C VAL B 104 -7.48 -33.18 -44.11
N SER B 105 -7.44 -34.50 -44.02
CA SER B 105 -8.35 -35.22 -43.12
C SER B 105 -8.00 -34.97 -41.66
N SER B 106 -6.73 -34.65 -41.38
CA SER B 106 -6.36 -34.25 -40.03
C SER B 106 -6.63 -32.77 -39.80
N LEU B 107 -6.72 -31.99 -40.88
CA LEU B 107 -6.98 -30.56 -40.73
C LEU B 107 -8.47 -30.26 -40.70
N LEU B 108 -9.31 -31.28 -40.84
CA LEU B 108 -10.75 -31.05 -40.83
C LEU B 108 -11.31 -31.13 -39.42
N ASN B 109 -10.86 -32.11 -38.63
CA ASN B 109 -11.39 -32.25 -37.28
C ASN B 109 -10.70 -31.29 -36.30
N LYS B 110 -9.61 -30.65 -36.73
CA LYS B 110 -9.01 -29.61 -35.91
C LYS B 110 -9.82 -28.33 -35.97
N LEU B 111 -10.28 -27.95 -37.15
CA LEU B 111 -11.07 -26.73 -37.28
C LEU B 111 -12.49 -26.93 -36.75
N ALA B 112 -12.92 -28.18 -36.62
CA ALA B 112 -14.18 -28.47 -35.95
C ALA B 112 -13.99 -28.43 -34.45
N ASN B 113 -12.73 -28.52 -34.01
CA ASN B 113 -12.43 -28.51 -32.58
C ASN B 113 -12.15 -27.09 -32.10
N TYR B 114 -12.08 -26.12 -33.02
CA TYR B 114 -11.72 -24.76 -32.65
C TYR B 114 -12.87 -24.04 -31.95
N THR B 115 -12.55 -23.33 -30.87
CA THR B 115 -13.52 -22.55 -30.12
C THR B 115 -12.82 -21.43 -29.35
N ASN B 116 -13.46 -20.27 -29.33
CA ASN B 116 -12.98 -19.11 -28.57
C ASN B 116 -13.77 -18.99 -27.28
N LEU B 117 -13.51 -19.91 -26.35
CA LEU B 117 -14.18 -19.85 -25.05
C LEU B 117 -13.18 -20.17 -23.97
N SER B 118 -13.45 -19.67 -22.78
CA SER B 118 -12.68 -20.00 -21.60
C SER B 118 -13.27 -21.23 -20.95
N GLN B 119 -12.38 -22.13 -20.54
CA GLN B 119 -12.79 -23.28 -19.74
C GLN B 119 -13.14 -22.80 -18.35
N GLY B 120 -14.40 -22.89 -17.99
CA GLY B 120 -14.83 -22.34 -16.73
C GLY B 120 -14.63 -23.27 -15.56
N VAL B 121 -15.68 -23.43 -14.76
CA VAL B 121 -15.59 -24.23 -13.53
C VAL B 121 -15.87 -25.71 -13.79
N VAL B 122 -16.55 -26.05 -14.89
CA VAL B 122 -16.90 -27.45 -15.11
C VAL B 122 -15.69 -28.24 -15.63
N GLU B 123 -14.69 -27.55 -16.17
CA GLU B 123 -13.47 -28.25 -16.58
C GLU B 123 -12.48 -28.34 -15.43
N HIS B 124 -12.76 -27.65 -14.33
CA HIS B 124 -11.86 -27.69 -13.18
C HIS B 124 -12.33 -28.72 -12.17
N GLU B 125 -13.64 -28.99 -12.13
CA GLU B 125 -14.16 -29.99 -11.21
C GLU B 125 -13.85 -31.40 -11.69
N GLU B 126 -13.98 -31.65 -13.00
CA GLU B 126 -13.75 -32.99 -13.52
C GLU B 126 -12.26 -33.33 -13.55
N ASP B 127 -11.41 -32.31 -13.51
CA ASP B 127 -9.97 -32.51 -13.48
C ASP B 127 -9.51 -32.98 -12.10
N PRO B 138 -9.56 -34.40 -28.97
CA PRO B 138 -8.10 -34.53 -28.91
C PRO B 138 -7.41 -33.32 -28.30
N ARG B 139 -6.10 -33.43 -28.09
CA ARG B 139 -5.34 -32.33 -27.53
C ARG B 139 -4.94 -31.35 -28.61
N MET B 140 -4.93 -30.06 -28.26
CA MET B 140 -4.68 -28.99 -29.21
C MET B 140 -3.20 -28.66 -29.28
N GLY B 141 -2.81 -27.94 -30.32
CA GLY B 141 -1.46 -27.47 -30.46
C GLY B 141 -1.29 -26.02 -30.03
N THR B 142 -0.17 -25.44 -30.44
CA THR B 142 0.09 -24.04 -30.12
C THR B 142 -0.69 -23.11 -31.03
N PHE B 143 -0.89 -23.51 -32.28
CA PHE B 143 -1.51 -22.66 -33.28
C PHE B 143 -3.01 -22.53 -33.07
N ILE B 144 -3.71 -23.66 -32.92
CA ILE B 144 -5.16 -23.63 -32.73
C ILE B 144 -5.54 -23.46 -31.27
N GLY B 145 -4.74 -23.98 -30.36
CA GLY B 145 -5.08 -23.90 -28.95
C GLY B 145 -4.81 -22.58 -28.27
N VAL B 146 -3.74 -21.90 -28.63
CA VAL B 146 -3.30 -20.69 -27.95
C VAL B 146 -3.29 -19.48 -28.88
N TYR B 147 -2.76 -19.65 -30.09
CA TYR B 147 -2.45 -18.52 -30.96
C TYR B 147 -3.73 -17.88 -31.52
N LEU B 148 -4.55 -18.67 -32.19
CA LEU B 148 -5.82 -18.20 -32.74
C LEU B 148 -6.86 -17.69 -31.74
N PRO B 149 -7.06 -18.27 -30.55
CA PRO B 149 -7.96 -17.59 -29.60
C PRO B 149 -7.40 -16.29 -29.07
N CYS B 150 -6.08 -16.16 -28.98
CA CYS B 150 -5.50 -14.92 -28.48
C CYS B 150 -5.53 -13.83 -29.53
N LEU B 151 -5.39 -14.21 -30.81
CA LEU B 151 -5.40 -13.22 -31.88
C LEU B 151 -6.82 -12.77 -32.19
N GLN B 152 -7.81 -13.61 -31.92
CA GLN B 152 -9.18 -13.23 -32.21
C GLN B 152 -9.69 -12.23 -31.20
N ASN B 153 -9.27 -12.36 -29.94
CA ASN B 153 -9.71 -11.45 -28.89
C ASN B 153 -8.92 -10.16 -28.84
N ILE B 154 -7.88 -10.00 -29.67
CA ILE B 154 -7.17 -8.73 -29.72
C ILE B 154 -7.67 -7.86 -30.87
N LEU B 155 -7.70 -8.39 -32.09
CA LEU B 155 -8.13 -7.61 -33.24
C LEU B 155 -9.63 -7.36 -33.18
N GLY B 156 -10.01 -6.12 -32.97
CA GLY B 156 -11.39 -5.79 -32.64
C GLY B 156 -11.90 -4.55 -33.33
N VAL B 157 -12.53 -3.66 -32.56
CA VAL B 157 -13.39 -2.65 -33.15
C VAL B 157 -12.67 -1.31 -33.23
N ILE B 158 -11.57 -1.15 -32.52
CA ILE B 158 -10.85 0.12 -32.54
C ILE B 158 -10.06 0.25 -33.84
N LEU B 159 -9.65 -0.88 -34.43
CA LEU B 159 -8.96 -0.86 -35.71
C LEU B 159 -9.87 -0.31 -36.81
N PHE B 160 -11.14 -0.64 -36.76
CA PHE B 160 -12.01 -0.32 -37.89
C PHE B 160 -12.74 1.01 -37.71
N LEU B 161 -13.05 1.38 -36.47
CA LEU B 161 -13.84 2.59 -36.28
C LEU B 161 -12.97 3.79 -35.92
N ARG B 162 -11.98 3.61 -35.07
CA ARG B 162 -11.30 4.74 -34.46
C ARG B 162 -9.82 4.85 -34.76
N LEU B 163 -9.24 3.96 -35.55
CA LEU B 163 -7.79 4.03 -35.73
C LEU B 163 -7.41 5.10 -36.73
N THR B 164 -8.22 5.30 -37.78
CA THR B 164 -7.91 6.35 -38.74
C THR B 164 -8.13 7.73 -38.15
N TRP B 165 -9.00 7.83 -37.15
CA TRP B 165 -9.22 9.12 -36.50
C TRP B 165 -8.09 9.44 -35.54
N ILE B 166 -7.46 8.42 -34.94
CA ILE B 166 -6.32 8.67 -34.07
C ILE B 166 -5.10 9.10 -34.88
N VAL B 167 -4.91 8.52 -36.06
CA VAL B 167 -3.79 8.89 -36.93
C VAL B 167 -3.99 10.30 -37.48
N GLY B 168 -5.24 10.68 -37.73
CA GLY B 168 -5.50 12.01 -38.21
C GLY B 168 -5.27 13.08 -37.16
N VAL B 169 -5.83 12.87 -35.96
CA VAL B 169 -5.77 13.89 -34.93
C VAL B 169 -4.38 13.99 -34.33
N ALA B 170 -3.76 12.86 -34.00
CA ALA B 170 -2.48 12.87 -33.33
C ALA B 170 -1.29 12.87 -34.27
N GLY B 171 -1.51 12.69 -35.57
CA GLY B 171 -0.40 12.60 -36.50
C GLY B 171 0.26 11.24 -36.44
N VAL B 172 1.23 11.05 -37.33
CA VAL B 172 1.93 9.78 -37.41
C VAL B 172 2.93 9.61 -36.27
N LEU B 173 3.58 10.68 -35.81
CA LEU B 173 4.64 10.54 -34.82
C LEU B 173 4.08 10.25 -33.43
N GLU B 174 3.05 10.98 -33.01
CA GLU B 174 2.52 10.74 -31.66
C GLU B 174 1.71 9.46 -31.59
N SER B 175 1.05 9.08 -32.68
CA SER B 175 0.29 7.85 -32.65
C SER B 175 1.19 6.64 -32.82
N PHE B 176 2.42 6.85 -33.29
CA PHE B 176 3.41 5.80 -33.19
C PHE B 176 3.87 5.61 -31.75
N LEU B 177 3.82 6.67 -30.97
CA LEU B 177 4.22 6.59 -29.57
C LEU B 177 3.12 5.98 -28.71
N ILE B 178 1.85 6.16 -29.10
CA ILE B 178 0.74 5.60 -28.36
C ILE B 178 0.74 4.07 -28.48
N VAL B 179 1.03 3.57 -29.68
CA VAL B 179 1.02 2.14 -29.89
C VAL B 179 2.28 1.49 -29.31
N ALA B 180 3.37 2.24 -29.27
CA ALA B 180 4.60 1.70 -28.70
C ALA B 180 4.51 1.57 -27.18
N MET B 181 3.71 2.43 -26.54
CA MET B 181 3.54 2.34 -25.09
C MET B 181 2.53 1.28 -24.71
N CYS B 182 1.46 1.16 -25.49
CA CYS B 182 0.38 0.25 -25.14
C CYS B 182 0.73 -1.19 -25.48
N CYS B 183 1.57 -1.39 -26.49
CA CYS B 183 1.98 -2.75 -26.84
C CYS B 183 3.16 -3.21 -26.01
N THR B 184 3.78 -2.30 -25.25
CA THR B 184 4.86 -2.69 -24.35
C THR B 184 4.32 -3.07 -22.99
N CYS B 185 3.23 -2.44 -22.57
CA CYS B 185 2.54 -2.82 -21.34
C CYS B 185 1.94 -4.22 -21.45
N THR B 186 1.55 -4.63 -22.66
CA THR B 186 0.98 -5.97 -22.82
C THR B 186 2.05 -6.99 -23.20
N MET B 187 3.22 -6.52 -23.62
CA MET B 187 4.30 -7.45 -23.88
C MET B 187 5.02 -7.82 -22.59
N LEU B 188 5.20 -6.86 -21.69
CA LEU B 188 5.83 -7.16 -20.41
C LEU B 188 4.88 -7.88 -19.47
N THR B 189 3.58 -7.86 -19.78
CA THR B 189 2.61 -8.61 -18.98
C THR B 189 2.51 -10.05 -19.49
N ALA B 190 2.76 -10.26 -20.78
CA ALA B 190 2.74 -11.61 -21.33
C ALA B 190 3.98 -12.38 -20.94
N ILE B 191 5.01 -11.70 -20.44
CA ILE B 191 6.18 -12.38 -19.88
C ILE B 191 5.91 -12.77 -18.43
N SER B 192 5.13 -11.96 -17.72
CA SER B 192 4.72 -12.32 -16.37
C SER B 192 3.67 -13.42 -16.38
N MET B 193 2.83 -13.46 -17.42
CA MET B 193 1.92 -14.59 -17.58
C MET B 193 2.66 -15.82 -18.05
N SER B 194 3.83 -15.65 -18.64
CA SER B 194 4.63 -16.79 -19.06
C SER B 194 5.39 -17.39 -17.90
N ALA B 195 5.65 -16.60 -16.86
CA ALA B 195 6.25 -17.16 -15.65
C ALA B 195 5.23 -17.94 -14.85
N ILE B 196 3.97 -17.51 -14.88
CA ILE B 196 2.91 -18.24 -14.19
C ILE B 196 2.61 -19.55 -14.92
N ALA B 197 2.70 -19.53 -16.24
CA ALA B 197 2.34 -20.71 -17.02
C ALA B 197 3.43 -21.75 -17.01
N THR B 198 4.65 -21.39 -16.61
CA THR B 198 5.69 -22.41 -16.55
C THR B 198 5.90 -22.92 -15.13
N ASN B 199 5.40 -22.18 -14.14
CA ASN B 199 5.44 -22.66 -12.77
C ASN B 199 4.42 -23.76 -12.56
N GLY B 200 4.87 -24.89 -12.04
CA GLY B 200 3.91 -25.88 -11.56
C GLY B 200 3.34 -26.76 -12.66
N VAL B 201 2.03 -27.00 -12.56
CA VAL B 201 1.36 -28.08 -13.28
C VAL B 201 0.43 -27.55 -14.39
N VAL B 202 0.15 -26.25 -14.39
CA VAL B 202 -0.86 -25.58 -15.24
C VAL B 202 -2.22 -26.25 -15.04
N PRO B 203 -2.94 -25.89 -13.99
CA PRO B 203 -4.23 -26.51 -13.72
C PRO B 203 -5.25 -26.22 -14.81
N ALA B 204 -6.15 -27.17 -15.01
CA ALA B 204 -7.14 -27.08 -16.07
C ALA B 204 -8.19 -26.04 -15.72
N GLY B 205 -8.68 -25.38 -16.76
CA GLY B 205 -9.79 -24.47 -16.60
C GLY B 205 -9.36 -23.02 -16.54
N GLY B 206 -9.45 -22.32 -17.67
CA GLY B 206 -9.29 -20.88 -17.74
C GLY B 206 -7.96 -20.32 -17.29
N SER B 207 -7.92 -18.99 -17.31
CA SER B 207 -6.80 -18.22 -16.79
C SER B 207 -6.98 -17.80 -15.34
N TYR B 208 -8.20 -17.93 -14.79
CA TYR B 208 -8.40 -17.61 -13.39
C TYR B 208 -7.77 -18.66 -12.48
N TYR B 209 -7.94 -19.94 -12.83
CA TYR B 209 -7.36 -20.98 -12.00
C TYR B 209 -5.85 -21.09 -12.21
N MET B 210 -5.36 -20.55 -13.32
CA MET B 210 -3.93 -20.61 -13.56
C MET B 210 -3.21 -19.56 -12.75
N ILE B 211 -3.84 -18.39 -12.56
CA ILE B 211 -3.23 -17.31 -11.81
C ILE B 211 -3.40 -17.53 -10.31
N SER B 212 -4.58 -17.96 -9.87
CA SER B 212 -4.87 -17.96 -8.45
C SER B 212 -4.22 -19.14 -7.72
N ARG B 213 -3.70 -20.13 -8.45
CA ARG B 213 -2.98 -21.20 -7.80
C ARG B 213 -1.50 -20.87 -7.67
N SER B 214 -1.02 -19.91 -8.44
CA SER B 214 0.38 -19.51 -8.34
C SER B 214 0.54 -18.30 -7.43
N LEU B 215 -0.42 -17.37 -7.45
CA LEU B 215 -0.30 -16.12 -6.72
C LEU B 215 -1.15 -16.07 -5.46
N GLY B 216 -1.88 -17.13 -5.14
CA GLY B 216 -2.66 -17.16 -3.94
C GLY B 216 -4.05 -16.61 -4.12
N PRO B 217 -4.92 -16.81 -3.13
CA PRO B 217 -6.32 -16.41 -3.31
C PRO B 217 -6.55 -14.92 -3.14
N GLU B 218 -5.60 -14.18 -2.59
CA GLU B 218 -5.79 -12.75 -2.42
C GLU B 218 -5.51 -11.99 -3.71
N PHE B 219 -4.37 -12.29 -4.34
CA PHE B 219 -4.10 -11.75 -5.66
C PHE B 219 -4.97 -12.37 -6.74
N GLY B 220 -5.36 -13.63 -6.60
CA GLY B 220 -6.21 -14.27 -7.57
C GLY B 220 -7.61 -13.70 -7.64
N GLY B 221 -8.16 -13.31 -6.49
CA GLY B 221 -9.51 -12.77 -6.48
C GLY B 221 -9.58 -11.30 -6.85
N ALA B 222 -8.49 -10.58 -6.60
CA ALA B 222 -8.45 -9.16 -6.97
C ALA B 222 -8.21 -9.00 -8.47
N VAL B 223 -7.42 -9.88 -9.07
CA VAL B 223 -7.28 -9.90 -10.52
C VAL B 223 -8.57 -10.36 -11.17
N GLY B 224 -9.21 -11.38 -10.59
CA GLY B 224 -10.37 -11.99 -11.23
C GLY B 224 -11.59 -11.10 -11.27
N LEU B 225 -11.73 -10.23 -10.26
CA LEU B 225 -12.90 -9.34 -10.25
C LEU B 225 -12.63 -8.07 -11.05
N CYS B 226 -11.36 -7.70 -11.24
CA CYS B 226 -11.08 -6.60 -12.15
C CYS B 226 -11.09 -7.07 -13.60
N PHE B 227 -10.82 -8.35 -13.82
CA PHE B 227 -10.92 -8.89 -15.17
C PHE B 227 -12.36 -9.23 -15.52
N TYR B 228 -13.20 -9.45 -14.50
CA TYR B 228 -14.63 -9.58 -14.75
C TYR B 228 -15.27 -8.25 -15.10
N LEU B 229 -14.89 -7.18 -14.39
CA LEU B 229 -15.48 -5.88 -14.66
C LEU B 229 -14.98 -5.29 -15.97
N GLY B 230 -13.77 -5.65 -16.39
CA GLY B 230 -13.29 -5.18 -17.66
C GLY B 230 -13.91 -5.91 -18.82
N THR B 231 -14.30 -7.17 -18.61
CA THR B 231 -14.93 -7.95 -19.68
C THR B 231 -16.38 -7.52 -19.86
N THR B 232 -17.01 -7.06 -18.79
CA THR B 232 -18.41 -6.65 -18.86
C THR B 232 -18.55 -5.32 -19.59
N PHE B 233 -17.69 -4.34 -19.30
CA PHE B 233 -17.70 -3.10 -20.06
C PHE B 233 -17.11 -3.27 -21.45
N ALA B 234 -16.40 -4.37 -21.70
CA ALA B 234 -16.01 -4.67 -23.08
C ALA B 234 -17.22 -5.07 -23.90
N GLY B 235 -18.17 -5.75 -23.29
CA GLY B 235 -19.39 -6.09 -24.01
C GLY B 235 -20.29 -4.89 -24.23
N ALA B 236 -20.10 -3.84 -23.44
CA ALA B 236 -20.85 -2.61 -23.65
C ALA B 236 -20.25 -1.78 -24.77
N MET B 237 -18.94 -1.91 -24.98
CA MET B 237 -18.29 -1.17 -26.07
C MET B 237 -18.56 -1.85 -27.40
N TYR B 238 -18.71 -3.17 -27.39
CA TYR B 238 -18.94 -3.91 -28.62
C TYR B 238 -20.37 -3.78 -29.09
N ILE B 239 -21.30 -3.54 -28.16
CA ILE B 239 -22.70 -3.31 -28.55
C ILE B 239 -22.89 -1.89 -29.03
N LEU B 240 -22.23 -0.92 -28.38
CA LEU B 240 -22.27 0.46 -28.87
C LEU B 240 -21.49 0.60 -30.17
N GLY B 241 -20.56 -0.31 -30.44
CA GLY B 241 -19.84 -0.26 -31.69
C GLY B 241 -20.64 -0.79 -32.85
N THR B 242 -21.47 -1.80 -32.61
CA THR B 242 -22.20 -2.43 -33.70
C THR B 242 -23.51 -1.70 -33.98
N ILE B 243 -23.92 -0.80 -33.09
CA ILE B 243 -25.02 0.10 -33.40
C ILE B 243 -24.52 1.29 -34.20
N GLU B 244 -23.30 1.73 -33.91
CA GLU B 244 -22.69 2.83 -34.64
C GLU B 244 -22.41 2.46 -36.09
N ILE B 245 -22.04 1.21 -36.36
CA ILE B 245 -21.85 0.77 -37.73
C ILE B 245 -23.20 0.70 -38.44
N PHE B 246 -24.24 0.31 -37.72
CA PHE B 246 -25.55 0.14 -38.35
C PHE B 246 -26.18 1.49 -38.67
N LEU B 247 -26.11 2.44 -37.75
CA LEU B 247 -26.86 3.68 -37.93
C LEU B 247 -26.08 4.70 -38.74
N THR B 248 -24.82 4.43 -39.04
CA THR B 248 -24.06 5.41 -39.81
C THR B 248 -23.80 4.90 -41.22
N TYR B 249 -23.50 3.60 -41.37
CA TYR B 249 -22.99 3.12 -42.62
C TYR B 249 -23.89 2.13 -43.35
N ILE B 250 -24.76 1.40 -42.65
CA ILE B 250 -25.63 0.42 -43.30
C ILE B 250 -26.99 1.01 -43.64
N SER B 251 -27.70 1.55 -42.67
CA SER B 251 -29.00 2.19 -42.91
C SER B 251 -29.12 3.40 -42.01
N PRO B 252 -28.64 4.56 -42.45
CA PRO B 252 -28.76 5.76 -41.62
C PRO B 252 -30.16 6.31 -41.54
N GLY B 253 -31.05 5.89 -42.44
CA GLY B 253 -32.43 6.36 -42.39
C GLY B 253 -33.27 5.61 -41.38
N ALA B 254 -32.80 4.45 -40.93
CA ALA B 254 -33.54 3.62 -39.99
C ALA B 254 -33.17 4.01 -38.57
N ALA B 255 -33.57 5.22 -38.17
CA ALA B 255 -33.31 5.70 -36.82
C ALA B 255 -34.59 6.30 -36.27
N ILE B 256 -34.87 6.00 -35.01
CA ILE B 256 -36.13 6.43 -34.40
C ILE B 256 -36.13 7.92 -34.11
N PHE B 257 -35.17 8.39 -33.35
CA PHE B 257 -35.14 9.77 -32.88
C PHE B 257 -34.34 10.61 -33.85
N GLN B 258 -35.04 11.27 -34.77
CA GLN B 258 -34.42 12.11 -35.77
C GLN B 258 -34.36 13.54 -35.24
N ALA B 259 -33.29 14.25 -35.61
CA ALA B 259 -33.08 15.62 -35.17
C ALA B 259 -34.14 16.53 -35.79
N GLU B 260 -34.88 17.24 -34.93
CA GLU B 260 -35.98 18.07 -35.40
C GLU B 260 -35.48 19.35 -36.06
N ALA B 261 -34.25 19.75 -35.73
CA ALA B 261 -33.66 20.97 -36.26
C ALA B 261 -32.20 20.71 -36.57
N ALA B 262 -31.46 21.81 -36.77
CA ALA B 262 -30.08 21.69 -37.26
C ALA B 262 -29.11 21.28 -36.16
N GLY B 263 -29.30 21.77 -34.94
CA GLY B 263 -28.38 21.49 -33.84
C GLY B 263 -28.79 20.27 -33.02
N GLY B 264 -29.64 19.40 -33.56
CA GLY B 264 -30.09 18.25 -32.81
C GLY B 264 -29.33 16.97 -33.09
N GLU B 265 -28.28 17.01 -33.92
CA GLU B 265 -27.62 15.79 -34.34
C GLU B 265 -26.78 15.19 -33.23
N ALA B 266 -26.24 16.04 -32.34
CA ALA B 266 -25.39 15.53 -31.27
C ALA B 266 -26.23 14.99 -30.12
N ALA B 267 -27.46 15.47 -29.99
CA ALA B 267 -28.30 15.04 -28.88
C ALA B 267 -29.15 13.83 -29.27
N ALA B 268 -29.63 13.78 -30.50
CA ALA B 268 -30.54 12.71 -30.89
C ALA B 268 -29.79 11.41 -31.16
N MET B 269 -28.48 11.49 -31.37
CA MET B 269 -27.72 10.27 -31.60
C MET B 269 -27.51 9.50 -30.31
N LEU B 270 -27.49 10.20 -29.17
CA LEU B 270 -27.41 9.52 -27.88
C LEU B 270 -28.70 8.77 -27.58
N HIS B 271 -29.82 9.27 -28.08
CA HIS B 271 -31.09 8.59 -27.81
C HIS B 271 -31.24 7.35 -28.67
N ASN B 272 -30.60 7.32 -29.84
CA ASN B 272 -30.64 6.11 -30.65
C ASN B 272 -29.70 5.05 -30.09
N MET B 273 -28.66 5.47 -29.39
CA MET B 273 -27.74 4.51 -28.78
C MET B 273 -28.37 3.81 -27.58
N ARG B 274 -29.13 4.56 -26.78
CA ARG B 274 -29.69 3.99 -25.56
C ARG B 274 -30.88 3.10 -25.85
N VAL B 275 -31.62 3.41 -26.92
CA VAL B 275 -32.78 2.58 -27.28
C VAL B 275 -32.33 1.32 -27.99
N TYR B 276 -31.48 1.45 -29.01
CA TYR B 276 -31.03 0.28 -29.75
C TYR B 276 -30.04 -0.55 -28.95
N GLY B 277 -29.27 0.09 -28.07
CA GLY B 277 -28.31 -0.65 -27.28
C GLY B 277 -28.95 -1.50 -26.21
N THR B 278 -30.02 -0.99 -25.59
CA THR B 278 -30.72 -1.77 -24.58
C THR B 278 -31.49 -2.92 -25.22
N CYS B 279 -32.03 -2.70 -26.42
CA CYS B 279 -32.75 -3.77 -27.11
C CYS B 279 -31.79 -4.80 -27.70
N THR B 280 -30.56 -4.39 -27.96
CA THR B 280 -29.57 -5.35 -28.44
C THR B 280 -29.04 -6.19 -27.28
N LEU B 281 -28.87 -5.57 -26.11
CA LEU B 281 -28.31 -6.27 -24.95
C LEU B 281 -29.26 -7.33 -24.42
N VAL B 282 -30.56 -7.05 -24.40
CA VAL B 282 -31.50 -8.04 -23.88
C VAL B 282 -31.74 -9.13 -24.91
N LEU B 283 -31.44 -8.85 -26.18
CA LEU B 283 -31.56 -9.87 -27.19
C LEU B 283 -30.29 -10.70 -27.27
N MET B 284 -29.15 -10.05 -26.99
CA MET B 284 -27.87 -10.76 -26.97
C MET B 284 -27.83 -11.74 -25.80
N ALA B 285 -28.46 -11.39 -24.69
CA ALA B 285 -28.41 -12.23 -23.50
C ALA B 285 -29.37 -13.41 -23.61
N LEU B 286 -30.43 -13.28 -24.41
CA LEU B 286 -31.32 -14.42 -24.60
C LEU B 286 -30.70 -15.47 -25.52
N VAL B 287 -29.87 -15.03 -26.48
CA VAL B 287 -29.19 -15.98 -27.35
C VAL B 287 -28.16 -16.78 -26.57
N VAL B 288 -27.48 -16.12 -25.62
CA VAL B 288 -26.48 -16.81 -24.80
C VAL B 288 -27.16 -17.77 -23.83
N PHE B 289 -28.34 -17.41 -23.34
CA PHE B 289 -28.98 -18.22 -22.30
C PHE B 289 -29.57 -19.51 -22.86
N VAL B 290 -30.12 -19.49 -24.07
CA VAL B 290 -30.78 -20.67 -24.61
C VAL B 290 -30.01 -21.32 -25.76
N GLY B 291 -29.12 -20.59 -26.43
CA GLY B 291 -28.49 -21.11 -27.63
C GLY B 291 -26.99 -20.98 -27.65
N VAL B 292 -26.33 -21.23 -26.51
CA VAL B 292 -24.90 -20.97 -26.42
C VAL B 292 -24.11 -22.00 -27.23
N LYS B 293 -24.71 -23.17 -27.51
CA LYS B 293 -24.00 -24.17 -28.29
C LYS B 293 -23.93 -23.78 -29.77
N TYR B 294 -24.83 -22.90 -30.21
CA TYR B 294 -24.78 -22.43 -31.59
C TYR B 294 -23.88 -21.21 -31.71
N VAL B 295 -23.61 -20.55 -30.59
CA VAL B 295 -22.65 -19.44 -30.60
C VAL B 295 -21.23 -19.98 -30.70
N ASN B 296 -20.99 -21.16 -30.12
CA ASN B 296 -19.65 -21.70 -30.09
C ASN B 296 -19.28 -22.31 -31.43
N LYS B 297 -20.27 -22.70 -32.22
CA LYS B 297 -19.99 -23.22 -33.55
C LYS B 297 -19.64 -22.11 -34.52
N LEU B 298 -20.05 -20.88 -34.22
CA LEU B 298 -19.72 -19.72 -35.05
C LEU B 298 -18.40 -19.08 -34.69
N ALA B 299 -17.54 -19.76 -33.95
CA ALA B 299 -16.29 -19.12 -33.51
C ALA B 299 -15.31 -19.00 -34.65
N LEU B 300 -15.47 -19.80 -35.70
CA LEU B 300 -14.55 -19.76 -36.83
C LEU B 300 -15.03 -18.76 -37.87
N VAL B 301 -16.33 -18.47 -37.89
CA VAL B 301 -16.87 -17.47 -38.80
C VAL B 301 -16.45 -16.08 -38.35
N PHE B 302 -16.42 -15.86 -37.04
CA PHE B 302 -16.04 -14.56 -36.50
C PHE B 302 -14.56 -14.30 -36.68
N LEU B 303 -13.75 -15.36 -36.75
CA LEU B 303 -12.33 -15.19 -37.05
C LEU B 303 -12.13 -14.89 -38.53
N ALA B 304 -12.95 -15.49 -39.40
CA ALA B 304 -12.79 -15.27 -40.83
C ALA B 304 -13.27 -13.89 -41.23
N CYS B 305 -14.18 -13.30 -40.47
CA CYS B 305 -14.62 -11.94 -40.77
C CYS B 305 -13.54 -10.93 -40.38
N VAL B 306 -12.71 -11.27 -39.40
CA VAL B 306 -11.59 -10.38 -39.05
C VAL B 306 -10.48 -10.49 -40.08
N VAL B 307 -10.10 -11.73 -40.44
CA VAL B 307 -8.93 -11.95 -41.29
C VAL B 307 -9.17 -11.51 -42.72
N LEU B 308 -10.39 -11.73 -43.24
CA LEU B 308 -10.69 -11.27 -44.59
C LEU B 308 -10.81 -9.75 -44.65
N SER B 309 -11.10 -9.12 -43.51
CA SER B 309 -11.17 -7.66 -43.49
C SER B 309 -9.78 -7.05 -43.42
N ILE B 310 -8.85 -7.70 -42.72
CA ILE B 310 -7.48 -7.21 -42.66
C ILE B 310 -6.79 -7.35 -44.01
N LEU B 311 -7.05 -8.48 -44.70
CA LEU B 311 -6.42 -8.69 -46.00
C LEU B 311 -7.00 -7.75 -47.06
N ALA B 312 -8.24 -7.30 -46.87
CA ALA B 312 -8.82 -6.38 -47.84
C ALA B 312 -8.26 -4.98 -47.68
N ILE B 313 -7.70 -4.67 -46.51
CA ILE B 313 -7.06 -3.37 -46.31
C ILE B 313 -5.69 -3.35 -46.99
N TYR B 314 -4.90 -4.40 -46.77
CA TYR B 314 -3.57 -4.44 -47.36
C TYR B 314 -3.63 -4.69 -48.86
N ALA B 315 -4.72 -5.29 -49.35
CA ALA B 315 -4.88 -5.39 -50.80
C ALA B 315 -5.20 -4.03 -51.40
N GLY B 316 -5.82 -3.16 -50.62
CA GLY B 316 -6.16 -1.84 -51.13
C GLY B 316 -5.01 -0.86 -51.06
N VAL B 317 -4.08 -1.06 -50.12
CA VAL B 317 -2.91 -0.20 -50.02
C VAL B 317 -1.95 -0.47 -51.17
N ILE B 318 -1.75 -1.75 -51.50
CA ILE B 318 -0.91 -2.12 -52.65
C ILE B 318 -1.52 -1.64 -53.94
N LYS B 319 -2.84 -1.70 -54.07
CA LYS B 319 -3.51 -1.22 -55.27
C LYS B 319 -3.49 0.30 -55.34
N SER B 320 -3.32 0.97 -54.20
CA SER B 320 -3.38 2.43 -54.18
C SER B 320 -2.06 3.04 -54.62
N ALA B 321 -1.00 2.24 -54.68
CA ALA B 321 0.28 2.75 -55.17
C ALA B 321 0.30 2.76 -56.70
N PHE B 322 -0.29 1.73 -57.32
CA PHE B 322 -0.29 1.66 -58.78
C PHE B 322 -1.30 2.63 -59.38
N ASP B 323 -2.54 2.57 -58.92
CA ASP B 323 -3.53 3.56 -59.32
C ASP B 323 -4.47 3.90 -58.17
N PRO B 324 -4.50 5.16 -57.73
CA PRO B 324 -5.38 5.52 -56.64
C PRO B 324 -6.82 5.60 -57.11
N PRO B 325 -7.78 5.34 -56.22
CA PRO B 325 -9.19 5.43 -56.62
C PRO B 325 -9.66 6.88 -56.68
N ASP B 326 -10.83 7.11 -57.26
CA ASP B 326 -11.33 8.45 -57.50
C ASP B 326 -12.40 8.76 -56.45
N ILE B 327 -11.97 9.40 -55.38
CA ILE B 327 -12.89 9.88 -54.36
C ILE B 327 -12.69 11.38 -54.20
N PRO B 328 -13.68 12.20 -54.54
CA PRO B 328 -13.55 13.65 -54.36
C PRO B 328 -13.97 14.12 -52.99
N VAL B 329 -13.20 15.06 -52.47
CA VAL B 329 -13.46 15.74 -51.20
C VAL B 329 -13.67 17.21 -51.49
N CYS B 330 -14.73 17.78 -50.96
CA CYS B 330 -15.20 19.09 -51.37
C CYS B 330 -14.78 20.14 -50.35
N LEU B 331 -13.97 21.11 -50.78
CA LEU B 331 -13.46 22.14 -49.91
C LEU B 331 -14.11 23.48 -50.22
N LEU B 332 -14.03 24.40 -49.26
CA LEU B 332 -14.42 25.80 -49.48
C LEU B 332 -13.53 26.65 -48.57
N GLY B 333 -12.42 27.12 -49.12
CA GLY B 333 -11.44 27.77 -48.28
C GLY B 333 -10.60 26.73 -47.58
N ASN B 334 -10.42 26.88 -46.28
CA ASN B 334 -9.78 25.83 -45.50
C ASN B 334 -10.75 24.76 -45.05
N ARG B 335 -11.94 25.14 -44.62
CA ARG B 335 -12.91 24.26 -44.01
C ARG B 335 -13.48 23.28 -45.03
N THR B 336 -13.92 22.14 -44.51
CA THR B 336 -14.41 21.03 -45.32
C THR B 336 -15.89 20.84 -45.03
N LEU B 337 -16.66 20.64 -46.08
CA LEU B 337 -18.11 20.60 -45.98
C LEU B 337 -18.64 19.23 -46.35
N SER B 338 -19.73 18.85 -45.69
CA SER B 338 -20.26 17.50 -45.80
C SER B 338 -20.98 17.29 -47.13
N ARG B 339 -20.87 16.07 -47.64
CA ARG B 339 -21.30 15.70 -48.98
C ARG B 339 -22.65 14.98 -48.95
N ARG B 340 -23.36 15.05 -47.83
CA ARG B 340 -24.56 14.23 -47.63
C ARG B 340 -25.72 14.70 -48.53
N SER B 341 -26.00 15.99 -48.52
CA SER B 341 -27.17 16.50 -49.23
C SER B 341 -26.95 16.54 -50.74
N PHE B 342 -25.96 17.29 -51.18
CA PHE B 342 -25.80 17.58 -52.59
C PHE B 342 -24.93 16.54 -53.27
N ASP B 343 -24.56 16.80 -54.53
CA ASP B 343 -23.69 15.88 -55.27
C ASP B 343 -22.51 16.56 -55.95
N ALA B 344 -22.68 17.80 -56.39
CA ALA B 344 -21.71 18.46 -57.26
C ALA B 344 -21.06 19.65 -56.56
N CYS B 345 -19.75 19.79 -56.74
CA CYS B 345 -18.97 20.85 -56.08
C CYS B 345 -18.75 22.01 -57.04
N VAL B 346 -19.84 22.70 -57.37
CA VAL B 346 -19.78 23.94 -58.12
C VAL B 346 -20.73 24.93 -57.46
N LYS B 347 -20.43 26.22 -57.56
CA LYS B 347 -21.37 27.23 -57.12
C LYS B 347 -22.46 27.50 -58.14
N ALA B 348 -22.15 27.42 -59.43
CA ALA B 348 -23.14 27.62 -60.48
C ALA B 348 -22.68 26.88 -61.72
N TYR B 349 -23.65 26.57 -62.59
CA TYR B 349 -23.40 25.83 -63.81
C TYR B 349 -24.27 26.42 -64.92
N GLY B 350 -24.30 25.74 -66.06
CA GLY B 350 -25.11 26.21 -67.18
C GLY B 350 -26.07 25.19 -67.73
N ILE B 351 -27.38 25.46 -67.59
CA ILE B 351 -28.42 24.62 -68.17
C ILE B 351 -29.37 25.53 -68.93
N HIS B 352 -30.04 24.95 -69.95
CA HIS B 352 -31.08 25.51 -70.83
C HIS B 352 -30.89 27.00 -71.18
N ASN B 353 -29.65 27.31 -71.58
CA ASN B 353 -29.19 28.67 -71.93
C ASN B 353 -29.42 29.66 -70.78
N ASN B 354 -28.97 29.27 -69.59
CA ASN B 354 -29.17 30.10 -68.40
C ASN B 354 -28.11 29.73 -67.36
N SER B 355 -27.55 30.74 -66.70
CA SER B 355 -26.59 30.50 -65.63
C SER B 355 -27.32 30.04 -64.37
N ALA B 356 -27.43 28.73 -64.19
CA ALA B 356 -28.18 28.16 -63.08
C ALA B 356 -27.24 27.83 -61.93
N THR B 357 -27.81 27.83 -60.72
CA THR B 357 -27.04 27.53 -59.52
C THR B 357 -27.25 26.07 -59.13
N SER B 358 -26.26 25.48 -58.46
CA SER B 358 -26.33 24.08 -58.07
C SER B 358 -27.02 23.95 -56.70
N ALA B 359 -27.02 22.71 -56.20
CA ALA B 359 -27.63 22.44 -54.90
C ALA B 359 -26.71 22.84 -53.75
N LEU B 360 -25.43 23.07 -54.01
CA LEU B 360 -24.55 23.63 -53.00
C LEU B 360 -24.90 25.09 -52.73
N TRP B 361 -25.41 25.77 -53.75
CA TRP B 361 -25.86 27.15 -53.60
C TRP B 361 -27.06 27.24 -52.67
N GLY B 362 -27.91 26.22 -52.68
CA GLY B 362 -29.15 26.29 -51.91
C GLY B 362 -28.94 26.10 -50.43
N LEU B 363 -27.78 25.55 -50.04
CA LEU B 363 -27.55 25.27 -48.63
C LEU B 363 -26.91 26.44 -47.90
N PHE B 364 -26.13 27.25 -48.62
CA PHE B 364 -25.54 28.43 -48.00
C PHE B 364 -26.41 29.66 -48.21
N CYS B 365 -26.79 29.93 -49.45
CA CYS B 365 -27.61 31.08 -49.76
C CYS B 365 -29.04 30.83 -49.32
N ASN B 366 -29.80 31.92 -49.12
CA ASN B 366 -31.16 31.79 -48.60
C ASN B 366 -32.10 31.22 -49.66
N GLY B 367 -32.16 31.85 -50.82
CA GLY B 367 -33.02 31.37 -51.88
C GLY B 367 -32.25 30.74 -53.01
N SER B 368 -32.94 30.05 -53.91
CA SER B 368 -32.30 29.46 -55.06
C SER B 368 -31.88 30.52 -56.08
N GLN B 369 -32.56 31.67 -56.06
CA GLN B 369 -32.20 32.77 -56.94
C GLN B 369 -30.89 33.41 -56.47
N PRO B 370 -30.08 33.95 -57.38
CA PRO B 370 -28.75 34.42 -56.97
C PRO B 370 -28.75 35.75 -56.22
N SER B 371 -29.77 36.58 -56.43
CA SER B 371 -29.67 37.96 -55.97
C SER B 371 -30.22 38.14 -54.57
N ALA B 372 -30.71 37.07 -53.94
CA ALA B 372 -31.49 37.23 -52.71
C ALA B 372 -30.60 37.52 -51.50
N ALA B 373 -29.82 36.54 -51.07
CA ALA B 373 -29.04 36.59 -49.84
C ALA B 373 -28.16 35.37 -49.78
N CYS B 374 -26.93 35.57 -49.30
CA CYS B 374 -25.98 34.46 -49.18
C CYS B 374 -25.14 34.66 -47.92
N ASP B 375 -24.35 33.64 -47.60
CA ASP B 375 -23.47 33.69 -46.45
C ASP B 375 -22.28 34.57 -46.78
N GLU B 376 -21.63 35.11 -45.75
CA GLU B 376 -20.52 36.02 -45.99
C GLU B 376 -19.24 35.27 -46.31
N TYR B 377 -19.00 34.14 -45.64
CA TYR B 377 -17.81 33.35 -45.95
C TYR B 377 -17.96 32.63 -47.28
N PHE B 378 -19.20 32.35 -47.70
CA PHE B 378 -19.45 31.63 -48.95
C PHE B 378 -19.12 32.47 -50.17
N ILE B 379 -19.31 33.79 -50.09
CA ILE B 379 -19.10 34.65 -51.25
C ILE B 379 -17.62 34.85 -51.49
N GLN B 380 -16.85 35.14 -50.44
CA GLN B 380 -15.47 35.55 -50.61
C GLN B 380 -14.53 34.40 -50.92
N ASN B 381 -14.97 33.16 -50.82
CA ASN B 381 -14.12 32.00 -51.05
C ASN B 381 -14.70 31.14 -52.16
N ASN B 382 -13.84 30.37 -52.81
CA ASN B 382 -14.25 29.53 -53.93
C ASN B 382 -14.13 28.04 -53.60
N VAL B 383 -14.88 27.23 -54.33
CA VAL B 383 -15.04 25.82 -54.02
C VAL B 383 -13.94 25.02 -54.72
N THR B 384 -13.10 24.36 -53.92
CA THR B 384 -12.00 23.55 -54.41
C THR B 384 -12.35 22.08 -54.23
N GLU B 385 -11.99 21.27 -55.22
CA GLU B 385 -12.27 19.83 -55.19
C GLU B 385 -10.95 19.08 -55.27
N ILE B 386 -10.60 18.39 -54.19
CA ILE B 386 -9.35 17.63 -54.13
C ILE B 386 -9.67 16.15 -54.11
N GLN B 387 -8.63 15.33 -54.23
CA GLN B 387 -8.76 13.88 -54.17
C GLN B 387 -8.58 13.43 -52.73
N GLY B 388 -9.42 12.50 -52.29
CA GLY B 388 -9.42 12.12 -50.89
C GLY B 388 -8.33 11.11 -50.56
N ILE B 389 -8.15 10.11 -51.41
CA ILE B 389 -7.13 9.10 -51.19
C ILE B 389 -6.15 9.22 -52.34
N PRO B 390 -5.09 10.02 -52.20
CA PRO B 390 -4.16 10.21 -53.32
C PRO B 390 -3.21 9.06 -53.54
N GLY B 391 -3.03 8.20 -52.57
CA GLY B 391 -2.20 7.04 -52.76
C GLY B 391 -0.89 7.11 -52.00
N ALA B 392 -0.19 5.98 -52.02
CA ALA B 392 1.13 5.93 -51.40
C ALA B 392 2.19 6.53 -52.32
N ALA B 393 1.83 6.76 -53.58
CA ALA B 393 2.77 7.38 -54.52
C ALA B 393 2.94 8.86 -54.21
N SER B 394 1.86 9.54 -53.87
CA SER B 394 1.95 10.95 -53.51
C SER B 394 2.61 11.11 -52.14
N GLY B 395 3.20 12.27 -51.94
CA GLY B 395 3.91 12.52 -50.70
C GLY B 395 3.06 13.21 -49.65
N VAL B 396 1.97 12.55 -49.24
CA VAL B 396 1.16 13.12 -48.16
C VAL B 396 1.70 12.68 -46.82
N PHE B 397 2.66 11.75 -46.80
CA PHE B 397 3.21 11.26 -45.54
C PHE B 397 3.99 12.35 -44.82
N LEU B 398 4.57 13.28 -45.56
CA LEU B 398 5.27 14.39 -44.93
C LEU B 398 4.29 15.44 -44.43
N GLU B 399 3.07 15.40 -44.94
CA GLU B 399 2.08 16.40 -44.56
C GLU B 399 1.44 16.07 -43.22
N ASN B 400 0.83 14.90 -43.11
CA ASN B 400 0.07 14.52 -41.93
C ASN B 400 0.98 13.78 -40.96
N LEU B 401 1.99 14.49 -40.47
CA LEU B 401 2.99 13.90 -39.59
C LEU B 401 3.03 14.60 -38.24
N TRP B 402 2.26 15.68 -38.07
CA TRP B 402 2.20 16.41 -36.82
C TRP B 402 0.76 16.52 -36.35
N SER B 403 0.60 16.83 -35.07
CA SER B 403 -0.70 16.72 -34.41
C SER B 403 -1.59 17.91 -34.74
N THR B 404 -2.89 17.70 -34.68
CA THR B 404 -3.86 18.75 -34.97
C THR B 404 -4.98 18.75 -33.94
N TYR B 405 -4.63 18.81 -32.65
CA TYR B 405 -5.64 18.81 -31.61
C TYR B 405 -6.44 20.11 -31.63
N ALA B 406 -7.77 19.97 -31.59
CA ALA B 406 -8.66 21.11 -31.65
C ALA B 406 -9.73 20.99 -30.58
N HIS B 407 -10.53 22.04 -30.45
CA HIS B 407 -11.66 22.01 -29.54
C HIS B 407 -12.88 21.40 -30.22
N ALA B 408 -13.97 21.30 -29.46
CA ALA B 408 -15.21 20.78 -30.02
C ALA B 408 -15.89 21.83 -30.87
N GLY B 409 -16.47 21.40 -31.98
CA GLY B 409 -17.13 22.31 -32.88
C GLY B 409 -16.22 23.04 -33.84
N ALA B 410 -14.92 22.76 -33.80
CA ALA B 410 -14.00 23.43 -34.71
C ALA B 410 -14.09 22.84 -36.11
N PHE B 411 -13.55 23.58 -37.07
CA PHE B 411 -13.60 23.14 -38.46
C PHE B 411 -12.49 22.15 -38.75
N VAL B 412 -12.67 21.38 -39.81
CA VAL B 412 -11.65 20.44 -40.26
C VAL B 412 -10.96 21.02 -41.48
N GLU B 413 -9.86 21.72 -41.23
CA GLU B 413 -9.13 22.46 -42.25
C GLU B 413 -7.91 21.82 -42.90
N LYS B 414 -7.58 22.34 -44.08
CA LYS B 414 -6.44 21.85 -44.85
C LYS B 414 -5.39 22.96 -44.92
N LYS B 415 -4.11 22.58 -44.79
CA LYS B 415 -3.05 23.56 -44.64
C LYS B 415 -2.73 24.28 -45.95
N GLY B 416 -2.82 23.57 -47.07
CA GLY B 416 -2.35 24.12 -48.33
C GLY B 416 -3.22 25.17 -48.98
N VAL B 417 -4.53 24.95 -49.01
CA VAL B 417 -5.49 25.78 -49.73
C VAL B 417 -5.58 27.14 -49.05
N PRO B 418 -5.71 28.25 -49.78
CA PRO B 418 -5.84 29.56 -49.12
C PRO B 418 -7.28 29.96 -48.85
N SER B 419 -7.48 30.82 -47.85
CA SER B 419 -8.81 31.34 -47.54
C SER B 419 -8.64 32.75 -47.01
N VAL B 420 -9.74 33.51 -47.01
CA VAL B 420 -9.74 34.85 -46.42
C VAL B 420 -10.63 34.86 -45.19
N PRO B 421 -10.15 35.37 -44.06
CA PRO B 421 -10.94 35.33 -42.84
C PRO B 421 -12.09 36.33 -42.89
N VAL B 422 -13.13 36.02 -42.12
CA VAL B 422 -14.33 36.84 -42.05
C VAL B 422 -14.68 37.04 -40.58
N ALA B 423 -14.88 38.29 -40.18
CA ALA B 423 -15.20 38.62 -38.80
C ALA B 423 -16.70 38.55 -38.49
N GLU B 424 -17.53 38.19 -39.47
CA GLU B 424 -18.96 38.04 -39.23
C GLU B 424 -19.21 36.79 -38.38
N GLU B 425 -20.34 36.79 -37.68
CA GLU B 425 -20.63 35.74 -36.70
C GLU B 425 -20.89 34.40 -37.39
N SER B 426 -20.69 33.32 -36.65
CA SER B 426 -20.78 31.99 -37.22
C SER B 426 -21.54 31.08 -36.27
N ARG B 427 -22.64 30.50 -36.76
CA ARG B 427 -23.26 29.31 -36.16
C ARG B 427 -23.05 28.19 -37.18
N ALA B 428 -22.00 27.39 -36.96
CA ALA B 428 -21.56 26.43 -37.96
C ALA B 428 -22.46 25.19 -37.98
N SER B 429 -23.31 25.03 -36.97
CA SER B 429 -24.13 23.83 -36.87
C SER B 429 -25.23 23.81 -37.93
N ALA B 430 -25.72 24.98 -38.34
CA ALA B 430 -26.81 25.02 -39.30
C ALA B 430 -26.32 24.79 -40.73
N LEU B 431 -25.16 25.32 -41.06
CA LEU B 431 -24.61 25.19 -42.40
C LEU B 431 -24.01 23.79 -42.58
N PRO B 432 -23.98 23.27 -43.81
CA PRO B 432 -23.33 21.97 -44.03
C PRO B 432 -21.82 22.06 -43.92
N TYR B 433 -21.30 21.57 -42.81
CA TYR B 433 -19.87 21.59 -42.51
C TYR B 433 -19.48 20.24 -41.97
N VAL B 434 -18.18 20.03 -41.83
CA VAL B 434 -17.64 18.93 -41.05
C VAL B 434 -17.01 19.52 -39.81
N LEU B 435 -17.49 19.11 -38.64
CA LEU B 435 -17.07 19.72 -37.38
C LEU B 435 -16.52 18.63 -36.47
N THR B 436 -15.58 19.02 -35.62
CA THR B 436 -14.97 18.10 -34.67
C THR B 436 -15.98 17.81 -33.57
N ASP B 437 -16.22 16.52 -33.30
CA ASP B 437 -17.26 16.15 -32.36
C ASP B 437 -16.81 16.33 -30.91
N ILE B 438 -15.59 15.94 -30.60
CA ILE B 438 -15.08 15.93 -29.24
C ILE B 438 -13.76 16.68 -29.21
N ALA B 439 -13.47 17.35 -28.09
CA ALA B 439 -12.20 18.02 -27.93
C ALA B 439 -11.10 17.03 -27.58
N ALA B 440 -10.12 16.90 -28.45
CA ALA B 440 -9.15 15.81 -28.39
C ALA B 440 -7.84 16.27 -27.78
N SER B 441 -7.16 15.37 -27.09
CA SER B 441 -5.87 15.63 -26.48
C SER B 441 -4.95 14.45 -26.76
N PHE B 442 -3.79 14.45 -26.13
CA PHE B 442 -2.96 13.25 -26.16
C PHE B 442 -3.47 12.22 -25.17
N THR B 443 -3.88 12.67 -23.99
CA THR B 443 -4.31 11.75 -22.94
C THR B 443 -5.66 11.16 -23.24
N LEU B 444 -6.44 11.83 -24.09
CA LEU B 444 -7.73 11.28 -24.49
C LEU B 444 -7.55 10.15 -25.48
N LEU B 445 -6.54 10.24 -26.35
CA LEU B 445 -6.37 9.24 -27.40
C LEU B 445 -5.68 7.99 -26.88
N VAL B 446 -4.98 8.10 -25.76
CA VAL B 446 -4.39 6.92 -25.13
C VAL B 446 -5.49 6.04 -24.54
N GLY B 447 -6.48 6.66 -23.89
CA GLY B 447 -7.58 5.93 -23.32
C GLY B 447 -8.51 5.30 -24.33
N ILE B 448 -8.67 5.90 -25.50
CA ILE B 448 -9.48 5.34 -26.56
C ILE B 448 -8.76 4.21 -27.28
N TYR B 449 -7.44 4.31 -27.41
CA TYR B 449 -6.71 3.27 -28.11
C TYR B 449 -6.51 2.01 -27.29
N PHE B 450 -6.31 2.12 -25.97
CA PHE B 450 -5.89 0.97 -25.15
C PHE B 450 -6.79 -0.27 -25.19
N PRO B 451 -8.14 -0.22 -25.39
CA PRO B 451 -8.86 -1.50 -25.54
C PRO B 451 -8.56 -2.29 -26.80
N SER B 452 -7.67 -1.80 -27.65
CA SER B 452 -7.31 -2.51 -28.86
C SER B 452 -6.14 -3.47 -28.66
N VAL B 453 -5.55 -3.50 -27.48
CA VAL B 453 -4.41 -4.37 -27.22
C VAL B 453 -4.72 -5.38 -26.12
N THR B 454 -5.86 -5.27 -25.48
CA THR B 454 -6.28 -6.18 -24.42
C THR B 454 -6.70 -7.51 -25.03
N GLY B 455 -6.43 -8.61 -24.32
CA GLY B 455 -6.63 -9.92 -24.88
C GLY B 455 -5.46 -10.86 -24.66
N ILE B 456 -4.57 -10.52 -23.72
CA ILE B 456 -3.49 -11.42 -23.32
C ILE B 456 -4.05 -12.70 -22.74
N MET B 457 -5.07 -12.57 -21.88
CA MET B 457 -5.59 -13.69 -21.11
C MET B 457 -6.37 -14.68 -21.95
N ALA B 458 -6.63 -14.36 -23.22
CA ALA B 458 -7.29 -15.29 -24.12
C ALA B 458 -6.38 -16.42 -24.58
N GLY B 459 -5.07 -16.29 -24.38
CA GLY B 459 -4.17 -17.36 -24.76
C GLY B 459 -4.23 -18.56 -23.86
N SER B 460 -4.64 -18.38 -22.62
CA SER B 460 -4.71 -19.50 -21.68
C SER B 460 -6.15 -19.86 -21.33
N ASN B 461 -7.04 -19.80 -22.33
CA ASN B 461 -8.40 -20.28 -22.12
C ASN B 461 -8.47 -21.80 -22.14
N ARG B 462 -7.50 -22.47 -22.75
CA ARG B 462 -7.58 -23.88 -23.04
C ARG B 462 -6.45 -24.61 -22.34
N SER B 463 -6.26 -24.32 -21.06
CA SER B 463 -5.16 -24.90 -20.30
C SER B 463 -5.35 -26.40 -20.06
N GLY B 464 -6.58 -26.88 -20.10
CA GLY B 464 -6.81 -28.29 -19.93
C GLY B 464 -6.83 -29.11 -21.19
N ASP B 465 -6.77 -28.46 -22.35
CA ASP B 465 -6.86 -29.15 -23.63
C ASP B 465 -5.59 -29.05 -24.46
N LEU B 466 -4.45 -28.73 -23.85
CA LEU B 466 -3.20 -28.65 -24.56
C LEU B 466 -2.35 -29.87 -24.23
N LYS B 467 -1.52 -30.28 -25.17
CA LYS B 467 -0.67 -31.44 -24.91
C LYS B 467 0.58 -31.05 -24.13
N ASP B 468 1.01 -29.79 -24.25
CA ASP B 468 2.17 -29.29 -23.50
C ASP B 468 1.88 -27.83 -23.15
N ALA B 469 1.28 -27.60 -21.98
CA ALA B 469 0.78 -26.28 -21.67
C ALA B 469 1.89 -25.36 -21.18
N GLN B 470 2.99 -25.93 -20.69
CA GLN B 470 4.09 -25.08 -20.24
C GLN B 470 4.88 -24.52 -21.42
N LYS B 471 4.69 -25.08 -22.61
CA LYS B 471 5.39 -24.64 -23.81
C LYS B 471 4.48 -23.89 -24.76
N SER B 472 3.19 -24.24 -24.79
CA SER B 472 2.27 -23.63 -25.75
C SER B 472 1.86 -22.23 -25.32
N ILE B 473 1.53 -22.04 -24.04
CA ILE B 473 1.03 -20.77 -23.52
C ILE B 473 2.07 -19.64 -23.65
N PRO B 474 3.36 -19.80 -23.27
CA PRO B 474 4.28 -18.68 -23.52
C PRO B 474 4.59 -18.43 -24.98
N THR B 475 4.50 -19.46 -25.82
CA THR B 475 4.86 -19.28 -27.22
C THR B 475 3.73 -18.62 -28.01
N GLY B 476 2.51 -19.07 -27.80
CA GLY B 476 1.39 -18.55 -28.56
C GLY B 476 0.94 -17.16 -28.18
N THR B 477 1.05 -16.79 -26.91
CA THR B 477 0.65 -15.44 -26.51
C THR B 477 1.65 -14.41 -26.96
N ILE B 478 2.95 -14.73 -26.86
CA ILE B 478 3.97 -13.77 -27.25
C ILE B 478 3.99 -13.59 -28.76
N LEU B 479 3.74 -14.66 -29.51
CA LEU B 479 3.67 -14.54 -30.97
C LEU B 479 2.38 -13.85 -31.42
N ALA B 480 1.40 -13.74 -30.53
CA ALA B 480 0.18 -13.02 -30.89
C ALA B 480 0.30 -11.54 -30.60
N ILE B 481 1.09 -11.16 -29.59
CA ILE B 481 1.31 -9.74 -29.33
C ILE B 481 2.21 -9.15 -30.41
N VAL B 482 3.12 -9.95 -30.95
CA VAL B 482 4.01 -9.49 -32.01
C VAL B 482 3.24 -9.28 -33.31
N THR B 483 2.37 -10.22 -33.66
CA THR B 483 1.72 -10.16 -34.96
C THR B 483 0.57 -9.16 -34.97
N THR B 484 0.12 -8.69 -33.81
CA THR B 484 -0.89 -7.64 -33.81
C THR B 484 -0.25 -6.27 -33.66
N SER B 485 0.86 -6.19 -32.93
CA SER B 485 1.58 -4.93 -32.86
C SER B 485 2.23 -4.59 -34.20
N PHE B 486 2.50 -5.60 -35.02
CA PHE B 486 2.93 -5.32 -36.37
C PHE B 486 1.80 -4.76 -37.21
N ILE B 487 0.56 -5.22 -36.96
CA ILE B 487 -0.57 -4.74 -37.75
C ILE B 487 -0.91 -3.30 -37.40
N TYR B 488 -0.87 -2.95 -36.11
CA TYR B 488 -1.21 -1.58 -35.74
C TYR B 488 -0.11 -0.60 -36.10
N LEU B 489 1.15 -1.05 -36.09
CA LEU B 489 2.24 -0.14 -36.46
C LEU B 489 2.37 -0.03 -37.97
N SER B 490 1.92 -1.04 -38.71
CA SER B 490 1.93 -0.92 -40.16
C SER B 490 0.77 -0.10 -40.65
N CYS B 491 -0.38 -0.15 -39.98
CA CYS B 491 -1.54 0.61 -40.45
C CYS B 491 -1.36 2.10 -40.23
N ILE B 492 -0.66 2.51 -39.18
CA ILE B 492 -0.42 3.92 -38.92
C ILE B 492 0.47 4.53 -39.98
N VAL B 493 1.49 3.78 -40.41
CA VAL B 493 2.34 4.25 -41.49
C VAL B 493 1.58 4.23 -42.81
N LEU B 494 0.69 3.27 -43.00
CA LEU B 494 0.01 3.15 -44.28
C LEU B 494 -1.29 3.94 -44.32
N PHE B 495 -1.78 4.45 -43.18
CA PHE B 495 -2.91 5.36 -43.26
C PHE B 495 -2.44 6.79 -43.46
N GLY B 496 -1.30 7.14 -42.86
CA GLY B 496 -0.77 8.49 -43.04
C GLY B 496 -0.23 8.70 -44.44
N ALA B 497 0.39 7.68 -45.01
CA ALA B 497 1.03 7.79 -46.31
C ALA B 497 0.06 7.59 -47.47
N CYS B 498 -1.21 7.28 -47.18
CA CYS B 498 -2.14 7.00 -48.27
C CYS B 498 -3.40 7.83 -48.25
N ILE B 499 -3.88 8.30 -47.10
CA ILE B 499 -5.11 9.06 -47.01
C ILE B 499 -4.76 10.50 -46.71
N GLU B 500 -5.41 11.42 -47.44
CA GLU B 500 -5.30 12.84 -47.12
C GLU B 500 -5.81 13.11 -45.71
N GLY B 501 -5.08 13.95 -44.99
CA GLY B 501 -5.31 14.09 -43.56
C GLY B 501 -6.60 14.81 -43.22
N VAL B 502 -7.26 15.40 -44.22
CA VAL B 502 -8.52 16.06 -43.93
C VAL B 502 -9.65 15.03 -43.95
N VAL B 503 -9.39 13.83 -44.45
CA VAL B 503 -10.35 12.73 -44.42
C VAL B 503 -10.16 11.90 -43.16
N LEU B 504 -8.95 11.90 -42.60
CA LEU B 504 -8.67 11.12 -41.40
C LEU B 504 -9.26 11.77 -40.16
N ARG B 505 -9.30 13.10 -40.12
CA ARG B 505 -9.95 13.86 -39.05
C ARG B 505 -11.44 13.77 -39.07
N ASP B 506 -12.02 13.11 -40.06
CA ASP B 506 -13.46 13.03 -40.24
C ASP B 506 -13.94 11.69 -39.67
N LYS B 507 -14.39 11.71 -38.42
CA LYS B 507 -15.24 10.62 -37.93
C LYS B 507 -16.53 10.58 -38.73
N PHE B 508 -17.14 9.39 -38.77
CA PHE B 508 -18.46 9.12 -39.34
C PHE B 508 -18.54 9.37 -40.85
N GLY B 509 -17.41 9.58 -41.52
CA GLY B 509 -17.28 9.67 -42.97
C GLY B 509 -18.18 10.66 -43.68
N GLU B 510 -18.40 11.82 -43.09
CA GLU B 510 -19.33 12.80 -43.63
C GLU B 510 -18.87 13.41 -44.93
N ALA B 511 -17.57 13.54 -45.13
CA ALA B 511 -17.07 14.05 -46.40
C ALA B 511 -17.18 13.02 -47.52
N LEU B 512 -17.12 11.74 -47.20
CA LEU B 512 -17.12 10.69 -48.21
C LEU B 512 -18.51 10.13 -48.44
N GLN B 513 -19.52 10.99 -48.62
CA GLN B 513 -20.93 10.61 -48.85
C GLN B 513 -21.49 9.67 -47.78
N GLY B 514 -20.96 9.72 -46.57
CA GLY B 514 -21.40 8.79 -45.54
C GLY B 514 -20.86 7.39 -45.69
N ASN B 515 -19.57 7.24 -45.96
CA ASN B 515 -18.92 5.95 -46.11
C ASN B 515 -17.80 5.81 -45.10
N LEU B 516 -17.38 4.56 -44.86
CA LEU B 516 -16.34 4.30 -43.88
C LEU B 516 -14.98 4.61 -44.49
N VAL B 517 -14.14 5.33 -43.73
CA VAL B 517 -12.88 5.83 -44.25
C VAL B 517 -11.89 4.69 -44.49
N ILE B 518 -11.81 3.73 -43.57
CA ILE B 518 -10.94 2.57 -43.77
C ILE B 518 -11.54 1.65 -44.84
N GLY B 519 -12.84 1.77 -45.10
CA GLY B 519 -13.46 0.94 -46.10
C GLY B 519 -13.25 1.43 -47.51
N MET B 520 -13.11 2.75 -47.69
CA MET B 520 -12.85 3.28 -49.02
C MET B 520 -11.44 2.97 -49.48
N LEU B 521 -10.55 2.67 -48.53
CA LEU B 521 -9.18 2.31 -48.85
C LEU B 521 -9.09 0.86 -49.34
N ALA B 522 -10.05 0.02 -48.95
CA ALA B 522 -10.00 -1.39 -49.30
C ALA B 522 -10.27 -1.62 -50.77
N TRP B 523 -9.69 -2.69 -51.33
CA TRP B 523 -9.80 -2.88 -52.77
C TRP B 523 -11.14 -3.42 -53.25
N PRO B 524 -11.64 -4.61 -52.83
CA PRO B 524 -12.75 -5.22 -53.59
C PRO B 524 -14.05 -4.46 -53.49
N SER B 525 -14.36 -3.96 -52.31
CA SER B 525 -15.51 -3.11 -52.06
C SER B 525 -15.32 -2.47 -50.70
N PRO B 526 -15.97 -1.33 -50.44
CA PRO B 526 -16.09 -0.88 -49.05
C PRO B 526 -16.98 -1.77 -48.22
N TRP B 527 -17.84 -2.57 -48.86
CA TRP B 527 -18.79 -3.41 -48.14
C TRP B 527 -18.12 -4.65 -47.56
N VAL B 528 -16.86 -4.92 -47.91
CA VAL B 528 -16.14 -6.02 -47.28
C VAL B 528 -15.88 -5.71 -45.82
N ILE B 529 -15.47 -4.47 -45.54
CA ILE B 529 -15.13 -4.11 -44.17
C ILE B 529 -16.39 -3.81 -43.37
N VAL B 530 -17.38 -3.16 -44.00
CA VAL B 530 -18.60 -2.76 -43.27
C VAL B 530 -19.39 -3.98 -42.82
N ILE B 531 -19.51 -4.98 -43.69
CA ILE B 531 -20.13 -6.24 -43.27
C ILE B 531 -19.19 -7.03 -42.38
N GLY B 532 -17.89 -6.97 -42.66
CA GLY B 532 -16.94 -7.74 -41.87
C GLY B 532 -16.73 -7.19 -40.48
N SER B 533 -16.85 -5.87 -40.31
CA SER B 533 -16.73 -5.29 -38.98
C SER B 533 -18.05 -5.35 -38.23
N PHE B 534 -19.15 -5.64 -38.95
CA PHE B 534 -20.43 -5.73 -38.28
C PHE B 534 -20.60 -7.09 -37.60
N PHE B 535 -20.15 -8.15 -38.26
CA PHE B 535 -20.33 -9.48 -37.70
C PHE B 535 -19.30 -9.79 -36.63
N SER B 536 -18.08 -9.28 -36.78
CA SER B 536 -17.05 -9.60 -35.80
C SER B 536 -17.19 -8.76 -34.54
N THR B 537 -18.00 -7.70 -34.59
CA THR B 537 -18.25 -6.90 -33.40
C THR B 537 -19.47 -7.41 -32.66
N CYS B 538 -20.48 -7.89 -33.40
CA CYS B 538 -21.57 -8.64 -32.77
C CYS B 538 -21.06 -9.95 -32.20
N GLY B 539 -20.02 -10.51 -32.80
CA GLY B 539 -19.49 -11.76 -32.29
C GLY B 539 -18.62 -11.57 -31.06
N ALA B 540 -17.96 -10.43 -30.95
CA ALA B 540 -17.17 -10.15 -29.77
C ALA B 540 -18.05 -9.76 -28.60
N GLY B 541 -19.24 -9.24 -28.89
CA GLY B 541 -20.21 -8.99 -27.84
C GLY B 541 -20.84 -10.26 -27.31
N LEU B 542 -20.97 -11.28 -28.16
CA LEU B 542 -21.47 -12.56 -27.69
C LEU B 542 -20.43 -13.27 -26.83
N GLN B 543 -19.16 -13.17 -27.21
CA GLN B 543 -18.10 -13.81 -26.44
C GLN B 543 -17.86 -13.08 -25.13
N SER B 544 -18.15 -11.79 -25.08
CA SER B 544 -17.96 -11.03 -23.85
C SER B 544 -19.12 -11.26 -22.88
N LEU B 545 -20.20 -11.86 -23.36
CA LEU B 545 -21.39 -12.02 -22.54
C LEU B 545 -21.61 -13.49 -22.20
N THR B 546 -20.84 -14.37 -22.83
CA THR B 546 -20.81 -15.77 -22.43
C THR B 546 -19.53 -16.09 -21.66
N GLY B 547 -18.56 -15.19 -21.68
CA GLY B 547 -17.28 -15.48 -21.07
C GLY B 547 -17.09 -14.81 -19.72
N ALA B 548 -17.76 -13.68 -19.52
CA ALA B 548 -17.71 -13.02 -18.22
C ALA B 548 -18.63 -13.64 -17.15
N PRO B 549 -19.83 -14.16 -17.45
CA PRO B 549 -20.53 -14.92 -16.41
C PRO B 549 -19.86 -16.23 -16.00
N ARG B 550 -19.05 -16.86 -16.86
CA ARG B 550 -18.34 -18.06 -16.42
C ARG B 550 -17.22 -17.71 -15.46
N LEU B 551 -16.69 -16.49 -15.57
CA LEU B 551 -15.62 -16.07 -14.67
C LEU B 551 -16.17 -15.77 -13.29
N LEU B 552 -17.31 -15.09 -13.22
CA LEU B 552 -17.95 -14.80 -11.94
C LEU B 552 -18.43 -16.05 -11.25
N GLN B 553 -18.86 -17.06 -12.02
CA GLN B 553 -19.29 -18.31 -11.43
C GLN B 553 -18.11 -19.08 -10.85
N ALA B 554 -16.93 -18.95 -11.45
CA ALA B 554 -15.77 -19.65 -10.92
C ALA B 554 -15.25 -18.99 -9.66
N ILE B 555 -15.34 -17.66 -9.57
CA ILE B 555 -14.96 -16.95 -8.36
C ILE B 555 -15.96 -17.21 -7.25
N ALA B 556 -17.25 -17.29 -7.61
CA ALA B 556 -18.30 -17.51 -6.61
C ALA B 556 -18.22 -18.90 -6.02
N ARG B 557 -17.93 -19.91 -6.85
CA ARG B 557 -17.88 -21.26 -6.35
C ARG B 557 -16.56 -21.54 -5.66
N ASP B 558 -15.59 -20.63 -5.80
CA ASP B 558 -14.30 -20.82 -5.17
C ASP B 558 -14.35 -20.49 -3.68
N GLY B 559 -15.32 -19.67 -3.27
CA GLY B 559 -15.56 -19.40 -1.87
C GLY B 559 -14.66 -18.38 -1.21
N ILE B 560 -13.88 -17.62 -1.98
CA ILE B 560 -12.90 -16.72 -1.38
C ILE B 560 -13.53 -15.39 -1.03
N VAL B 561 -14.57 -15.01 -1.75
CA VAL B 561 -15.36 -13.82 -1.48
C VAL B 561 -16.81 -14.26 -1.26
N PRO B 562 -17.32 -14.18 -0.03
CA PRO B 562 -18.51 -14.97 0.29
C PRO B 562 -19.84 -14.24 0.11
N PHE B 563 -19.85 -12.92 -0.09
CA PHE B 563 -21.14 -12.26 -0.25
C PHE B 563 -21.72 -12.54 -1.63
N LEU B 564 -20.85 -13.00 -2.51
CA LEU B 564 -21.14 -13.34 -3.91
C LEU B 564 -21.36 -14.83 -4.13
N GLN B 565 -21.66 -15.56 -3.06
CA GLN B 565 -21.84 -17.02 -3.14
C GLN B 565 -22.96 -17.52 -4.05
N VAL B 566 -24.08 -16.81 -4.11
CA VAL B 566 -25.21 -17.24 -4.93
C VAL B 566 -24.89 -17.32 -6.43
N PHE B 567 -24.12 -16.33 -6.91
CA PHE B 567 -23.75 -16.24 -8.31
C PHE B 567 -23.04 -17.49 -8.80
N GLY B 568 -22.87 -18.50 -7.96
CA GLY B 568 -22.26 -19.74 -8.38
C GLY B 568 -23.24 -20.81 -8.78
N HIS B 569 -24.54 -20.52 -8.70
CA HIS B 569 -25.53 -21.49 -9.13
C HIS B 569 -25.54 -21.59 -10.65
N GLY B 570 -25.84 -22.78 -11.16
CA GLY B 570 -25.91 -22.98 -12.58
C GLY B 570 -27.06 -23.90 -12.94
N LYS B 571 -27.12 -24.23 -14.23
CA LYS B 571 -28.09 -25.20 -14.72
C LYS B 571 -27.56 -26.61 -14.50
N ALA B 572 -28.23 -27.60 -15.09
CA ALA B 572 -27.82 -28.99 -14.91
C ALA B 572 -26.50 -29.28 -15.60
N ASN B 573 -26.25 -28.64 -16.74
CA ASN B 573 -24.97 -28.83 -17.43
C ASN B 573 -23.89 -27.89 -16.91
N GLY B 574 -24.26 -26.91 -16.10
CA GLY B 574 -23.29 -26.02 -15.48
C GLY B 574 -23.25 -24.62 -16.04
N GLU B 575 -24.25 -24.18 -16.79
CA GLU B 575 -24.20 -22.85 -17.39
C GLU B 575 -24.77 -21.83 -16.41
N PRO B 576 -24.21 -20.62 -16.35
CA PRO B 576 -24.60 -19.68 -15.29
C PRO B 576 -25.98 -19.08 -15.53
N THR B 577 -26.70 -18.86 -14.43
CA THR B 577 -28.04 -18.29 -14.45
C THR B 577 -28.09 -16.93 -13.79
N TRP B 578 -27.68 -16.83 -12.52
CA TRP B 578 -27.73 -15.54 -11.84
C TRP B 578 -26.50 -14.71 -12.15
N ALA B 579 -25.50 -15.32 -12.76
CA ALA B 579 -24.32 -14.57 -13.18
C ALA B 579 -24.58 -13.83 -14.49
N LEU B 580 -25.49 -14.35 -15.31
CA LEU B 580 -25.93 -13.59 -16.49
C LEU B 580 -26.69 -12.34 -16.10
N LEU B 581 -27.53 -12.43 -15.07
CA LEU B 581 -28.41 -11.32 -14.75
C LEU B 581 -27.62 -10.17 -14.13
N LEU B 582 -26.54 -10.48 -13.42
CA LEU B 582 -25.70 -9.39 -12.91
C LEU B 582 -24.90 -8.76 -14.03
N THR B 583 -24.47 -9.57 -14.99
CA THR B 583 -23.62 -9.07 -16.07
C THR B 583 -24.40 -8.16 -17.02
N VAL B 584 -25.68 -8.46 -17.24
CA VAL B 584 -26.52 -7.61 -18.07
C VAL B 584 -26.76 -6.26 -17.39
N LEU B 585 -26.90 -6.27 -16.07
CA LEU B 585 -27.15 -5.02 -15.35
C LEU B 585 -25.91 -4.15 -15.26
N ILE B 586 -24.71 -4.75 -15.22
CA ILE B 586 -23.50 -3.94 -15.24
C ILE B 586 -23.22 -3.45 -16.66
N CYS B 587 -23.53 -4.27 -17.66
CA CYS B 587 -23.32 -3.87 -19.04
C CYS B 587 -24.36 -2.87 -19.51
N GLU B 588 -25.49 -2.79 -18.79
CA GLU B 588 -26.50 -1.78 -19.11
C GLU B 588 -26.04 -0.39 -18.71
N THR B 589 -25.22 -0.27 -17.68
CA THR B 589 -24.75 1.05 -17.25
C THR B 589 -23.71 1.61 -18.20
N GLY B 590 -23.08 0.75 -18.99
CA GLY B 590 -22.14 1.24 -19.98
C GLY B 590 -22.82 1.65 -21.26
N ILE B 591 -24.01 1.10 -21.51
CA ILE B 591 -24.80 1.48 -22.67
C ILE B 591 -25.54 2.79 -22.39
N LEU B 592 -25.82 3.07 -21.12
CA LEU B 592 -26.42 4.36 -20.77
C LEU B 592 -25.43 5.51 -20.90
N ILE B 593 -24.14 5.22 -20.96
CA ILE B 593 -23.17 6.26 -21.27
C ILE B 593 -23.24 6.61 -22.76
N ALA B 594 -23.47 5.60 -23.60
CA ALA B 594 -23.97 5.74 -24.97
C ALA B 594 -23.00 6.44 -25.90
N SER B 595 -21.71 6.30 -25.64
CA SER B 595 -20.70 6.78 -26.57
C SER B 595 -19.53 5.84 -26.50
N LEU B 596 -18.93 5.54 -27.65
CA LEU B 596 -17.82 4.61 -27.72
C LEU B 596 -16.56 5.19 -27.09
N ASP B 597 -16.47 6.52 -26.99
CA ASP B 597 -15.26 7.18 -26.54
C ASP B 597 -15.21 7.41 -25.04
N SER B 598 -16.33 7.23 -24.34
CA SER B 598 -16.35 7.39 -22.90
C SER B 598 -16.36 6.07 -22.15
N VAL B 599 -16.82 4.99 -22.77
CA VAL B 599 -16.74 3.67 -22.16
C VAL B 599 -15.31 3.16 -22.19
N ALA B 600 -14.57 3.53 -23.24
CA ALA B 600 -13.20 3.03 -23.43
C ALA B 600 -12.17 3.45 -22.38
N PRO B 601 -12.20 4.64 -21.76
CA PRO B 601 -11.31 4.83 -20.61
C PRO B 601 -11.74 4.07 -19.36
N ILE B 602 -13.03 3.77 -19.22
CA ILE B 602 -13.49 2.98 -18.07
C ILE B 602 -13.09 1.53 -18.25
N LEU B 603 -13.16 1.05 -19.50
CA LEU B 603 -12.74 -0.30 -19.85
C LEU B 603 -11.25 -0.50 -19.67
N SER B 604 -10.47 0.51 -20.04
CA SER B 604 -9.01 0.40 -19.98
C SER B 604 -8.51 0.40 -18.54
N MET B 605 -9.34 0.88 -17.63
CA MET B 605 -8.91 1.08 -16.26
C MET B 605 -8.95 -0.22 -15.48
N PHE B 606 -9.80 -1.15 -15.91
CA PHE B 606 -9.88 -2.42 -15.21
C PHE B 606 -8.87 -3.42 -15.75
N PHE B 607 -8.55 -3.32 -17.03
CA PHE B 607 -7.51 -4.18 -17.57
C PHE B 607 -6.12 -3.75 -17.12
N LEU B 608 -5.87 -2.44 -17.05
CA LEU B 608 -4.59 -1.97 -16.52
C LEU B 608 -4.46 -2.23 -15.04
N MET B 609 -5.57 -2.44 -14.34
CA MET B 609 -5.50 -2.73 -12.92
C MET B 609 -5.16 -4.19 -12.69
N CYS B 610 -5.69 -5.10 -13.50
CA CYS B 610 -5.37 -6.51 -13.31
C CYS B 610 -4.04 -6.87 -13.95
N TYR B 611 -3.55 -6.05 -14.88
CA TYR B 611 -2.19 -6.23 -15.37
C TYR B 611 -1.19 -5.66 -14.38
N LEU B 612 -1.64 -4.76 -13.52
CA LEU B 612 -0.76 -4.18 -12.51
C LEU B 612 -0.48 -5.18 -11.41
N PHE B 613 -1.47 -6.02 -11.05
CA PHE B 613 -1.27 -6.98 -9.97
C PHE B 613 -0.50 -8.20 -10.45
N VAL B 614 -0.64 -8.56 -11.72
CA VAL B 614 0.09 -9.72 -12.23
C VAL B 614 1.58 -9.40 -12.29
N ASN B 615 1.90 -8.16 -12.67
CA ASN B 615 3.29 -7.75 -12.71
C ASN B 615 3.84 -7.49 -11.31
N LEU B 616 2.99 -7.06 -10.37
CA LEU B 616 3.46 -6.82 -9.02
C LEU B 616 3.66 -8.11 -8.25
N ALA B 617 2.74 -9.07 -8.40
CA ALA B 617 2.82 -10.28 -7.60
C ALA B 617 3.94 -11.20 -8.09
N CYS B 618 4.30 -11.10 -9.36
CA CYS B 618 5.39 -11.94 -9.86
C CYS B 618 6.74 -11.34 -9.51
N ALA B 619 6.80 -10.03 -9.28
CA ALA B 619 8.06 -9.40 -8.91
C ALA B 619 8.32 -9.51 -7.43
N VAL B 620 7.27 -9.48 -6.62
CA VAL B 620 7.42 -9.59 -5.17
C VAL B 620 7.80 -11.01 -4.78
N GLN B 621 7.20 -12.00 -5.41
CA GLN B 621 7.47 -13.39 -5.04
C GLN B 621 8.84 -13.85 -5.53
N THR B 622 9.44 -13.12 -6.47
CA THR B 622 10.81 -13.43 -6.87
C THR B 622 11.80 -12.80 -5.91
N LEU B 623 11.55 -11.57 -5.49
CA LEU B 623 12.44 -10.90 -4.55
C LEU B 623 12.35 -11.50 -3.16
N LEU B 624 11.14 -11.67 -2.63
CA LEU B 624 10.99 -12.14 -1.27
C LEU B 624 11.16 -13.65 -1.12
N ARG B 625 11.42 -14.36 -2.22
CA ARG B 625 11.72 -15.80 -2.24
C ARG B 625 10.60 -16.63 -1.62
N THR B 626 9.40 -16.47 -2.17
CA THR B 626 8.25 -17.23 -1.75
C THR B 626 8.44 -18.70 -2.13
N PRO B 627 8.12 -19.64 -1.26
CA PRO B 627 8.19 -21.05 -1.64
C PRO B 627 7.12 -21.39 -2.67
N ASN B 628 7.42 -22.44 -3.45
CA ASN B 628 6.59 -22.88 -4.59
C ASN B 628 6.40 -21.78 -5.62
N TRP B 629 7.44 -21.00 -5.88
CA TRP B 629 7.48 -20.05 -6.99
C TRP B 629 8.83 -20.22 -7.65
N ARG B 630 8.90 -21.12 -8.62
CA ARG B 630 10.12 -21.35 -9.38
C ARG B 630 9.78 -21.41 -10.86
N PRO B 631 9.62 -20.29 -11.54
CA PRO B 631 9.24 -20.32 -12.96
C PRO B 631 10.39 -20.68 -13.88
N ARG B 632 10.26 -21.78 -14.63
CA ARG B 632 11.33 -22.22 -15.52
C ARG B 632 11.12 -21.72 -16.96
N PHE B 633 10.88 -20.42 -17.06
CA PHE B 633 10.83 -19.76 -18.36
C PHE B 633 12.14 -19.02 -18.55
N LYS B 634 12.64 -19.04 -19.79
CA LYS B 634 14.01 -18.60 -20.03
C LYS B 634 14.15 -17.09 -19.93
N PHE B 635 13.27 -16.35 -20.58
CA PHE B 635 13.39 -14.90 -20.70
C PHE B 635 12.53 -14.26 -19.62
N TYR B 636 12.86 -14.52 -18.37
CA TYR B 636 12.13 -13.92 -17.27
C TYR B 636 13.12 -13.43 -16.22
N HIS B 637 12.96 -12.18 -15.85
CA HIS B 637 13.71 -11.59 -14.75
C HIS B 637 12.74 -10.68 -14.02
N TRP B 638 12.95 -10.53 -12.71
CA TRP B 638 12.01 -9.76 -11.90
C TRP B 638 11.97 -8.28 -12.25
N THR B 639 13.05 -7.75 -12.83
CA THR B 639 13.03 -6.35 -13.26
C THR B 639 12.14 -6.16 -14.47
N LEU B 640 11.89 -7.23 -15.21
CA LEU B 640 11.08 -7.14 -16.41
C LEU B 640 9.60 -7.14 -16.09
N SER B 641 9.23 -7.58 -14.89
CA SER B 641 7.89 -7.43 -14.32
C SER B 641 7.78 -6.16 -13.49
N PHE B 642 8.88 -5.71 -12.90
CA PHE B 642 8.89 -4.42 -12.22
C PHE B 642 8.75 -3.29 -13.24
N LEU B 643 9.36 -3.44 -14.41
CA LEU B 643 9.23 -2.44 -15.45
C LEU B 643 7.85 -2.49 -16.08
N GLY B 644 7.25 -3.67 -16.11
CA GLY B 644 5.88 -3.77 -16.62
C GLY B 644 4.88 -3.22 -15.64
N MET B 645 5.19 -3.29 -14.35
CA MET B 645 4.33 -2.65 -13.36
C MET B 645 4.42 -1.13 -13.46
N SER B 646 5.59 -0.60 -13.77
CA SER B 646 5.78 0.84 -13.78
C SER B 646 5.19 1.47 -15.03
N LEU B 647 5.13 0.73 -16.12
CA LEU B 647 4.58 1.28 -17.36
C LEU B 647 3.07 1.14 -17.36
N CYS B 648 2.54 0.08 -16.75
CA CYS B 648 1.09 -0.07 -16.70
C CYS B 648 0.49 0.76 -15.57
N LEU B 649 1.35 1.34 -14.73
CA LEU B 649 0.91 2.36 -13.77
C LEU B 649 1.01 3.76 -14.38
N ALA B 650 1.99 3.98 -15.25
CA ALA B 650 2.14 5.28 -15.90
C ALA B 650 1.06 5.50 -16.93
N LEU B 651 0.63 4.45 -17.64
CA LEU B 651 -0.49 4.58 -18.57
C LEU B 651 -1.80 4.76 -17.82
N MET B 652 -1.82 4.35 -16.56
CA MET B 652 -3.06 4.36 -15.81
C MET B 652 -3.38 5.76 -15.29
N PHE B 653 -2.36 6.62 -15.19
CA PHE B 653 -2.57 8.02 -14.83
C PHE B 653 -2.51 8.95 -16.04
N ILE B 654 -2.06 8.45 -17.19
CA ILE B 654 -2.21 9.24 -18.40
C ILE B 654 -3.67 9.31 -18.82
N CYS B 655 -4.38 8.18 -18.80
CA CYS B 655 -5.77 8.08 -19.22
C CYS B 655 -6.69 8.95 -18.37
N SER B 656 -6.78 8.67 -17.07
CA SER B 656 -7.50 9.53 -16.15
C SER B 656 -6.98 9.27 -14.76
N TRP B 657 -6.67 10.33 -14.01
CA TRP B 657 -6.06 10.12 -12.70
C TRP B 657 -7.09 9.79 -11.65
N TYR B 658 -8.36 10.12 -11.87
CA TYR B 658 -9.37 9.84 -10.86
C TYR B 658 -10.10 8.54 -11.16
N TYR B 659 -10.03 8.06 -12.41
CA TYR B 659 -10.40 6.68 -12.66
C TYR B 659 -9.34 5.74 -12.10
N ALA B 660 -8.09 6.18 -12.03
CA ALA B 660 -7.02 5.34 -11.53
C ALA B 660 -7.09 5.19 -10.01
N LEU B 661 -7.48 6.25 -9.31
CA LEU B 661 -7.61 6.15 -7.86
C LEU B 661 -8.85 5.36 -7.49
N SER B 662 -9.87 5.38 -8.35
CA SER B 662 -11.05 4.58 -8.08
C SER B 662 -10.77 3.10 -8.27
N ALA B 663 -9.91 2.76 -9.24
CA ALA B 663 -9.60 1.36 -9.49
C ALA B 663 -8.62 0.82 -8.47
N MET B 664 -7.73 1.67 -7.95
CA MET B 664 -6.79 1.20 -6.95
C MET B 664 -7.44 1.07 -5.58
N LEU B 665 -8.51 1.84 -5.34
CA LEU B 665 -9.21 1.71 -4.06
C LEU B 665 -10.25 0.61 -4.11
N ILE B 666 -10.82 0.31 -5.28
CA ILE B 666 -11.72 -0.83 -5.37
C ILE B 666 -10.93 -2.13 -5.25
N ALA B 667 -9.85 -2.26 -6.00
CA ALA B 667 -9.10 -3.51 -6.02
C ALA B 667 -8.25 -3.69 -4.75
N GLY B 668 -7.88 -2.59 -4.11
CA GLY B 668 -7.17 -2.71 -2.85
C GLY B 668 -8.08 -3.12 -1.70
N CYS B 669 -9.37 -2.85 -1.82
CA CYS B 669 -10.32 -3.24 -0.79
C CYS B 669 -10.91 -4.62 -1.06
N ILE B 670 -10.75 -5.12 -2.28
CA ILE B 670 -11.06 -6.53 -2.53
C ILE B 670 -9.94 -7.39 -1.98
N TYR B 671 -8.71 -6.88 -2.00
CA TYR B 671 -7.56 -7.63 -1.50
C TYR B 671 -7.66 -7.81 0.02
N LYS B 672 -8.01 -6.75 0.74
CA LYS B 672 -8.04 -6.84 2.20
C LYS B 672 -9.30 -7.52 2.69
N TYR B 673 -10.34 -7.57 1.87
CA TYR B 673 -11.55 -8.28 2.26
C TYR B 673 -11.37 -9.78 2.14
N ILE B 674 -10.54 -10.23 1.19
CA ILE B 674 -10.30 -11.65 1.03
C ILE B 674 -9.35 -12.15 2.12
N GLU B 675 -8.42 -11.29 2.56
CA GLU B 675 -7.58 -11.64 3.71
C GLU B 675 -8.40 -11.78 4.99
N TYR B 676 -9.35 -10.86 5.19
CA TYR B 676 -10.10 -10.86 6.43
C TYR B 676 -11.04 -12.05 6.52
N ARG B 677 -11.73 -12.39 5.42
CA ARG B 677 -12.66 -13.50 5.47
C ARG B 677 -11.94 -14.84 5.42
N GLY B 678 -10.72 -14.86 4.86
CA GLY B 678 -9.96 -16.09 4.82
C GLY B 678 -9.32 -16.42 6.15
N ALA B 679 -9.15 -15.41 7.00
CA ALA B 679 -8.59 -15.63 8.32
C ALA B 679 -9.68 -15.81 9.37
N GLU B 680 -10.84 -15.19 9.13
CA GLU B 680 -12.01 -15.45 9.96
C GLU B 680 -12.51 -16.88 9.77
N LYS B 681 -12.34 -17.43 8.58
CA LYS B 681 -12.80 -18.78 8.32
C LYS B 681 -11.95 -19.81 9.03
N GLU B 682 -10.67 -19.51 9.21
CA GLU B 682 -9.67 -20.48 9.61
C GLU B 682 -9.27 -20.38 11.09
N TRP B 683 -8.75 -19.25 11.50
CA TRP B 683 -8.17 -19.10 12.83
C TRP B 683 -9.18 -18.49 13.77
N GLY B 684 -10.40 -19.00 13.83
CA GLY B 684 -11.37 -18.40 14.72
C GLY B 684 -11.65 -16.94 14.39
N ASP B 685 -11.45 -16.06 15.38
CA ASP B 685 -11.68 -14.62 15.24
C ASP B 685 -10.81 -13.95 14.16
N GLY B 686 -11.40 -13.03 13.42
CA GLY B 686 -10.71 -12.31 12.36
C GLY B 686 -9.53 -11.38 12.67
N ILE B 687 -9.64 -10.55 13.71
CA ILE B 687 -8.53 -9.64 14.06
C ILE B 687 -7.33 -10.46 14.52
N ARG B 688 -7.63 -11.46 15.33
CA ARG B 688 -6.66 -12.42 15.84
C ARG B 688 -6.15 -13.32 14.73
N GLY B 689 -7.04 -13.73 13.83
CA GLY B 689 -6.64 -14.61 12.76
C GLY B 689 -5.86 -13.92 11.66
N LEU B 690 -6.00 -12.61 11.57
CA LEU B 690 -5.34 -11.88 10.50
C LEU B 690 -3.87 -11.67 10.81
N SER B 691 -3.48 -11.84 12.07
CA SER B 691 -2.08 -11.82 12.48
C SER B 691 -1.49 -13.22 12.53
N LEU B 692 -2.31 -14.25 12.66
CA LEU B 692 -1.78 -15.61 12.69
C LEU B 692 -1.51 -16.14 11.28
N ASN B 693 -2.28 -15.67 10.29
CA ASN B 693 -1.91 -15.98 8.91
C ASN B 693 -0.70 -15.19 8.46
N ALA B 694 -0.47 -14.01 9.04
CA ALA B 694 0.69 -13.24 8.68
C ALA B 694 1.96 -13.85 9.24
N ALA B 695 1.87 -14.47 10.42
CA ALA B 695 3.03 -15.08 11.04
C ALA B 695 3.35 -16.42 10.39
N ARG B 696 2.33 -17.15 9.96
CA ARG B 696 2.56 -18.45 9.34
C ARG B 696 3.14 -18.29 7.95
N TYR B 697 2.66 -17.30 7.20
CA TYR B 697 3.11 -17.13 5.82
C TYR B 697 4.52 -16.55 5.77
N ALA B 698 4.92 -15.84 6.82
CA ALA B 698 6.27 -15.28 6.85
C ALA B 698 7.28 -16.31 7.34
N LEU B 699 6.83 -17.34 8.05
CA LEU B 699 7.76 -18.35 8.53
C LEU B 699 7.97 -19.46 7.51
N LEU B 700 7.06 -19.60 6.55
CA LEU B 700 7.26 -20.62 5.53
C LEU B 700 8.20 -20.15 4.45
N ARG B 701 8.43 -18.84 4.35
CA ARG B 701 9.44 -18.33 3.44
C ARG B 701 10.85 -18.62 3.93
N VAL B 702 11.02 -18.68 5.25
CA VAL B 702 12.33 -18.75 5.86
C VAL B 702 12.78 -20.20 5.97
N GLU B 703 11.85 -21.13 5.73
CA GLU B 703 12.01 -22.56 5.96
C GLU B 703 13.08 -23.19 5.06
N HIS B 704 13.46 -22.52 3.98
CA HIS B 704 14.31 -23.10 2.93
C HIS B 704 15.76 -22.67 3.00
N GLY B 705 16.04 -21.44 3.41
CA GLY B 705 17.36 -20.87 3.29
C GLY B 705 18.39 -21.41 4.26
N PRO B 706 19.62 -20.89 4.19
CA PRO B 706 20.68 -21.35 5.08
C PRO B 706 20.49 -20.79 6.48
N PRO B 707 21.00 -21.48 7.51
CA PRO B 707 20.72 -21.04 8.90
C PRO B 707 21.41 -19.74 9.29
N HIS B 708 22.61 -19.50 8.79
CA HIS B 708 23.31 -18.24 9.00
C HIS B 708 23.94 -17.81 7.68
N THR B 709 23.84 -16.52 7.38
CA THR B 709 24.32 -16.03 6.09
C THR B 709 25.51 -15.10 6.22
N LYS B 710 25.36 -13.97 6.92
CA LYS B 710 26.45 -12.99 6.92
C LYS B 710 26.84 -12.46 8.30
N ASN B 711 25.88 -12.21 9.19
CA ASN B 711 26.22 -11.57 10.46
C ASN B 711 25.62 -12.34 11.63
N TRP B 712 26.15 -12.07 12.82
CA TRP B 712 25.68 -12.68 14.05
C TRP B 712 25.10 -11.62 14.96
N ARG B 713 24.02 -11.96 15.65
CA ARG B 713 23.37 -11.14 16.64
C ARG B 713 22.74 -12.14 17.58
N PRO B 714 22.79 -11.95 18.90
CA PRO B 714 22.30 -12.97 19.82
C PRO B 714 20.77 -13.02 19.84
N GLN B 715 20.22 -14.22 19.78
CA GLN B 715 18.78 -14.45 19.88
C GLN B 715 18.60 -15.45 21.00
N VAL B 716 18.19 -14.99 22.16
CA VAL B 716 18.54 -15.64 23.43
C VAL B 716 17.36 -16.43 23.99
N LEU B 717 17.65 -17.65 24.42
CA LEU B 717 16.81 -18.43 25.32
C LEU B 717 17.33 -18.25 26.74
N VAL B 718 16.59 -17.52 27.57
CA VAL B 718 16.98 -17.27 28.94
C VAL B 718 16.31 -18.30 29.84
N MET B 719 17.11 -19.03 30.61
CA MET B 719 16.63 -20.11 31.44
C MET B 719 16.37 -19.58 32.85
N LEU B 720 15.17 -19.79 33.36
CA LEU B 720 14.80 -19.38 34.69
C LEU B 720 14.68 -20.59 35.60
N ASN B 721 15.16 -20.46 36.82
CA ASN B 721 14.92 -21.50 37.82
C ASN B 721 13.76 -21.09 38.72
N LEU B 722 12.93 -22.07 39.05
CA LEU B 722 11.79 -21.86 39.92
C LEU B 722 12.01 -22.68 41.19
N ASP B 723 11.63 -22.12 42.33
CA ASP B 723 11.69 -22.84 43.59
C ASP B 723 10.32 -23.44 43.92
N ALA B 724 10.23 -24.07 45.08
CA ALA B 724 8.92 -24.40 45.63
C ALA B 724 8.20 -23.11 46.00
N GLU B 725 6.86 -23.16 45.96
CA GLU B 725 5.99 -21.98 45.98
C GLU B 725 6.40 -21.03 44.85
N GLN B 726 6.11 -21.48 43.62
CA GLN B 726 6.87 -21.13 42.42
C GLN B 726 6.95 -19.65 42.15
N ALA B 727 8.16 -19.11 42.31
CA ALA B 727 8.49 -17.74 41.96
C ALA B 727 9.88 -17.78 41.33
N VAL B 728 10.21 -16.69 40.64
CA VAL B 728 11.46 -16.65 39.90
C VAL B 728 12.62 -16.47 40.87
N LYS B 729 13.64 -17.31 40.74
CA LYS B 729 14.73 -17.30 41.70
C LYS B 729 15.66 -16.12 41.48
N HIS B 730 15.94 -15.77 40.22
CA HIS B 730 16.82 -14.66 39.88
C HIS B 730 16.11 -13.75 38.89
N PRO B 731 15.35 -12.76 39.36
CA PRO B 731 14.57 -11.92 38.45
C PRO B 731 15.40 -10.97 37.61
N ARG B 732 16.65 -10.72 37.99
CA ARG B 732 17.46 -9.76 37.25
C ARG B 732 18.04 -10.35 35.98
N LEU B 733 17.80 -11.65 35.75
CA LEU B 733 18.25 -12.29 34.53
C LEU B 733 17.35 -11.93 33.37
N LEU B 734 16.12 -11.48 33.65
CA LEU B 734 15.30 -10.87 32.62
C LEU B 734 15.70 -9.42 32.38
N SER B 735 16.21 -8.75 33.41
CA SER B 735 16.63 -7.36 33.25
C SER B 735 17.84 -7.27 32.35
N PHE B 736 18.75 -8.24 32.46
CA PHE B 736 19.97 -8.21 31.67
C PHE B 736 19.71 -8.59 30.22
N THR B 737 18.64 -9.34 29.97
CA THR B 737 18.28 -9.70 28.61
C THR B 737 17.72 -8.49 27.87
N SER B 738 16.98 -7.65 28.57
CA SER B 738 16.39 -6.47 27.94
C SER B 738 17.42 -5.39 27.65
N GLN B 739 18.64 -5.52 28.19
CA GLN B 739 19.70 -4.58 27.93
C GLN B 739 20.55 -4.98 26.74
N LEU B 740 20.75 -6.27 26.49
CA LEU B 740 21.31 -6.76 25.23
C LEU B 740 20.35 -6.52 24.07
N LYS B 741 19.19 -7.15 24.11
CA LYS B 741 18.18 -6.98 23.09
C LYS B 741 17.35 -5.78 23.50
N ALA B 742 17.44 -4.70 22.73
CA ALA B 742 16.75 -3.46 23.07
C ALA B 742 15.33 -3.52 22.53
N GLY B 743 14.59 -4.56 22.91
CA GLY B 743 13.23 -4.75 22.43
C GLY B 743 13.15 -5.04 20.95
N LYS B 744 14.12 -5.76 20.40
CA LYS B 744 14.13 -5.98 18.97
C LYS B 744 14.06 -7.46 18.57
N GLY B 745 14.94 -8.27 19.10
CA GLY B 745 15.05 -9.61 18.57
C GLY B 745 14.09 -10.61 19.17
N LEU B 746 14.48 -11.86 19.04
CA LEU B 746 13.74 -12.95 19.67
C LEU B 746 14.21 -13.13 21.09
N THR B 747 13.28 -13.41 21.99
CA THR B 747 13.60 -13.74 23.37
C THR B 747 12.62 -14.78 23.85
N ILE B 748 13.07 -16.01 24.02
CA ILE B 748 12.27 -17.09 24.59
C ILE B 748 12.62 -17.16 26.07
N VAL B 749 11.61 -17.10 26.92
CA VAL B 749 11.80 -17.24 28.36
C VAL B 749 11.32 -18.63 28.75
N GLY B 750 12.24 -19.57 28.89
CA GLY B 750 11.91 -20.95 29.14
C GLY B 750 12.32 -21.36 30.54
N SER B 751 11.42 -22.03 31.24
CA SER B 751 11.71 -22.56 32.56
C SER B 751 11.06 -23.93 32.71
N VAL B 752 11.60 -24.71 33.64
CA VAL B 752 11.28 -26.13 33.79
C VAL B 752 10.96 -26.41 35.24
N LEU B 753 9.82 -27.05 35.48
CA LEU B 753 9.55 -27.61 36.80
C LEU B 753 9.37 -29.11 36.65
N GLU B 754 9.83 -29.84 37.66
CA GLU B 754 9.89 -31.29 37.60
C GLU B 754 8.54 -31.89 38.01
N GLY B 755 8.32 -33.14 37.62
CA GLY B 755 7.10 -33.85 37.91
C GLY B 755 6.32 -34.21 36.64
N THR B 756 5.27 -35.00 36.82
CA THR B 756 4.45 -35.38 35.68
C THR B 756 3.45 -34.24 35.41
N TYR B 757 3.07 -34.07 34.14
CA TYR B 757 2.12 -33.03 33.77
C TYR B 757 0.70 -33.35 34.24
N LEU B 758 0.39 -34.61 34.52
CA LEU B 758 -0.96 -35.03 34.85
C LEU B 758 -1.44 -34.45 36.17
N ASP B 759 -0.54 -34.27 37.13
CA ASP B 759 -0.94 -33.75 38.43
C ASP B 759 -0.39 -32.36 38.73
N LYS B 760 0.66 -31.92 38.04
CA LYS B 760 1.25 -30.62 38.33
C LYS B 760 0.89 -29.57 37.30
N HIS B 761 -0.22 -29.75 36.58
CA HIS B 761 -0.67 -28.71 35.68
C HIS B 761 -1.47 -27.63 36.40
N MET B 762 -1.80 -27.84 37.67
CA MET B 762 -2.32 -26.74 38.48
C MET B 762 -1.20 -25.78 38.86
N GLU B 763 -0.02 -26.31 39.19
CA GLU B 763 1.10 -25.46 39.56
C GLU B 763 1.76 -24.85 38.33
N ALA B 764 1.57 -25.46 37.18
CA ALA B 764 2.13 -24.92 35.95
C ALA B 764 1.33 -23.72 35.47
N GLN B 765 0.07 -23.61 35.89
CA GLN B 765 -0.69 -22.42 35.55
C GLN B 765 -0.38 -21.29 36.51
N ARG B 766 0.04 -21.61 37.73
CA ARG B 766 0.46 -20.58 38.67
C ARG B 766 1.82 -20.01 38.29
N ALA B 767 2.76 -20.89 37.94
CA ALA B 767 4.12 -20.46 37.67
C ALA B 767 4.22 -19.68 36.37
N GLU B 768 3.33 -19.97 35.42
CA GLU B 768 3.34 -19.24 34.16
C GLU B 768 2.83 -17.82 34.33
N GLU B 769 1.92 -17.60 35.29
CA GLU B 769 1.43 -16.25 35.54
C GLU B 769 2.48 -15.40 36.24
N ASN B 770 3.41 -16.04 36.95
CA ASN B 770 4.50 -15.29 37.56
C ASN B 770 5.50 -14.82 36.52
N ILE B 771 5.70 -15.60 35.46
CA ILE B 771 6.63 -15.21 34.40
C ILE B 771 6.07 -14.05 33.60
N ARG B 772 4.75 -14.06 33.37
CA ARG B 772 4.10 -12.98 32.63
C ARG B 772 4.05 -11.70 33.46
N SER B 773 4.17 -11.82 34.77
CA SER B 773 4.22 -10.63 35.62
C SER B 773 5.57 -9.94 35.49
N LEU B 774 6.65 -10.70 35.37
CA LEU B 774 7.96 -10.09 35.18
C LEU B 774 8.11 -9.47 33.80
N MET B 775 7.67 -10.18 32.76
CA MET B 775 7.96 -9.74 31.40
C MET B 775 7.17 -8.48 31.04
N SER B 776 6.12 -8.18 31.79
CA SER B 776 5.45 -6.89 31.65
C SER B 776 6.25 -5.78 32.33
N THR B 777 6.81 -6.07 33.51
CA THR B 777 7.54 -5.04 34.24
C THR B 777 8.94 -4.84 33.69
N GLU B 778 9.57 -5.93 33.22
CA GLU B 778 10.93 -5.83 32.72
C GLU B 778 10.99 -5.34 31.29
N LYS B 779 9.83 -5.09 30.67
CA LYS B 779 9.68 -4.66 29.28
C LYS B 779 10.32 -5.65 28.30
N THR B 780 10.24 -6.92 28.64
CA THR B 780 10.70 -7.98 27.76
C THR B 780 9.60 -8.28 26.74
N LYS B 781 9.89 -8.00 25.48
CA LYS B 781 8.93 -8.29 24.41
C LYS B 781 9.27 -9.65 23.81
N GLY B 782 8.75 -10.69 24.46
CA GLY B 782 9.18 -12.04 24.15
C GLY B 782 8.09 -13.05 24.42
N PHE B 783 8.55 -14.29 24.61
CA PHE B 783 7.75 -15.49 24.58
C PHE B 783 8.02 -16.33 25.82
N CYS B 784 7.05 -17.11 26.24
CA CYS B 784 7.18 -17.92 27.44
C CYS B 784 6.92 -19.39 27.12
N GLN B 785 7.84 -20.25 27.51
CA GLN B 785 7.76 -21.68 27.25
C GLN B 785 8.00 -22.42 28.56
N LEU B 786 6.95 -22.63 29.33
CA LEU B 786 7.03 -23.39 30.58
C LEU B 786 6.77 -24.85 30.27
N VAL B 787 7.64 -25.71 30.76
CA VAL B 787 7.62 -27.14 30.48
C VAL B 787 7.66 -27.91 31.80
N VAL B 788 6.76 -28.87 31.95
CA VAL B 788 6.75 -29.78 33.08
C VAL B 788 7.40 -31.06 32.63
N SER B 789 8.56 -31.39 33.21
CA SER B 789 9.37 -32.50 32.73
C SER B 789 9.51 -33.53 33.83
N SER B 790 9.88 -34.75 33.43
CA SER B 790 10.04 -35.83 34.39
C SER B 790 11.25 -35.60 35.29
N SER B 791 12.30 -34.97 34.75
CA SER B 791 13.45 -34.53 35.51
C SER B 791 13.87 -33.17 35.00
N LEU B 792 14.57 -32.41 35.85
CA LEU B 792 14.94 -31.05 35.47
C LEU B 792 16.11 -31.08 34.48
N ARG B 793 16.86 -32.19 34.46
CA ARG B 793 17.88 -32.39 33.44
C ARG B 793 17.28 -32.47 32.05
N ASP B 794 16.20 -33.25 31.92
CA ASP B 794 15.64 -33.55 30.61
C ASP B 794 14.98 -32.34 29.99
N GLY B 795 14.17 -31.62 30.76
CA GLY B 795 13.39 -30.53 30.20
C GLY B 795 14.23 -29.34 29.76
N MET B 796 15.44 -29.20 30.30
CA MET B 796 16.34 -28.19 29.76
C MET B 796 16.96 -28.67 28.46
N SER B 797 17.01 -29.98 28.24
CA SER B 797 17.59 -30.49 27.00
C SER B 797 16.56 -30.52 25.88
N HIS B 798 15.28 -30.25 26.21
CA HIS B 798 14.28 -30.14 25.16
C HIS B 798 14.09 -28.70 24.75
N LEU B 799 14.34 -27.77 25.66
CA LEU B 799 14.22 -26.36 25.33
C LEU B 799 15.42 -25.89 24.52
N ILE B 800 16.53 -26.59 24.62
CA ILE B 800 17.71 -26.24 23.82
C ILE B 800 17.48 -26.58 22.36
N GLN B 801 16.79 -27.69 22.10
CA GLN B 801 16.68 -28.13 20.72
C GLN B 801 15.32 -27.84 20.10
N SER B 802 14.29 -27.58 20.90
CA SER B 802 12.97 -27.33 20.32
C SER B 802 12.20 -26.20 20.98
N ALA B 803 12.82 -25.06 21.24
CA ALA B 803 12.07 -23.89 21.64
C ALA B 803 12.02 -22.89 20.49
N GLY B 804 10.84 -22.65 19.96
CA GLY B 804 10.73 -21.81 18.79
C GLY B 804 10.57 -22.59 17.51
N LEU B 805 9.54 -22.30 16.73
CA LEU B 805 9.38 -23.04 15.50
C LEU B 805 9.93 -22.26 14.31
N GLY B 806 10.36 -23.03 13.31
CA GLY B 806 10.84 -22.52 12.04
C GLY B 806 12.02 -21.57 11.99
N GLY B 807 11.82 -20.48 11.25
CA GLY B 807 12.84 -19.48 11.07
C GLY B 807 13.28 -18.82 12.36
N LEU B 808 12.32 -18.52 13.23
CA LEU B 808 12.70 -17.90 14.49
C LEU B 808 12.94 -18.94 15.56
N LYS B 809 14.23 -19.22 15.77
CA LYS B 809 14.70 -20.17 16.75
C LYS B 809 15.83 -19.46 17.49
N HIS B 810 16.04 -19.82 18.73
CA HIS B 810 17.06 -19.12 19.52
C HIS B 810 18.46 -19.48 19.04
N ASN B 811 19.42 -18.77 19.58
CA ASN B 811 20.79 -18.76 19.07
C ASN B 811 21.80 -18.82 20.18
N THR B 812 21.39 -18.44 21.39
CA THR B 812 22.23 -18.26 22.56
C THR B 812 21.44 -18.72 23.76
N VAL B 813 22.10 -19.31 24.74
CA VAL B 813 21.43 -19.68 25.98
C VAL B 813 22.03 -18.89 27.12
N LEU B 814 21.20 -18.15 27.84
CA LEU B 814 21.63 -17.37 29.00
C LEU B 814 21.21 -18.09 30.27
N MET B 815 22.18 -18.37 31.15
CA MET B 815 21.93 -19.07 32.39
C MET B 815 22.40 -18.24 33.56
N ALA B 816 22.22 -18.80 34.75
CA ALA B 816 22.77 -18.22 35.97
C ALA B 816 23.61 -19.27 36.68
N TRP B 817 24.61 -18.81 37.40
CA TRP B 817 25.54 -19.68 38.11
C TRP B 817 24.85 -20.34 39.29
N PRO B 818 24.95 -21.67 39.44
CA PRO B 818 24.43 -22.30 40.66
C PRO B 818 25.29 -21.95 41.88
N ALA B 819 24.74 -21.13 42.77
CA ALA B 819 25.55 -20.60 43.88
C ALA B 819 25.78 -21.67 44.94
N SER B 820 24.73 -22.38 45.35
CA SER B 820 24.84 -23.42 46.36
C SER B 820 25.49 -24.66 45.74
N TRP B 821 26.80 -24.74 45.90
CA TRP B 821 27.57 -25.78 45.24
C TRP B 821 27.51 -27.10 46.01
N LYS B 822 27.73 -27.06 47.33
CA LYS B 822 27.60 -28.23 48.19
C LYS B 822 26.30 -28.16 48.96
N GLN B 823 25.34 -28.99 48.58
CA GLN B 823 24.11 -29.15 49.35
C GLN B 823 23.73 -30.61 49.38
N GLU B 824 22.49 -30.87 49.78
CA GLU B 824 22.03 -32.24 49.93
C GLU B 824 21.42 -32.77 48.62
N ASP B 825 20.37 -32.13 48.13
CA ASP B 825 19.67 -32.59 46.94
C ASP B 825 20.19 -31.96 45.66
N ASN B 826 20.75 -30.76 45.75
CA ASN B 826 21.43 -30.03 44.68
C ASN B 826 22.59 -30.71 43.95
N PRO B 827 23.32 -31.73 44.50
CA PRO B 827 24.26 -32.47 43.63
C PRO B 827 23.67 -33.14 42.40
N PHE B 828 22.37 -33.39 42.37
CA PHE B 828 21.73 -33.71 41.10
C PHE B 828 21.51 -32.44 40.28
N SER B 829 21.16 -31.33 40.95
CA SER B 829 20.86 -30.10 40.23
C SER B 829 22.12 -29.38 39.79
N TRP B 830 23.22 -29.58 40.53
CA TRP B 830 24.50 -29.01 40.14
C TRP B 830 25.07 -29.70 38.91
N LYS B 831 24.91 -31.03 38.83
CA LYS B 831 25.43 -31.79 37.68
C LYS B 831 24.69 -31.43 36.40
N ASN B 832 23.47 -30.89 36.53
CA ASN B 832 22.72 -30.46 35.35
C ASN B 832 23.36 -29.23 34.71
N PHE B 833 24.18 -28.49 35.46
CA PHE B 833 24.86 -27.33 34.89
C PHE B 833 25.96 -27.76 33.94
N VAL B 834 26.66 -28.84 34.25
CA VAL B 834 27.79 -29.23 33.42
C VAL B 834 27.30 -29.86 32.14
N ASP B 835 26.20 -30.61 32.21
CA ASP B 835 25.73 -31.35 31.04
C ASP B 835 24.97 -30.45 30.09
N THR B 836 24.55 -29.27 30.54
CA THR B 836 23.92 -28.34 29.62
C THR B 836 24.95 -27.43 28.97
N VAL B 837 26.19 -27.47 29.45
CA VAL B 837 27.29 -26.90 28.67
C VAL B 837 27.61 -27.82 27.51
N ARG B 838 27.49 -29.13 27.73
CA ARG B 838 27.74 -30.10 26.68
C ARG B 838 26.63 -30.09 25.63
N ASP B 839 25.41 -29.69 26.03
CA ASP B 839 24.30 -29.70 25.09
C ASP B 839 24.35 -28.50 24.14
N THR B 840 24.76 -27.33 24.65
CA THR B 840 24.83 -26.15 23.80
C THR B 840 26.00 -26.23 22.83
N THR B 841 27.07 -26.91 23.23
CA THR B 841 28.21 -27.02 22.33
C THR B 841 27.99 -28.13 21.30
N ALA B 842 27.04 -29.02 21.56
CA ALA B 842 26.71 -30.04 20.58
C ALA B 842 25.71 -29.52 19.57
N ALA B 843 24.88 -28.57 19.98
CA ALA B 843 23.89 -27.95 19.11
C ALA B 843 24.43 -26.73 18.39
N HIS B 844 25.70 -26.39 18.63
CA HIS B 844 26.39 -25.22 18.08
C HIS B 844 25.66 -23.93 18.42
N GLN B 845 25.53 -23.69 19.72
CA GLN B 845 24.86 -22.51 20.24
C GLN B 845 25.77 -21.83 21.24
N ALA B 846 25.66 -20.52 21.32
CA ALA B 846 26.44 -19.73 22.26
C ALA B 846 25.86 -19.89 23.65
N LEU B 847 26.67 -19.66 24.66
CA LEU B 847 26.25 -19.80 26.05
C LEU B 847 26.81 -18.66 26.89
N LEU B 848 25.96 -18.09 27.73
CA LEU B 848 26.33 -16.98 28.59
C LEU B 848 25.97 -17.33 30.02
N VAL B 849 26.97 -17.42 30.89
CA VAL B 849 26.76 -17.69 32.30
C VAL B 849 26.96 -16.39 33.08
N ALA B 850 25.94 -15.97 33.82
CA ALA B 850 26.02 -14.78 34.64
C ALA B 850 26.24 -15.16 36.10
N LYS B 851 27.33 -14.65 36.67
CA LYS B 851 27.64 -14.88 38.08
C LYS B 851 27.27 -13.64 38.88
N ASN B 852 26.84 -13.88 40.12
CA ASN B 852 26.29 -12.88 41.03
C ASN B 852 25.17 -12.09 40.37
N VAL B 853 24.15 -12.81 39.90
CA VAL B 853 23.15 -12.20 39.02
C VAL B 853 22.14 -11.41 39.84
N ASP B 854 22.15 -11.60 41.15
CA ASP B 854 21.31 -10.79 42.03
C ASP B 854 21.77 -9.34 42.05
N SER B 855 23.08 -9.12 41.94
CA SER B 855 23.64 -7.77 41.92
C SER B 855 23.88 -7.30 40.48
N PHE B 856 22.82 -7.35 39.69
CA PHE B 856 22.82 -6.77 38.36
C PHE B 856 21.89 -5.56 38.36
N PRO B 857 22.12 -4.57 37.49
CA PRO B 857 21.27 -3.38 37.51
C PRO B 857 19.90 -3.66 36.94
N GLN B 858 18.91 -2.94 37.48
CA GLN B 858 17.58 -2.92 36.89
C GLN B 858 17.55 -1.95 35.72
N ASN B 859 16.38 -1.84 35.09
CA ASN B 859 16.25 -0.95 33.94
C ASN B 859 16.21 0.50 34.37
N GLN B 860 15.90 0.76 35.64
CA GLN B 860 15.75 2.13 36.09
C GLN B 860 17.03 2.64 36.76
N GLU B 861 17.90 1.74 37.20
CA GLU B 861 19.20 2.14 37.71
C GLU B 861 20.08 2.60 36.55
N ARG B 862 20.89 3.63 36.79
CA ARG B 862 21.76 4.17 35.75
C ARG B 862 23.16 4.34 36.30
N PHE B 863 24.12 3.72 35.63
CA PHE B 863 25.52 3.81 36.04
C PHE B 863 26.14 5.12 35.58
N GLY B 864 26.95 5.70 36.45
CA GLY B 864 27.74 6.87 36.13
C GLY B 864 29.22 6.51 36.24
N GLY B 865 29.92 6.67 35.13
CA GLY B 865 31.30 6.20 35.08
C GLY B 865 31.33 4.69 35.06
N GLY B 866 32.35 4.12 35.68
CA GLY B 866 32.53 2.68 35.64
C GLY B 866 33.15 2.21 34.34
N HIS B 867 33.50 0.93 34.31
CA HIS B 867 34.23 0.34 33.20
C HIS B 867 33.73 -1.07 32.93
N ILE B 868 33.66 -1.45 31.66
CA ILE B 868 33.40 -2.83 31.26
C ILE B 868 34.72 -3.43 30.81
N ASP B 869 35.18 -4.46 31.50
CA ASP B 869 36.48 -5.08 31.21
C ASP B 869 36.25 -6.35 30.42
N VAL B 870 36.92 -6.46 29.29
CA VAL B 870 36.84 -7.63 28.42
C VAL B 870 38.21 -8.31 28.43
N TRP B 871 38.23 -9.63 28.60
CA TRP B 871 39.48 -10.38 28.68
C TRP B 871 39.52 -11.41 27.57
N TRP B 872 39.94 -10.98 26.38
CA TRP B 872 40.04 -11.87 25.24
C TRP B 872 41.36 -12.62 25.34
N ILE B 873 41.31 -13.86 25.82
CA ILE B 873 42.51 -14.67 25.84
C ILE B 873 42.72 -15.26 24.46
N VAL B 874 41.79 -16.12 24.04
CA VAL B 874 41.83 -16.81 22.77
C VAL B 874 40.38 -17.25 22.51
N HIS B 875 40.09 -17.78 21.31
CA HIS B 875 38.85 -18.52 21.03
C HIS B 875 37.58 -17.67 21.12
N ASP B 876 37.23 -17.05 19.98
CA ASP B 876 35.95 -16.34 19.75
C ASP B 876 35.95 -14.99 20.44
N GLY B 877 36.90 -14.15 20.06
CA GLY B 877 36.81 -12.74 20.37
C GLY B 877 35.82 -12.01 19.49
N GLY B 878 35.27 -12.69 18.47
CA GLY B 878 34.23 -12.09 17.67
C GLY B 878 32.98 -11.73 18.46
N MET B 879 32.46 -12.69 19.24
CA MET B 879 31.33 -12.40 20.11
C MET B 879 31.73 -11.49 21.26
N LEU B 880 32.97 -11.62 21.72
CA LEU B 880 33.34 -11.06 23.02
C LEU B 880 33.56 -9.55 22.92
N MET B 881 33.71 -9.03 21.71
CA MET B 881 33.73 -7.57 21.53
C MET B 881 32.33 -7.05 21.29
N LEU B 882 31.43 -7.91 20.81
CA LEU B 882 30.12 -7.44 20.39
C LEU B 882 29.17 -7.32 21.57
N LEU B 883 29.29 -8.21 22.54
CA LEU B 883 28.46 -8.18 23.75
C LEU B 883 28.55 -6.89 24.58
N PRO B 884 29.72 -6.29 24.84
CA PRO B 884 29.67 -5.01 25.56
C PRO B 884 29.31 -3.83 24.68
N PHE B 885 29.42 -4.00 23.36
CA PHE B 885 28.98 -2.94 22.45
C PHE B 885 27.46 -2.85 22.40
N LEU B 886 26.77 -3.97 22.61
CA LEU B 886 25.31 -3.97 22.62
C LEU B 886 24.77 -3.47 23.94
N LEU B 887 25.47 -3.76 25.03
CA LEU B 887 25.08 -3.25 26.33
C LEU B 887 25.22 -1.74 26.39
N ARG B 888 26.25 -1.22 25.73
CA ARG B 888 26.60 0.20 25.81
C ARG B 888 25.54 1.08 25.17
N GLN B 889 24.71 0.52 24.28
CA GLN B 889 23.68 1.31 23.64
C GLN B 889 22.47 1.50 24.54
N HIS B 890 22.37 0.71 25.62
CA HIS B 890 21.27 0.88 26.54
C HIS B 890 21.60 1.98 27.55
N LYS B 891 20.55 2.54 28.16
CA LYS B 891 20.74 3.72 28.99
C LYS B 891 21.35 3.38 30.35
N VAL B 892 21.36 2.09 30.72
CA VAL B 892 22.02 1.70 31.95
C VAL B 892 23.53 1.73 31.76
N TRP B 893 24.03 1.08 30.71
CA TRP B 893 25.46 0.95 30.47
C TRP B 893 25.97 2.02 29.52
N ARG B 894 25.29 3.16 29.42
CA ARG B 894 25.58 4.14 28.38
C ARG B 894 26.91 4.85 28.60
N LYS B 895 27.13 5.34 29.82
CA LYS B 895 28.35 6.07 30.14
C LYS B 895 29.31 5.11 30.81
N CYS B 896 29.94 4.25 30.01
CA CYS B 896 30.97 3.35 30.51
C CYS B 896 32.09 3.31 29.48
N ARG B 897 33.18 2.64 29.84
CA ARG B 897 34.34 2.51 28.99
C ARG B 897 34.69 1.04 28.83
N MET B 898 35.09 0.67 27.63
CA MET B 898 35.54 -0.69 27.34
C MET B 898 37.04 -0.76 27.48
N ARG B 899 37.53 -1.56 28.40
CA ARG B 899 38.94 -1.92 28.44
C ARG B 899 39.05 -3.36 27.98
N ILE B 900 39.97 -3.62 27.06
CA ILE B 900 40.10 -4.94 26.45
C ILE B 900 41.52 -5.44 26.65
N PHE B 901 41.63 -6.55 27.37
CA PHE B 901 42.91 -7.04 27.87
C PHE B 901 43.21 -8.37 27.21
N THR B 902 44.48 -8.67 27.00
CA THR B 902 44.91 -9.90 26.36
C THR B 902 46.20 -10.37 26.99
N VAL B 903 46.27 -11.64 27.39
CA VAL B 903 47.51 -12.22 27.88
C VAL B 903 48.34 -12.65 26.68
N ALA B 904 49.67 -12.66 26.84
CA ALA B 904 50.57 -12.92 25.73
C ALA B 904 51.52 -14.06 26.10
N GLN B 905 51.42 -15.16 25.36
CA GLN B 905 52.45 -16.19 25.38
C GLN B 905 53.27 -16.20 24.09
N VAL B 906 52.96 -15.30 23.16
CA VAL B 906 53.76 -15.08 21.96
C VAL B 906 54.74 -13.97 22.34
N ASP B 907 55.94 -13.97 21.74
CA ASP B 907 57.07 -13.18 22.24
C ASP B 907 56.83 -11.67 22.12
N ASP B 908 56.47 -11.20 20.94
CA ASP B 908 56.26 -9.77 20.73
C ASP B 908 54.84 -9.36 21.10
N ASN B 909 54.71 -8.20 21.73
CA ASN B 909 53.41 -7.64 22.06
C ASN B 909 52.95 -6.57 21.09
N SER B 910 53.83 -6.12 20.20
CA SER B 910 53.50 -4.97 19.36
C SER B 910 52.53 -5.35 18.25
N ILE B 911 52.85 -6.39 17.49
CA ILE B 911 51.98 -6.79 16.38
C ILE B 911 50.72 -7.49 16.92
N GLN B 912 50.73 -7.88 18.20
CA GLN B 912 49.49 -8.23 18.87
C GLN B 912 48.59 -7.01 18.99
N MET B 913 49.15 -5.87 19.40
CA MET B 913 48.34 -4.69 19.66
C MET B 913 47.92 -4.00 18.37
N LYS B 914 48.86 -3.82 17.43
CA LYS B 914 48.59 -3.02 16.24
C LYS B 914 47.63 -3.74 15.30
N LYS B 915 47.63 -5.07 15.33
CA LYS B 915 46.58 -5.81 14.65
C LYS B 915 45.26 -5.70 15.42
N ASP B 916 45.33 -5.63 16.75
CA ASP B 916 44.10 -5.55 17.55
C ASP B 916 43.47 -4.17 17.42
N LEU B 917 44.29 -3.12 17.31
CA LEU B 917 43.73 -1.77 17.12
C LEU B 917 43.13 -1.60 15.74
N GLN B 918 43.52 -2.42 14.77
CA GLN B 918 42.85 -2.35 13.48
C GLN B 918 41.79 -3.43 13.34
N MET B 919 41.54 -4.21 14.40
CA MET B 919 40.33 -5.02 14.45
C MET B 919 39.12 -4.13 14.64
N PHE B 920 39.30 -3.02 15.36
CA PHE B 920 38.18 -2.12 15.63
C PHE B 920 38.04 -1.09 14.53
N LEU B 921 39.07 -0.95 13.69
CA LEU B 921 38.93 -0.12 12.50
C LEU B 921 37.96 -0.77 11.52
N TYR B 922 37.93 -2.11 11.50
CA TYR B 922 36.91 -2.83 10.75
C TYR B 922 35.58 -2.83 11.49
N HIS B 923 35.62 -2.72 12.81
CA HIS B 923 34.43 -2.86 13.64
C HIS B 923 33.84 -1.54 14.11
N LEU B 924 34.47 -0.41 13.76
CA LEU B 924 34.03 0.96 14.03
C LEU B 924 33.87 1.25 15.52
N ARG B 925 34.63 0.58 16.38
CA ARG B 925 34.50 0.78 17.82
C ARG B 925 35.85 0.92 18.52
N ILE B 926 36.70 1.80 17.99
CA ILE B 926 38.06 2.01 18.49
C ILE B 926 38.07 2.84 19.79
N SER B 927 36.90 3.13 20.36
CA SER B 927 36.85 3.85 21.64
C SER B 927 37.36 3.01 22.80
N ALA B 928 37.49 1.70 22.58
CA ALA B 928 38.11 0.82 23.57
C ALA B 928 39.63 0.94 23.55
N GLU B 929 40.25 0.66 24.68
CA GLU B 929 41.70 0.71 24.80
C GLU B 929 42.28 -0.67 25.07
N VAL B 930 43.35 -1.01 24.36
CA VAL B 930 43.94 -2.34 24.39
C VAL B 930 45.17 -2.31 25.30
N GLU B 931 45.27 -3.30 26.18
CA GLU B 931 46.43 -3.46 27.05
C GLU B 931 46.80 -4.93 27.07
N VAL B 932 48.09 -5.23 27.14
CA VAL B 932 48.59 -6.59 27.18
C VAL B 932 49.31 -6.84 28.50
N VAL B 933 48.93 -7.91 29.19
CA VAL B 933 49.54 -8.29 30.45
C VAL B 933 50.25 -9.61 30.29
N GLU B 934 51.50 -9.67 30.74
CA GLU B 934 52.29 -10.89 30.65
C GLU B 934 53.03 -11.09 31.96
N MET B 935 53.46 -12.33 32.19
CA MET B 935 54.26 -12.64 33.36
C MET B 935 55.57 -13.30 32.97
N GLN B 1033 47.28 -35.56 38.02
CA GLN B 1033 48.27 -34.54 37.69
C GLN B 1033 47.64 -33.38 36.92
N SER B 1034 46.55 -33.67 36.19
CA SER B 1034 45.87 -32.64 35.42
C SER B 1034 45.20 -31.62 36.33
N ASN B 1035 44.66 -32.08 37.46
CA ASN B 1035 43.97 -31.19 38.38
C ASN B 1035 44.95 -30.27 39.08
N VAL B 1036 46.20 -30.72 39.22
CA VAL B 1036 47.29 -29.84 39.63
C VAL B 1036 47.58 -28.80 38.54
N ARG B 1037 47.58 -29.23 37.27
CA ARG B 1037 47.95 -28.34 36.18
C ARG B 1037 46.83 -27.36 35.86
N ARG B 1038 45.57 -27.77 36.03
CA ARG B 1038 44.46 -26.88 35.71
C ARG B 1038 44.32 -25.78 36.75
N MET B 1039 44.09 -26.13 38.02
CA MET B 1039 43.77 -25.14 39.04
C MET B 1039 44.96 -24.27 39.45
N HIS B 1040 46.18 -24.64 39.12
CA HIS B 1040 47.30 -23.72 39.32
C HIS B 1040 47.25 -22.60 38.28
N THR B 1041 46.87 -22.94 37.06
CA THR B 1041 46.76 -21.94 35.99
C THR B 1041 45.61 -20.98 36.27
N ALA B 1042 44.58 -21.45 36.99
CA ALA B 1042 43.47 -20.58 37.38
C ALA B 1042 43.91 -19.51 38.37
N VAL B 1043 44.67 -19.92 39.40
CA VAL B 1043 45.01 -18.99 40.47
C VAL B 1043 46.13 -18.04 40.03
N LYS B 1044 46.90 -18.42 39.01
CA LYS B 1044 47.79 -17.46 38.38
C LYS B 1044 47.00 -16.44 37.59
N LEU B 1045 46.00 -16.92 36.83
CA LEU B 1045 45.18 -16.02 36.04
C LEU B 1045 44.19 -15.25 36.92
N ASN B 1046 43.84 -15.81 38.07
CA ASN B 1046 43.02 -15.07 39.03
C ASN B 1046 43.76 -13.87 39.57
N GLY B 1047 45.05 -14.02 39.86
CA GLY B 1047 45.84 -12.90 40.36
C GLY B 1047 46.03 -11.81 39.31
N VAL B 1048 45.98 -12.19 38.03
CA VAL B 1048 46.11 -11.20 36.96
C VAL B 1048 44.82 -10.39 36.84
N VAL B 1049 43.67 -11.06 36.93
CA VAL B 1049 42.41 -10.42 36.52
C VAL B 1049 41.91 -9.46 37.59
N LEU B 1050 42.13 -9.78 38.87
CA LEU B 1050 41.68 -8.86 39.91
C LEU B 1050 42.71 -7.76 40.15
N ASN B 1051 43.90 -7.92 39.58
CA ASN B 1051 44.90 -6.85 39.63
C ASN B 1051 44.48 -5.67 38.77
N LYS B 1052 43.74 -5.91 37.69
CA LYS B 1052 43.34 -4.86 36.78
C LYS B 1052 41.85 -4.60 36.78
N SER B 1053 41.06 -5.48 37.40
CA SER B 1053 39.60 -5.40 37.34
C SER B 1053 38.99 -5.65 38.70
N GLN B 1054 39.57 -5.07 39.74
CA GLN B 1054 39.06 -5.30 41.10
C GLN B 1054 37.71 -4.63 41.29
N ASP B 1055 37.61 -3.36 40.93
CA ASP B 1055 36.34 -2.63 40.96
C ASP B 1055 36.00 -2.22 39.54
N ALA B 1056 35.39 -3.14 38.81
CA ALA B 1056 34.82 -2.88 37.50
C ALA B 1056 33.34 -3.18 37.57
N GLN B 1057 32.59 -2.65 36.62
CA GLN B 1057 31.16 -2.88 36.64
C GLN B 1057 30.77 -4.19 35.97
N LEU B 1058 31.52 -4.64 34.97
CA LEU B 1058 31.25 -5.95 34.40
C LEU B 1058 32.53 -6.52 33.80
N VAL B 1059 32.80 -7.78 34.09
CA VAL B 1059 33.97 -8.47 33.60
C VAL B 1059 33.54 -9.62 32.70
N LEU B 1060 34.01 -9.62 31.46
CA LEU B 1060 33.75 -10.68 30.51
C LEU B 1060 34.96 -11.59 30.43
N LEU B 1061 34.72 -12.90 30.41
CA LEU B 1061 35.80 -13.87 30.35
C LEU B 1061 35.44 -14.95 29.35
N ASN B 1062 36.45 -15.54 28.74
CA ASN B 1062 36.22 -16.76 27.98
C ASN B 1062 35.94 -17.91 28.93
N MET B 1063 35.16 -18.87 28.46
CA MET B 1063 34.80 -20.02 29.26
C MET B 1063 35.40 -21.27 28.63
N PRO B 1064 36.11 -22.09 29.38
CA PRO B 1064 36.77 -23.26 28.78
C PRO B 1064 35.78 -24.35 28.45
N GLY B 1065 36.21 -25.26 27.58
CA GLY B 1065 35.38 -26.35 27.15
C GLY B 1065 35.17 -27.37 28.24
N PRO B 1066 34.01 -28.02 28.25
CA PRO B 1066 33.73 -28.99 29.31
C PRO B 1066 34.55 -30.25 29.10
N PRO B 1067 34.82 -31.01 30.16
CA PRO B 1067 35.61 -32.23 30.00
C PRO B 1067 34.85 -33.32 29.26
N LYS B 1068 35.62 -34.19 28.61
CA LYS B 1068 35.07 -35.24 27.76
C LYS B 1068 34.87 -36.55 28.50
N ASN B 1069 35.64 -36.79 29.56
CA ASN B 1069 35.59 -38.08 30.24
C ASN B 1069 34.40 -38.20 31.18
N ARG B 1070 33.75 -37.08 31.54
CA ARG B 1070 32.55 -36.92 32.37
C ARG B 1070 32.82 -37.18 33.85
N GLN B 1071 33.99 -37.71 34.24
CA GLN B 1071 34.29 -37.87 35.65
C GLN B 1071 34.98 -36.66 36.24
N GLY B 1072 35.38 -35.69 35.42
CA GLY B 1072 36.00 -34.49 35.91
C GLY B 1072 35.09 -33.30 36.01
N ASP B 1073 33.79 -33.50 36.20
CA ASP B 1073 32.86 -32.38 36.23
C ASP B 1073 32.94 -31.62 37.55
N GLU B 1074 33.53 -32.22 38.58
CA GLU B 1074 33.78 -31.47 39.80
C GLU B 1074 35.09 -30.69 39.72
N ASN B 1075 36.00 -31.13 38.85
CA ASN B 1075 37.26 -30.41 38.69
C ASN B 1075 37.09 -29.28 37.68
N TYR B 1076 36.15 -29.43 36.74
CA TYR B 1076 35.84 -28.34 35.83
C TYR B 1076 35.11 -27.21 36.54
N MET B 1077 34.28 -27.55 37.53
CA MET B 1077 33.57 -26.49 38.23
C MET B 1077 34.48 -25.79 39.24
N GLU B 1078 35.45 -26.52 39.81
CA GLU B 1078 36.42 -25.87 40.68
C GLU B 1078 37.38 -24.99 39.90
N PHE B 1079 37.59 -25.29 38.62
CA PHE B 1079 38.41 -24.41 37.79
C PHE B 1079 37.70 -23.08 37.56
N LEU B 1080 36.37 -23.12 37.48
CA LEU B 1080 35.63 -21.89 37.22
C LEU B 1080 35.46 -21.05 38.47
N GLU B 1081 35.45 -21.69 39.64
CA GLU B 1081 35.26 -20.93 40.86
C GLU B 1081 36.55 -20.25 41.30
N VAL B 1082 37.69 -20.93 41.13
CA VAL B 1082 38.99 -20.34 41.45
C VAL B 1082 39.32 -19.21 40.48
N LEU B 1083 38.91 -19.35 39.22
CA LEU B 1083 39.13 -18.31 38.22
C LEU B 1083 38.36 -17.04 38.54
N THR B 1084 37.20 -17.18 39.18
CA THR B 1084 36.34 -16.05 39.49
C THR B 1084 36.16 -15.95 41.00
N GLU B 1085 37.10 -15.25 41.65
CA GLU B 1085 37.06 -15.00 43.08
C GLU B 1085 37.04 -13.50 43.34
N GLY B 1086 36.04 -13.04 44.08
CA GLY B 1086 36.01 -11.65 44.49
C GLY B 1086 35.75 -10.66 43.38
N LEU B 1087 34.81 -10.97 42.50
CA LEU B 1087 34.41 -10.06 41.44
C LEU B 1087 32.91 -9.83 41.55
N ASN B 1088 32.48 -8.59 41.31
CA ASN B 1088 31.10 -8.23 41.56
C ASN B 1088 30.16 -8.75 40.47
N ARG B 1089 30.53 -8.58 39.20
CA ARG B 1089 29.66 -8.99 38.10
C ARG B 1089 30.50 -9.65 37.03
N VAL B 1090 30.28 -10.96 36.81
CA VAL B 1090 31.02 -11.72 35.82
C VAL B 1090 30.04 -12.31 34.82
N LEU B 1091 30.37 -12.19 33.54
CA LEU B 1091 29.64 -12.90 32.49
C LEU B 1091 30.64 -13.75 31.71
N LEU B 1092 30.41 -15.05 31.72
CA LEU B 1092 31.27 -16.03 31.04
C LEU B 1092 30.70 -16.35 29.68
N VAL B 1093 31.52 -16.24 28.63
CA VAL B 1093 31.06 -16.28 27.26
C VAL B 1093 31.78 -17.40 26.52
N ARG B 1094 31.03 -18.19 25.76
CA ARG B 1094 31.58 -19.14 24.80
C ARG B 1094 30.56 -19.38 23.71
N GLY B 1095 31.03 -19.88 22.57
CA GLY B 1095 30.14 -20.17 21.48
C GLY B 1095 30.76 -21.15 20.51
N GLY B 1096 30.05 -21.42 19.41
CA GLY B 1096 30.61 -22.26 18.38
C GLY B 1096 30.19 -21.97 16.96
N GLY B 1097 31.17 -21.71 16.08
CA GLY B 1097 30.95 -21.66 14.63
C GLY B 1097 30.04 -20.58 14.08
N ARG B 1098 30.47 -19.31 14.11
CA ARG B 1098 29.65 -18.21 13.66
C ARG B 1098 30.50 -17.03 13.20
N GLU B 1099 29.90 -16.15 12.41
CA GLU B 1099 30.60 -15.07 11.72
C GLU B 1099 30.13 -13.73 12.24
N VAL B 1100 31.06 -12.90 12.72
CA VAL B 1100 30.73 -11.55 13.14
C VAL B 1100 31.46 -10.57 12.22
N ILE B 1101 30.70 -9.87 11.38
CA ILE B 1101 31.26 -8.92 10.44
C ILE B 1101 30.69 -7.53 10.70
C1 NAG C . -17.28 45.38 -17.81
C2 NAG C . -17.90 43.99 -17.51
C3 NAG C . -17.55 42.95 -18.60
C4 NAG C . -17.87 43.50 -19.99
C5 NAG C . -17.00 44.72 -20.20
C6 NAG C . -17.16 45.33 -21.56
C7 NAG C . -18.34 43.11 -15.25
C8 NAG C . -19.80 43.17 -15.58
N2 NAG C . -17.49 43.52 -16.20
O3 NAG C . -18.33 41.78 -18.32
O4 NAG C . -17.78 42.58 -21.07
O5 NAG C . -17.41 45.72 -19.24
O6 NAG C . -17.17 46.75 -21.50
O7 NAG C . -17.94 42.73 -14.16
C1 NAG C . -16.72 41.60 -21.13
C2 NAG C . -17.29 40.43 -21.92
C3 NAG C . -16.23 39.33 -22.05
C4 NAG C . -14.93 39.88 -22.61
C5 NAG C . -14.47 41.09 -21.80
C6 NAG C . -13.25 41.76 -22.39
C7 NAG C . -19.71 39.99 -21.85
C8 NAG C . -19.81 40.64 -23.20
N2 NAG C . -18.50 39.92 -21.30
O3 NAG C . -16.74 38.30 -22.90
O4 NAG C . -13.93 38.88 -22.57
O5 NAG C . -15.51 42.08 -21.75
O6 NAG C . -12.24 41.92 -21.41
O7 NAG C . -20.71 39.54 -21.28
C1 NAG D . -19.64 60.43 -18.04
C2 NAG D . -20.76 60.28 -19.10
C3 NAG D . -21.35 61.62 -19.53
C4 NAG D . -21.77 62.43 -18.30
C5 NAG D . -20.52 62.69 -17.49
C6 NAG D . -20.76 63.55 -16.27
C7 NAG D . -20.83 58.46 -20.79
C8 NAG D . -22.07 57.97 -20.10
N2 NAG D . -20.25 59.56 -20.26
O3 NAG D . -22.47 61.34 -20.35
O4 NAG D . -22.51 63.62 -18.55
O5 NAG D . -20.03 61.43 -17.03
O6 NAG D . -20.02 63.09 -15.15
O7 NAG D . -20.36 57.89 -21.76
C1 NAG D . -22.19 64.48 -19.66
C2 NAG D . -23.49 65.18 -20.03
C3 NAG D . -23.26 66.13 -21.21
C4 NAG D . -22.13 67.09 -20.90
C5 NAG D . -20.88 66.33 -20.47
C6 NAG D . -19.75 67.23 -20.03
C7 NAG D . -25.64 64.01 -19.63
C8 NAG D . -25.80 64.86 -18.40
N2 NAG D . -24.52 64.21 -20.36
O3 NAG D . -24.47 66.86 -21.45
O4 NAG D . -21.82 67.86 -22.07
O5 NAG D . -21.19 65.48 -19.36
O6 NAG D . -18.54 66.91 -20.72
O7 NAG D . -26.47 63.17 -19.94
C1 NAG E . -7.86 28.38 -42.52
C2 NAG E . -6.70 28.19 -41.51
C3 NAG E . -6.94 28.93 -40.18
C4 NAG E . -7.30 30.38 -40.44
C5 NAG E . -8.60 30.39 -41.23
C6 NAG E . -9.12 31.77 -41.50
C7 NAG E . -5.28 26.17 -41.41
C8 NAG E . -4.13 27.04 -41.84
N2 NAG E . -6.47 26.77 -41.28
O3 NAG E . -5.74 28.82 -39.42
O4 NAG E . -7.38 31.23 -39.29
O5 NAG E . -8.33 29.79 -42.50
O6 NAG E . -9.63 31.89 -42.81
O7 NAG E . -5.14 24.97 -41.21
C1 NAG E . -7.95 30.75 -38.05
C2 NAG E . -7.25 31.55 -36.95
C3 NAG E . -7.79 31.15 -35.58
C4 NAG E . -9.31 31.23 -35.54
C5 NAG E . -9.92 30.46 -36.71
C6 NAG E . -11.41 30.61 -36.80
C7 NAG E . -4.95 32.37 -37.32
C8 NAG E . -5.54 33.72 -37.62
N2 NAG E . -5.81 31.39 -37.02
O3 NAG E . -7.22 31.99 -34.58
O4 NAG E . -9.78 30.68 -34.32
O5 NAG E . -9.37 30.92 -37.95
O6 NAG E . -12.05 29.34 -36.87
O7 NAG E . -3.74 32.17 -37.37
C1 NAG F . -11.63 31.31 -56.99
C2 NAG F . -10.93 32.69 -56.93
C3 NAG F . -11.06 33.47 -58.24
C4 NAG F . -10.62 32.61 -59.41
C5 NAG F . -11.56 31.42 -59.47
C6 NAG F . -11.29 30.50 -60.64
C7 NAG F . -10.70 34.05 -54.86
C8 NAG F . -9.22 33.83 -54.97
N2 NAG F . -11.46 33.47 -55.82
O3 NAG F . -10.24 34.62 -58.12
O4 NAG F . -10.51 33.26 -60.68
O5 NAG F . -11.36 30.66 -58.28
O6 NAG F . -11.41 29.13 -60.26
O7 NAG F . -11.19 34.69 -53.95
C1 NAG F . -11.47 34.25 -61.09
C2 NAG F . -10.72 35.18 -62.04
C3 NAG F . -11.64 36.29 -62.55
C4 NAG F . -12.91 35.68 -63.15
C5 NAG F . -13.57 34.72 -62.17
C6 NAG F . -14.75 33.99 -62.75
C7 NAG F . -8.28 35.49 -61.74
C8 NAG F . -8.08 34.53 -62.88
N2 NAG F . -9.55 35.75 -61.39
O3 NAG F . -10.95 37.05 -63.53
O4 NAG F . -13.83 36.73 -63.46
O5 NAG F . -12.63 33.72 -61.76
O6 NAG F . -15.90 34.13 -61.91
O7 NAG F . -7.33 36.00 -61.15
K K G . 1.80 28.27 9.82
CL CL H . 1.56 30.83 7.65
CL CL I . 2.67 21.16 11.69
K K J . -9.30 -6.28 -27.81
CL CL K . -10.74 -3.89 -29.68
CL CL L . -6.76 -9.18 -21.49
#